data_1H0X
# 
_entry.id   1H0X 
# 
_audit_conform.dict_name       mmcif_pdbx.dic 
_audit_conform.dict_version    5.391 
_audit_conform.dict_location   http://mmcif.pdb.org/dictionaries/ascii/mmcif_pdbx.dic 
# 
loop_
_database_2.database_id 
_database_2.database_code 
_database_2.pdbx_database_accession 
_database_2.pdbx_DOI 
PDB   1H0X         pdb_00001h0x 10.2210/pdb1h0x/pdb 
PDBE  EBI-11051    ?            ?                   
WWPDB D_1290011051 ?            ?                   
# 
loop_
_pdbx_audit_revision_history.ordinal 
_pdbx_audit_revision_history.data_content_type 
_pdbx_audit_revision_history.major_revision 
_pdbx_audit_revision_history.minor_revision 
_pdbx_audit_revision_history.revision_date 
1 'Structure model' 1 0 2002-09-05 
2 'Structure model' 1 1 2011-05-08 
3 'Structure model' 1 2 2011-07-13 
4 'Structure model' 1 3 2024-05-08 
# 
_pdbx_audit_revision_details.ordinal             1 
_pdbx_audit_revision_details.revision_ordinal    1 
_pdbx_audit_revision_details.data_content_type   'Structure model' 
_pdbx_audit_revision_details.provider            repository 
_pdbx_audit_revision_details.type                'Initial release' 
_pdbx_audit_revision_details.description         ? 
_pdbx_audit_revision_details.details             ? 
# 
loop_
_pdbx_audit_revision_group.ordinal 
_pdbx_audit_revision_group.revision_ordinal 
_pdbx_audit_revision_group.data_content_type 
_pdbx_audit_revision_group.group 
1 2 'Structure model' 'Version format compliance' 
2 3 'Structure model' 'Version format compliance' 
3 4 'Structure model' 'Data collection'           
4 4 'Structure model' 'Database references'       
# 
loop_
_pdbx_audit_revision_category.ordinal 
_pdbx_audit_revision_category.revision_ordinal 
_pdbx_audit_revision_category.data_content_type 
_pdbx_audit_revision_category.category 
1 4 'Structure model' chem_comp_atom 
2 4 'Structure model' chem_comp_bond 
3 4 'Structure model' database_2     
# 
loop_
_pdbx_audit_revision_item.ordinal 
_pdbx_audit_revision_item.revision_ordinal 
_pdbx_audit_revision_item.data_content_type 
_pdbx_audit_revision_item.item 
1 4 'Structure model' '_database_2.pdbx_DOI'                
2 4 'Structure model' '_database_2.pdbx_database_accession' 
# 
_pdbx_database_status.status_code                     REL 
_pdbx_database_status.entry_id                        1H0X 
_pdbx_database_status.deposit_site                    PDBE 
_pdbx_database_status.process_site                    PDBE 
_pdbx_database_status.SG_entry                        . 
_pdbx_database_status.recvd_initial_deposition_date   2002-07-01 
_pdbx_database_status.pdb_format_compatible           Y 
_pdbx_database_status.status_code_sf                  ? 
_pdbx_database_status.status_code_mr                  ? 
_pdbx_database_status.status_code_cs                  ? 
_pdbx_database_status.methods_development_category    ? 
_pdbx_database_status.status_code_nmr_data            ? 
# 
_pdbx_database_related.db_name        PDB 
_pdbx_database_related.db_id          1H0Y 
_pdbx_database_related.content_type   unspecified 
_pdbx_database_related.details        'STRUCTURE OF ALBA: AN ARCHAEAL CHROMATIN PROTEIN MODULATED BY ACETYLATION' 
# 
loop_
_audit_author.name 
_audit_author.pdbx_ordinal 
'Wardleworth, B.N.' 1 
'Russell, R.J.M.'   2 
'Bell, S.D.'        3 
'Taylor, G.L.'      4 
'White, M.F.'       5 
# 
loop_
_citation.id 
_citation.title 
_citation.journal_abbrev 
_citation.journal_volume 
_citation.page_first 
_citation.page_last 
_citation.year 
_citation.journal_id_ASTM 
_citation.country 
_citation.journal_id_ISSN 
_citation.journal_id_CSD 
_citation.book_publisher 
_citation.pdbx_database_id_PubMed 
_citation.pdbx_database_id_DOI 
primary 'Structure of Alba: An Archaeal Chromatin Protein Modulated by Acetylation'                                           
'Embo J.'                  21  4654 ? 2002 EMJODG UK 0261-4189 0897 ? 12198167 10.1093/EMBOJ/CDF465      
1       'The Interaction of Alba, a Conserved Archaeal Chromatin Protein, with Sir2 and its Regulation by Acetylation'        
Science                    296 148  ? 2002 SCIEAS US 0036-8075 0038 ? 11935028 10.1126/SCIENCE.1070506   
2       'Preliminary Crystallographic Studies of the Double-Stranded DNA Binding Protein Sso10B from Sulfolobus Solfataricus' 
'Acta Crystallogr.,Sect.D' 57  1893 ? 2001 ABCRE6 DK 0907-4449 0766 ? 11717508 10.1107/S0907444901015517 
# 
loop_
_citation_author.citation_id 
_citation_author.name 
_citation_author.ordinal 
_citation_author.identifier_ORCID 
primary 'Wardleworth, B.N.' 1  ? 
primary 'Russell, R.J.M.'   2  ? 
primary 'Bell, S.D.'        3  ? 
primary 'Taylor, G.L.'      4  ? 
primary 'White, M.F.'       5  ? 
1       'Bell, S.D.'        6  ? 
1       'Botting, C.H.'     7  ? 
1       'Wardleworth, B.N.' 8  ? 
1       'Jackson, S.P.'     9  ? 
1       'White, M.F.'       10 ? 
2       'Wardleworth, B.N.' 11 ? 
2       'Russell, R.J.M.'   12 ? 
2       'White, M.F.'       13 ? 
2       'Taylor, G.L.'      14 ? 
# 
loop_
_entity.id 
_entity.type 
_entity.src_method 
_entity.pdbx_description 
_entity.formula_weight 
_entity.pdbx_number_of_molecules 
_entity.pdbx_ec 
_entity.pdbx_mutation 
_entity.pdbx_fragment 
_entity.details 
1 polymer man 'DNA BINDING PROTEIN SSO10B' 10990.932 2  ? ? ? ? 
2 water   nat water                        18.015    86 ? ? ? ? 
# 
_entity_name_com.entity_id   1 
_entity_name_com.name        ALBA 
# 
_entity_poly.entity_id                      1 
_entity_poly.type                           'polypeptide(L)' 
_entity_poly.nstd_linkage                   no 
_entity_poly.nstd_monomer                   no 
_entity_poly.pdbx_seq_one_letter_code       
;MEKMSSGTPTPSNVVLIGKKPVMNYVLAALTLLNQGVSEIVIKARGRAISKAVDTVEIVRNRFLPDKIEIKEIRVGSQVV
TSQDGRQSRVSTIEIAIRKK
;
_entity_poly.pdbx_seq_one_letter_code_can   
;MEKMSSGTPTPSNVVLIGKKPVMNYVLAALTLLNQGVSEIVIKARGRAISKAVDTVEIVRNRFLPDKIEIKEIRVGSQVV
TSQDGRQSRVSTIEIAIRKK
;
_entity_poly.pdbx_strand_id                 A,B 
_entity_poly.pdbx_target_identifier         ? 
# 
_pdbx_entity_nonpoly.entity_id   2 
_pdbx_entity_nonpoly.name        water 
_pdbx_entity_nonpoly.comp_id     HOH 
# 
loop_
_entity_poly_seq.entity_id 
_entity_poly_seq.num 
_entity_poly_seq.mon_id 
_entity_poly_seq.hetero 
1 1   MET n 
1 2   GLU n 
1 3   LYS n 
1 4   MET n 
1 5   SER n 
1 6   SER n 
1 7   GLY n 
1 8   THR n 
1 9   PRO n 
1 10  THR n 
1 11  PRO n 
1 12  SER n 
1 13  ASN n 
1 14  VAL n 
1 15  VAL n 
1 16  LEU n 
1 17  ILE n 
1 18  GLY n 
1 19  LYS n 
1 20  LYS n 
1 21  PRO n 
1 22  VAL n 
1 23  MET n 
1 24  ASN n 
1 25  TYR n 
1 26  VAL n 
1 27  LEU n 
1 28  ALA n 
1 29  ALA n 
1 30  LEU n 
1 31  THR n 
1 32  LEU n 
1 33  LEU n 
1 34  ASN n 
1 35  GLN n 
1 36  GLY n 
1 37  VAL n 
1 38  SER n 
1 39  GLU n 
1 40  ILE n 
1 41  VAL n 
1 42  ILE n 
1 43  LYS n 
1 44  ALA n 
1 45  ARG n 
1 46  GLY n 
1 47  ARG n 
1 48  ALA n 
1 49  ILE n 
1 50  SER n 
1 51  LYS n 
1 52  ALA n 
1 53  VAL n 
1 54  ASP n 
1 55  THR n 
1 56  VAL n 
1 57  GLU n 
1 58  ILE n 
1 59  VAL n 
1 60  ARG n 
1 61  ASN n 
1 62  ARG n 
1 63  PHE n 
1 64  LEU n 
1 65  PRO n 
1 66  ASP n 
1 67  LYS n 
1 68  ILE n 
1 69  GLU n 
1 70  ILE n 
1 71  LYS n 
1 72  GLU n 
1 73  ILE n 
1 74  ARG n 
1 75  VAL n 
1 76  GLY n 
1 77  SER n 
1 78  GLN n 
1 79  VAL n 
1 80  VAL n 
1 81  THR n 
1 82  SER n 
1 83  GLN n 
1 84  ASP n 
1 85  GLY n 
1 86  ARG n 
1 87  GLN n 
1 88  SER n 
1 89  ARG n 
1 90  VAL n 
1 91  SER n 
1 92  THR n 
1 93  ILE n 
1 94  GLU n 
1 95  ILE n 
1 96  ALA n 
1 97  ILE n 
1 98  ARG n 
1 99  LYS n 
1 100 LYS n 
# 
_entity_src_gen.entity_id                          1 
_entity_src_gen.pdbx_src_id                        1 
_entity_src_gen.pdbx_alt_source_flag               sample 
_entity_src_gen.pdbx_seq_type                      ? 
_entity_src_gen.pdbx_beg_seq_num                   ? 
_entity_src_gen.pdbx_end_seq_num                   ? 
_entity_src_gen.gene_src_common_name               ? 
_entity_src_gen.gene_src_genus                     ? 
_entity_src_gen.pdbx_gene_src_gene                 ? 
_entity_src_gen.gene_src_species                   ? 
_entity_src_gen.gene_src_strain                    ? 
_entity_src_gen.gene_src_tissue                    ? 
_entity_src_gen.gene_src_tissue_fraction           ? 
_entity_src_gen.gene_src_details                   ? 
_entity_src_gen.pdbx_gene_src_fragment             ? 
_entity_src_gen.pdbx_gene_src_scientific_name      'SULFOLOBUS SOLFATARICUS' 
_entity_src_gen.pdbx_gene_src_ncbi_taxonomy_id     2287 
_entity_src_gen.pdbx_gene_src_variant              ? 
_entity_src_gen.pdbx_gene_src_cell_line            ? 
_entity_src_gen.pdbx_gene_src_atcc                 ? 
_entity_src_gen.pdbx_gene_src_organ                ? 
_entity_src_gen.pdbx_gene_src_organelle            ? 
_entity_src_gen.pdbx_gene_src_cell                 ? 
_entity_src_gen.pdbx_gene_src_cellular_location    ? 
_entity_src_gen.host_org_common_name               ? 
_entity_src_gen.pdbx_host_org_scientific_name      'ESCHERICHIA COLI' 
_entity_src_gen.pdbx_host_org_ncbi_taxonomy_id     469008 
_entity_src_gen.host_org_genus                     ? 
_entity_src_gen.pdbx_host_org_gene                 ? 
_entity_src_gen.pdbx_host_org_organ                ? 
_entity_src_gen.host_org_species                   ? 
_entity_src_gen.pdbx_host_org_tissue               ? 
_entity_src_gen.pdbx_host_org_tissue_fraction      ? 
_entity_src_gen.pdbx_host_org_strain               'BL21(DE3)' 
_entity_src_gen.pdbx_host_org_variant              ? 
_entity_src_gen.pdbx_host_org_cell_line            ? 
_entity_src_gen.pdbx_host_org_atcc                 ? 
_entity_src_gen.pdbx_host_org_culture_collection   ? 
_entity_src_gen.pdbx_host_org_cell                 ? 
_entity_src_gen.pdbx_host_org_organelle            ? 
_entity_src_gen.pdbx_host_org_cellular_location    ? 
_entity_src_gen.pdbx_host_org_vector_type          ? 
_entity_src_gen.pdbx_host_org_vector               PET30 
_entity_src_gen.host_org_details                   ? 
_entity_src_gen.expression_system_id               ? 
_entity_src_gen.plasmid_name                       ? 
_entity_src_gen.plasmid_details                    ? 
_entity_src_gen.pdbx_description                   ? 
# 
loop_
_chem_comp.id 
_chem_comp.type 
_chem_comp.mon_nstd_flag 
_chem_comp.name 
_chem_comp.pdbx_synonyms 
_chem_comp.formula 
_chem_comp.formula_weight 
ALA 'L-peptide linking' y ALANINE         ? 'C3 H7 N O2'     89.093  
ARG 'L-peptide linking' y ARGININE        ? 'C6 H15 N4 O2 1' 175.209 
ASN 'L-peptide linking' y ASPARAGINE      ? 'C4 H8 N2 O3'    132.118 
ASP 'L-peptide linking' y 'ASPARTIC ACID' ? 'C4 H7 N O4'     133.103 
GLN 'L-peptide linking' y GLUTAMINE       ? 'C5 H10 N2 O3'   146.144 
GLU 'L-peptide linking' y 'GLUTAMIC ACID' ? 'C5 H9 N O4'     147.129 
GLY 'peptide linking'   y GLYCINE         ? 'C2 H5 N O2'     75.067  
HOH non-polymer         . WATER           ? 'H2 O'           18.015  
ILE 'L-peptide linking' y ISOLEUCINE      ? 'C6 H13 N O2'    131.173 
LEU 'L-peptide linking' y LEUCINE         ? 'C6 H13 N O2'    131.173 
LYS 'L-peptide linking' y LYSINE          ? 'C6 H15 N2 O2 1' 147.195 
MET 'L-peptide linking' y METHIONINE      ? 'C5 H11 N O2 S'  149.211 
PHE 'L-peptide linking' y PHENYLALANINE   ? 'C9 H11 N O2'    165.189 
PRO 'L-peptide linking' y PROLINE         ? 'C5 H9 N O2'     115.130 
SER 'L-peptide linking' y SERINE          ? 'C3 H7 N O3'     105.093 
THR 'L-peptide linking' y THREONINE       ? 'C4 H9 N O3'     119.119 
TYR 'L-peptide linking' y TYROSINE        ? 'C9 H11 N O3'    181.189 
VAL 'L-peptide linking' y VALINE          ? 'C5 H11 N O2'    117.146 
# 
loop_
_pdbx_poly_seq_scheme.asym_id 
_pdbx_poly_seq_scheme.entity_id 
_pdbx_poly_seq_scheme.seq_id 
_pdbx_poly_seq_scheme.mon_id 
_pdbx_poly_seq_scheme.ndb_seq_num 
_pdbx_poly_seq_scheme.pdb_seq_num 
_pdbx_poly_seq_scheme.auth_seq_num 
_pdbx_poly_seq_scheme.pdb_mon_id 
_pdbx_poly_seq_scheme.auth_mon_id 
_pdbx_poly_seq_scheme.pdb_strand_id 
_pdbx_poly_seq_scheme.pdb_ins_code 
_pdbx_poly_seq_scheme.hetero 
A 1 1   MET 1   -2 ?  ?   ?   A . n 
A 1 2   GLU 2   -1 ?  ?   ?   A . n 
A 1 3   LYS 3   0  ?  ?   ?   A . n 
A 1 4   MET 4   1  ?  ?   ?   A . n 
A 1 5   SER 5   2  ?  ?   ?   A . n 
A 1 6   SER 6   3  ?  ?   ?   A . n 
A 1 7   GLY 7   4  ?  ?   ?   A . n 
A 1 8   THR 8   5  ?  ?   ?   A . n 
A 1 9   PRO 9   6  ?  ?   ?   A . n 
A 1 10  THR 10  7  ?  ?   ?   A . n 
A 1 11  PRO 11  8  ?  ?   ?   A . n 
A 1 12  SER 12  9  9  SER SER A . n 
A 1 13  ASN 13  10 10 ASN ASN A . n 
A 1 14  VAL 14  11 11 VAL VAL A . n 
A 1 15  VAL 15  12 12 VAL VAL A . n 
A 1 16  LEU 16  13 13 LEU LEU A . n 
A 1 17  ILE 17  14 14 ILE ILE A . n 
A 1 18  GLY 18  15 15 GLY GLY A . n 
A 1 19  LYS 19  16 16 LYS LYS A . n 
A 1 20  LYS 20  17 17 LYS LYS A . n 
A 1 21  PRO 21  18 18 PRO PRO A . n 
A 1 22  VAL 22  19 19 VAL VAL A . n 
A 1 23  MET 23  20 20 MET MET A . n 
A 1 24  ASN 24  21 21 ASN ASN A . n 
A 1 25  TYR 25  22 22 TYR TYR A . n 
A 1 26  VAL 26  23 23 VAL VAL A . n 
A 1 27  LEU 27  24 24 LEU LEU A . n 
A 1 28  ALA 28  25 25 ALA ALA A . n 
A 1 29  ALA 29  26 26 ALA ALA A . n 
A 1 30  LEU 30  27 27 LEU LEU A . n 
A 1 31  THR 31  28 28 THR THR A . n 
A 1 32  LEU 32  29 29 LEU LEU A . n 
A 1 33  LEU 33  30 30 LEU LEU A . n 
A 1 34  ASN 34  31 31 ASN ASN A . n 
A 1 35  GLN 35  32 32 GLN GLN A . n 
A 1 36  GLY 36  33 33 GLY GLY A . n 
A 1 37  VAL 37  34 34 VAL VAL A . n 
A 1 38  SER 38  35 35 SER SER A . n 
A 1 39  GLU 39  36 36 GLU GLU A . n 
A 1 40  ILE 40  37 37 ILE ILE A . n 
A 1 41  VAL 41  38 38 VAL VAL A . n 
A 1 42  ILE 42  39 39 ILE ILE A . n 
A 1 43  LYS 43  40 40 LYS LYS A . n 
A 1 44  ALA 44  41 41 ALA ALA A . n 
A 1 45  ARG 45  42 42 ARG ARG A . n 
A 1 46  GLY 46  43 43 GLY GLY A . n 
A 1 47  ARG 47  44 44 ARG ARG A . n 
A 1 48  ALA 48  45 45 ALA ALA A . n 
A 1 49  ILE 49  46 46 ILE ILE A . n 
A 1 50  SER 50  47 47 SER SER A . n 
A 1 51  LYS 51  48 48 LYS LYS A . n 
A 1 52  ALA 52  49 49 ALA ALA A . n 
A 1 53  VAL 53  50 50 VAL VAL A . n 
A 1 54  ASP 54  51 51 ASP ASP A . n 
A 1 55  THR 55  52 52 THR THR A . n 
A 1 56  VAL 56  53 53 VAL VAL A . n 
A 1 57  GLU 57  54 54 GLU GLU A . n 
A 1 58  ILE 58  55 55 ILE ILE A . n 
A 1 59  VAL 59  56 56 VAL VAL A . n 
A 1 60  ARG 60  57 57 ARG ARG A . n 
A 1 61  ASN 61  58 58 ASN ASN A . n 
A 1 62  ARG 62  59 59 ARG ARG A . n 
A 1 63  PHE 63  60 60 PHE PHE A . n 
A 1 64  LEU 64  61 61 LEU LEU A . n 
A 1 65  PRO 65  62 62 PRO PRO A . n 
A 1 66  ASP 66  63 63 ASP ASP A . n 
A 1 67  LYS 67  64 64 LYS LYS A . n 
A 1 68  ILE 68  65 65 ILE ILE A . n 
A 1 69  GLU 69  66 66 GLU GLU A . n 
A 1 70  ILE 70  67 67 ILE ILE A . n 
A 1 71  LYS 71  68 68 LYS LYS A . n 
A 1 72  GLU 72  69 69 GLU GLU A . n 
A 1 73  ILE 73  70 70 ILE ILE A . n 
A 1 74  ARG 74  71 71 ARG ARG A . n 
A 1 75  VAL 75  72 72 VAL VAL A . n 
A 1 76  GLY 76  73 73 GLY GLY A . n 
A 1 77  SER 77  74 74 SER SER A . n 
A 1 78  GLN 78  75 75 GLN GLN A . n 
A 1 79  VAL 79  76 76 VAL VAL A . n 
A 1 80  VAL 80  77 77 VAL VAL A . n 
A 1 81  THR 81  78 78 THR THR A . n 
A 1 82  SER 82  79 79 SER SER A . n 
A 1 83  GLN 83  80 80 GLN GLN A . n 
A 1 84  ASP 84  81 81 ASP ASP A . n 
A 1 85  GLY 85  82 82 GLY GLY A . n 
A 1 86  ARG 86  83 83 ARG ARG A . n 
A 1 87  GLN 87  84 84 GLN GLN A . n 
A 1 88  SER 88  85 85 SER SER A . n 
A 1 89  ARG 89  86 86 ARG ARG A . n 
A 1 90  VAL 90  87 87 VAL VAL A . n 
A 1 91  SER 91  88 88 SER SER A . n 
A 1 92  THR 92  89 89 THR THR A . n 
A 1 93  ILE 93  90 90 ILE ILE A . n 
A 1 94  GLU 94  91 91 GLU GLU A . n 
A 1 95  ILE 95  92 92 ILE ILE A . n 
A 1 96  ALA 96  93 93 ALA ALA A . n 
A 1 97  ILE 97  94 94 ILE ILE A . n 
A 1 98  ARG 98  95 95 ARG ARG A . n 
A 1 99  LYS 99  96 96 LYS LYS A . n 
A 1 100 LYS 100 97 97 LYS LYS A . n 
B 1 1   MET 1   -2 ?  ?   ?   B . n 
B 1 2   GLU 2   -1 ?  ?   ?   B . n 
B 1 3   LYS 3   0  ?  ?   ?   B . n 
B 1 4   MET 4   1  ?  ?   ?   B . n 
B 1 5   SER 5   2  ?  ?   ?   B . n 
B 1 6   SER 6   3  ?  ?   ?   B . n 
B 1 7   GLY 7   4  ?  ?   ?   B . n 
B 1 8   THR 8   5  ?  ?   ?   B . n 
B 1 9   PRO 9   6  ?  ?   ?   B . n 
B 1 10  THR 10  7  ?  ?   ?   B . n 
B 1 11  PRO 11  8  ?  ?   ?   B . n 
B 1 12  SER 12  9  9  SER SER B . n 
B 1 13  ASN 13  10 10 ASN ASN B . n 
B 1 14  VAL 14  11 11 VAL VAL B . n 
B 1 15  VAL 15  12 12 VAL VAL B . n 
B 1 16  LEU 16  13 13 LEU LEU B . n 
B 1 17  ILE 17  14 14 ILE ILE B . n 
B 1 18  GLY 18  15 15 GLY GLY B . n 
B 1 19  LYS 19  16 16 LYS LYS B . n 
B 1 20  LYS 20  17 17 LYS LYS B . n 
B 1 21  PRO 21  18 18 PRO PRO B . n 
B 1 22  VAL 22  19 19 VAL VAL B . n 
B 1 23  MET 23  20 20 MET MET B . n 
B 1 24  ASN 24  21 21 ASN ASN B . n 
B 1 25  TYR 25  22 22 TYR TYR B . n 
B 1 26  VAL 26  23 23 VAL VAL B . n 
B 1 27  LEU 27  24 24 LEU LEU B . n 
B 1 28  ALA 28  25 25 ALA ALA B . n 
B 1 29  ALA 29  26 26 ALA ALA B . n 
B 1 30  LEU 30  27 27 LEU LEU B . n 
B 1 31  THR 31  28 28 THR THR B . n 
B 1 32  LEU 32  29 29 LEU LEU B . n 
B 1 33  LEU 33  30 30 LEU LEU B . n 
B 1 34  ASN 34  31 31 ASN ASN B . n 
B 1 35  GLN 35  32 32 GLN GLN B . n 
B 1 36  GLY 36  33 33 GLY GLY B . n 
B 1 37  VAL 37  34 34 VAL VAL B . n 
B 1 38  SER 38  35 35 SER SER B . n 
B 1 39  GLU 39  36 36 GLU GLU B . n 
B 1 40  ILE 40  37 37 ILE ILE B . n 
B 1 41  VAL 41  38 38 VAL VAL B . n 
B 1 42  ILE 42  39 39 ILE ILE B . n 
B 1 43  LYS 43  40 40 LYS LYS B . n 
B 1 44  ALA 44  41 41 ALA ALA B . n 
B 1 45  ARG 45  42 42 ARG ARG B . n 
B 1 46  GLY 46  43 43 GLY GLY B . n 
B 1 47  ARG 47  44 44 ARG ARG B . n 
B 1 48  ALA 48  45 45 ALA ALA B . n 
B 1 49  ILE 49  46 46 ILE ILE B . n 
B 1 50  SER 50  47 47 SER SER B . n 
B 1 51  LYS 51  48 48 LYS LYS B . n 
B 1 52  ALA 52  49 49 ALA ALA B . n 
B 1 53  VAL 53  50 50 VAL VAL B . n 
B 1 54  ASP 54  51 51 ASP ASP B . n 
B 1 55  THR 55  52 52 THR THR B . n 
B 1 56  VAL 56  53 53 VAL VAL B . n 
B 1 57  GLU 57  54 54 GLU GLU B . n 
B 1 58  ILE 58  55 55 ILE ILE B . n 
B 1 59  VAL 59  56 56 VAL VAL B . n 
B 1 60  ARG 60  57 57 ARG ARG B . n 
B 1 61  ASN 61  58 58 ASN ASN B . n 
B 1 62  ARG 62  59 59 ARG ARG B . n 
B 1 63  PHE 63  60 60 PHE PHE B . n 
B 1 64  LEU 64  61 61 LEU LEU B . n 
B 1 65  PRO 65  62 62 PRO PRO B . n 
B 1 66  ASP 66  63 63 ASP ASP B . n 
B 1 67  LYS 67  64 64 LYS LYS B . n 
B 1 68  ILE 68  65 65 ILE ILE B . n 
B 1 69  GLU 69  66 66 GLU GLU B . n 
B 1 70  ILE 70  67 67 ILE ILE B . n 
B 1 71  LYS 71  68 68 LYS LYS B . n 
B 1 72  GLU 72  69 69 GLU GLU B . n 
B 1 73  ILE 73  70 70 ILE ILE B . n 
B 1 74  ARG 74  71 71 ARG ARG B . n 
B 1 75  VAL 75  72 72 VAL VAL B . n 
B 1 76  GLY 76  73 73 GLY GLY B . n 
B 1 77  SER 77  74 74 SER SER B . n 
B 1 78  GLN 78  75 75 GLN GLN B . n 
B 1 79  VAL 79  76 76 VAL VAL B . n 
B 1 80  VAL 80  77 77 VAL VAL B . n 
B 1 81  THR 81  78 78 THR THR B . n 
B 1 82  SER 82  79 79 SER SER B . n 
B 1 83  GLN 83  80 80 GLN GLN B . n 
B 1 84  ASP 84  81 81 ASP ASP B . n 
B 1 85  GLY 85  82 82 GLY GLY B . n 
B 1 86  ARG 86  83 83 ARG ARG B . n 
B 1 87  GLN 87  84 84 GLN GLN B . n 
B 1 88  SER 88  85 85 SER SER B . n 
B 1 89  ARG 89  86 86 ARG ARG B . n 
B 1 90  VAL 90  87 87 VAL VAL B . n 
B 1 91  SER 91  88 88 SER SER B . n 
B 1 92  THR 92  89 89 THR THR B . n 
B 1 93  ILE 93  90 90 ILE ILE B . n 
B 1 94  GLU 94  91 91 GLU GLU B . n 
B 1 95  ILE 95  92 92 ILE ILE B . n 
B 1 96  ALA 96  93 93 ALA ALA B . n 
B 1 97  ILE 97  94 94 ILE ILE B . n 
B 1 98  ARG 98  95 95 ARG ARG B . n 
B 1 99  LYS 99  96 96 LYS LYS B . n 
B 1 100 LYS 100 97 97 LYS LYS B . n 
# 
loop_
_pdbx_nonpoly_scheme.asym_id 
_pdbx_nonpoly_scheme.entity_id 
_pdbx_nonpoly_scheme.mon_id 
_pdbx_nonpoly_scheme.ndb_seq_num 
_pdbx_nonpoly_scheme.pdb_seq_num 
_pdbx_nonpoly_scheme.auth_seq_num 
_pdbx_nonpoly_scheme.pdb_mon_id 
_pdbx_nonpoly_scheme.auth_mon_id 
_pdbx_nonpoly_scheme.pdb_strand_id 
_pdbx_nonpoly_scheme.pdb_ins_code 
C 2 HOH 1  2001 2001 HOH HOH A . 
C 2 HOH 2  2002 2002 HOH HOH A . 
C 2 HOH 3  2003 2003 HOH HOH A . 
C 2 HOH 4  2004 2004 HOH HOH A . 
C 2 HOH 5  2005 2005 HOH HOH A . 
C 2 HOH 6  2006 2006 HOH HOH A . 
C 2 HOH 7  2007 2007 HOH HOH A . 
C 2 HOH 8  2008 2008 HOH HOH A . 
C 2 HOH 9  2009 2009 HOH HOH A . 
C 2 HOH 10 2010 2010 HOH HOH A . 
C 2 HOH 11 2011 2011 HOH HOH A . 
C 2 HOH 12 2012 2012 HOH HOH A . 
C 2 HOH 13 2013 2013 HOH HOH A . 
C 2 HOH 14 2014 2014 HOH HOH A . 
C 2 HOH 15 2015 2015 HOH HOH A . 
C 2 HOH 16 2016 2016 HOH HOH A . 
C 2 HOH 17 2017 2017 HOH HOH A . 
C 2 HOH 18 2018 2018 HOH HOH A . 
C 2 HOH 19 2019 2019 HOH HOH A . 
C 2 HOH 20 2020 2020 HOH HOH A . 
C 2 HOH 21 2021 2021 HOH HOH A . 
C 2 HOH 22 2022 2022 HOH HOH A . 
C 2 HOH 23 2023 2023 HOH HOH A . 
C 2 HOH 24 2024 2024 HOH HOH A . 
C 2 HOH 25 2025 2025 HOH HOH A . 
C 2 HOH 26 2026 2026 HOH HOH A . 
C 2 HOH 27 2027 2027 HOH HOH A . 
C 2 HOH 28 2028 2028 HOH HOH A . 
C 2 HOH 29 2029 2029 HOH HOH A . 
C 2 HOH 30 2030 2030 HOH HOH A . 
C 2 HOH 31 2031 2031 HOH HOH A . 
C 2 HOH 32 2032 2032 HOH HOH A . 
C 2 HOH 33 2033 2033 HOH HOH A . 
C 2 HOH 34 2034 2034 HOH HOH A . 
C 2 HOH 35 2035 2035 HOH HOH A . 
C 2 HOH 36 2036 2036 HOH HOH A . 
C 2 HOH 37 2037 2037 HOH HOH A . 
C 2 HOH 38 2038 2038 HOH HOH A . 
C 2 HOH 39 2039 2039 HOH HOH A . 
C 2 HOH 40 2040 2040 HOH HOH A . 
C 2 HOH 41 2041 2041 HOH HOH A . 
C 2 HOH 42 2042 2042 HOH HOH A . 
C 2 HOH 43 2043 2043 HOH HOH A . 
C 2 HOH 44 2044 2044 HOH HOH A . 
C 2 HOH 45 2045 2045 HOH HOH A . 
C 2 HOH 46 2046 2046 HOH HOH A . 
C 2 HOH 47 2047 2047 HOH HOH A . 
C 2 HOH 48 2048 2048 HOH HOH A . 
C 2 HOH 49 2049 2049 HOH HOH A . 
C 2 HOH 50 2050 2050 HOH HOH A . 
C 2 HOH 51 2051 2051 HOH HOH A . 
C 2 HOH 52 2052 2052 HOH HOH A . 
C 2 HOH 53 2053 2053 HOH HOH A . 
C 2 HOH 54 2054 2054 HOH HOH A . 
C 2 HOH 55 2055 2055 HOH HOH A . 
D 2 HOH 1  2001 2001 HOH HOH B . 
D 2 HOH 2  2002 2002 HOH HOH B . 
D 2 HOH 3  2003 2003 HOH HOH B . 
D 2 HOH 4  2004 2004 HOH HOH B . 
D 2 HOH 5  2005 2005 HOH HOH B . 
D 2 HOH 6  2006 2006 HOH HOH B . 
D 2 HOH 7  2007 2007 HOH HOH B . 
D 2 HOH 8  2008 2008 HOH HOH B . 
D 2 HOH 9  2009 2009 HOH HOH B . 
D 2 HOH 10 2010 2010 HOH HOH B . 
D 2 HOH 11 2011 2011 HOH HOH B . 
D 2 HOH 12 2012 2012 HOH HOH B . 
D 2 HOH 13 2013 2013 HOH HOH B . 
D 2 HOH 14 2014 2014 HOH HOH B . 
D 2 HOH 15 2015 2015 HOH HOH B . 
D 2 HOH 16 2016 2016 HOH HOH B . 
D 2 HOH 17 2017 2017 HOH HOH B . 
D 2 HOH 18 2018 2018 HOH HOH B . 
D 2 HOH 19 2019 2019 HOH HOH B . 
D 2 HOH 20 2020 2020 HOH HOH B . 
D 2 HOH 21 2021 2021 HOH HOH B . 
D 2 HOH 22 2022 2022 HOH HOH B . 
D 2 HOH 23 2023 2023 HOH HOH B . 
D 2 HOH 24 2024 2024 HOH HOH B . 
D 2 HOH 25 2025 2025 HOH HOH B . 
D 2 HOH 26 2026 2026 HOH HOH B . 
D 2 HOH 27 2027 2027 HOH HOH B . 
D 2 HOH 28 2028 2028 HOH HOH B . 
D 2 HOH 29 2029 2029 HOH HOH B . 
D 2 HOH 30 2030 2030 HOH HOH B . 
D 2 HOH 31 2031 2031 HOH HOH B . 
# 
loop_
_software.name 
_software.classification 
_software.version 
_software.citation_id 
_software.pdbx_ordinal 
CNS       refinement       1.1 ? 1 
DENZO     'data reduction' .   ? 2 
SCALEPACK 'data scaling'   .   ? 3 
SOLVE     phasing          .   ? 4 
# 
_cell.entry_id           1H0X 
_cell.length_a           84.310 
_cell.length_b           84.310 
_cell.length_c           162.220 
_cell.angle_alpha        90.00 
_cell.angle_beta         90.00 
_cell.angle_gamma        120.00 
_cell.Z_PDB              24 
_cell.pdbx_unique_axis   ? 
# 
_symmetry.entry_id                         1H0X 
_symmetry.space_group_name_H-M             'P 65 2 2' 
_symmetry.pdbx_full_space_group_name_H-M   ? 
_symmetry.cell_setting                     ? 
_symmetry.Int_Tables_number                179 
# 
_exptl.entry_id          1H0X 
_exptl.method            'X-RAY DIFFRACTION' 
_exptl.crystals_number   1 
# 
_exptl_crystal.id                    1 
_exptl_crystal.density_meas          ? 
_exptl_crystal.density_Matthews      4.16 
_exptl_crystal.density_percent_sol   70 
_exptl_crystal.description           ? 
# 
_exptl_crystal_grow.crystal_id      1 
_exptl_crystal_grow.method          ? 
_exptl_crystal_grow.temp            ? 
_exptl_crystal_grow.temp_details    ? 
_exptl_crystal_grow.pH              6.50 
_exptl_crystal_grow.pdbx_pH_range   ? 
_exptl_crystal_grow.pdbx_details    'pH 6.50' 
# 
_diffrn.id                     1 
_diffrn.ambient_temp           100.0 
_diffrn.ambient_temp_details   ? 
_diffrn.crystal_id             1 
# 
_diffrn_detector.diffrn_id              1 
_diffrn_detector.detector               'AREA DETECTOR' 
_diffrn_detector.type                   MSC 
_diffrn_detector.pdbx_collection_date   2001-01-15 
_diffrn_detector.details                CONFOCAL 
# 
_diffrn_radiation.diffrn_id                        1 
_diffrn_radiation.wavelength_id                    1 
_diffrn_radiation.pdbx_monochromatic_or_laue_m_l   M 
_diffrn_radiation.monochromator                    ? 
_diffrn_radiation.pdbx_diffrn_protocol             'SINGLE WAVELENGTH' 
_diffrn_radiation.pdbx_scattering_type             x-ray 
# 
_diffrn_radiation_wavelength.id           1 
_diffrn_radiation_wavelength.wavelength   1.5418 
_diffrn_radiation_wavelength.wt           1.0 
# 
_diffrn_source.diffrn_id                   1 
_diffrn_source.source                      'ROTATING ANODE' 
_diffrn_source.type                        'RIGAKU RU200' 
_diffrn_source.pdbx_synchrotron_site       ? 
_diffrn_source.pdbx_synchrotron_beamline   ? 
_diffrn_source.pdbx_wavelength             1.5418 
_diffrn_source.pdbx_wavelength_list        ? 
# 
_reflns.pdbx_diffrn_id               1 
_reflns.pdbx_ordinal                 1 
_reflns.entry_id                     1H0X 
_reflns.observed_criterion_sigma_I   ? 
_reflns.observed_criterion_sigma_F   ? 
_reflns.d_resolution_low             30.000 
_reflns.d_resolution_high            2.600 
_reflns.number_obs                   10996 
_reflns.number_all                   ? 
_reflns.percent_possible_obs         98.0 
_reflns.pdbx_Rmerge_I_obs            0.04600 
_reflns.pdbx_Rsym_value              ? 
_reflns.pdbx_netI_over_sigmaI        6.9000 
_reflns.B_iso_Wilson_estimate        ? 
_reflns.pdbx_redundancy              7.600 
# 
_reflns_shell.pdbx_diffrn_id         1 
_reflns_shell.pdbx_ordinal           1 
_reflns_shell.d_res_high             2.60 
_reflns_shell.d_res_low              2.69 
_reflns_shell.percent_possible_all   95.0 
_reflns_shell.Rmerge_I_obs           0.32000 
_reflns_shell.pdbx_Rsym_value        ? 
_reflns_shell.meanI_over_sigI_obs    2.700 
_reflns_shell.pdbx_redundancy        7.60 
# 
_refine.pdbx_refine_id                           'X-RAY DIFFRACTION' 
_refine.entry_id                                 1H0X 
_refine.pdbx_diffrn_id                           1 
_refine.pdbx_TLS_residual_ADP_flag               ? 
_refine.ls_number_reflns_obs                     10787 
_refine.ls_number_reflns_all                     ? 
_refine.pdbx_ls_sigma_I                          ? 
_refine.pdbx_ls_sigma_F                          ? 
_refine.pdbx_data_cutoff_high_absF               ? 
_refine.pdbx_data_cutoff_low_absF                ? 
_refine.pdbx_data_cutoff_high_rms_absF           ? 
_refine.ls_d_res_low                             30 
_refine.ls_d_res_high                            2.6 
_refine.ls_percent_reflns_obs                    98 
_refine.ls_R_factor_obs                          0.235 
_refine.ls_R_factor_all                          ? 
_refine.ls_R_factor_R_work                       0.235 
_refine.ls_R_factor_R_free                       0.285 
_refine.ls_R_factor_R_free_error                 ? 
_refine.ls_R_factor_R_free_error_details         ? 
_refine.ls_percent_reflns_R_free                 10.0 
_refine.ls_number_reflns_R_free                  1112 
_refine.ls_number_parameters                     ? 
_refine.ls_number_restraints                     ? 
_refine.occupancy_min                            ? 
_refine.occupancy_max                            ? 
_refine.correlation_coeff_Fo_to_Fc               ? 
_refine.correlation_coeff_Fo_to_Fc_free          ? 
_refine.B_iso_mean                               ? 
_refine.aniso_B[1][1]                            ? 
_refine.aniso_B[2][2]                            ? 
_refine.aniso_B[3][3]                            ? 
_refine.aniso_B[1][2]                            ? 
_refine.aniso_B[1][3]                            ? 
_refine.aniso_B[2][3]                            ? 
_refine.solvent_model_details                    ? 
_refine.solvent_model_param_ksol                 ? 
_refine.solvent_model_param_bsol                 ? 
_refine.pdbx_solvent_vdw_probe_radii             ? 
_refine.pdbx_solvent_ion_probe_radii             ? 
_refine.pdbx_solvent_shrinkage_radii             ? 
_refine.pdbx_ls_cross_valid_method               THROUGHOUT 
_refine.details                                  ? 
_refine.pdbx_starting_model                      ? 
_refine.pdbx_method_to_determine_struct          MAD 
_refine.pdbx_isotropic_thermal_model             ? 
_refine.pdbx_stereochemistry_target_values       ? 
_refine.pdbx_stereochem_target_val_spec_case     ? 
_refine.pdbx_R_Free_selection_details            RANDOM 
_refine.pdbx_overall_ESU_R                       ? 
_refine.pdbx_overall_ESU_R_Free                  ? 
_refine.overall_SU_ML                            ? 
_refine.pdbx_overall_phase_error                 ? 
_refine.overall_SU_B                             ? 
_refine.overall_SU_R_Cruickshank_DPI             ? 
_refine.pdbx_overall_SU_R_free_Cruickshank_DPI   ? 
_refine.pdbx_overall_SU_R_Blow_DPI               ? 
_refine.pdbx_overall_SU_R_free_Blow_DPI          ? 
# 
_refine_hist.pdbx_refine_id                   'X-RAY DIFFRACTION' 
_refine_hist.cycle_id                         LAST 
_refine_hist.pdbx_number_atoms_protein        1380 
_refine_hist.pdbx_number_atoms_nucleic_acid   0 
_refine_hist.pdbx_number_atoms_ligand         0 
_refine_hist.number_atoms_solvent             86 
_refine_hist.number_atoms_total               1466 
_refine_hist.d_res_high                       2.6 
_refine_hist.d_res_low                        30 
# 
loop_
_refine_ls_restr.type 
_refine_ls_restr.dev_ideal 
_refine_ls_restr.dev_ideal_target 
_refine_ls_restr.weight 
_refine_ls_restr.number 
_refine_ls_restr.pdbx_refine_id 
_refine_ls_restr.pdbx_restraint_function 
c_bond_d                0.007 ? ? ? 'X-RAY DIFFRACTION' ? 
c_bond_d_na             ?     ? ? ? 'X-RAY DIFFRACTION' ? 
c_bond_d_prot           ?     ? ? ? 'X-RAY DIFFRACTION' ? 
c_angle_d               ?     ? ? ? 'X-RAY DIFFRACTION' ? 
c_angle_d_na            ?     ? ? ? 'X-RAY DIFFRACTION' ? 
c_angle_d_prot          ?     ? ? ? 'X-RAY DIFFRACTION' ? 
c_angle_deg             1.3   ? ? ? 'X-RAY DIFFRACTION' ? 
c_angle_deg_na          ?     ? ? ? 'X-RAY DIFFRACTION' ? 
c_angle_deg_prot        ?     ? ? ? 'X-RAY DIFFRACTION' ? 
c_dihedral_angle_d      ?     ? ? ? 'X-RAY DIFFRACTION' ? 
c_dihedral_angle_d_na   ?     ? ? ? 'X-RAY DIFFRACTION' ? 
c_dihedral_angle_d_prot ?     ? ? ? 'X-RAY DIFFRACTION' ? 
c_improper_angle_d      ?     ? ? ? 'X-RAY DIFFRACTION' ? 
c_improper_angle_d_na   ?     ? ? ? 'X-RAY DIFFRACTION' ? 
c_improper_angle_d_prot ?     ? ? ? 'X-RAY DIFFRACTION' ? 
c_mcbond_it             ?     ? ? ? 'X-RAY DIFFRACTION' ? 
c_mcangle_it            ?     ? ? ? 'X-RAY DIFFRACTION' ? 
c_scbond_it             ?     ? ? ? 'X-RAY DIFFRACTION' ? 
c_scangle_it            ?     ? ? ? 'X-RAY DIFFRACTION' ? 
# 
_struct_ncs_oper.id             1 
_struct_ncs_oper.code           given 
_struct_ncs_oper.details        ? 
_struct_ncs_oper.matrix[1][1]   0.33524168 
_struct_ncs_oper.matrix[1][2]   -0.06359414 
_struct_ncs_oper.matrix[1][3]   -0.93991048 
_struct_ncs_oper.matrix[2][1]   -0.06827838 
_struct_ncs_oper.matrix[2][2]   -0.99721208 
_struct_ncs_oper.matrix[2][3]   0.04313323 
_struct_ncs_oper.matrix[3][1]   -0.93953350 
_struct_ncs_oper.matrix[3][2]   0.05005535 
_struct_ncs_oper.matrix[3][3]   -0.33802960 
_struct_ncs_oper.vector[1]      0.12234 
_struct_ncs_oper.vector[2]      0.05456 
_struct_ncs_oper.vector[3]      -0.08856 
# 
_struct.entry_id                  1H0X 
_struct.title                     'Structure of Alba: an archaeal chromatin protein modulated by acetylation' 
_struct.pdbx_model_details        ? 
_struct.pdbx_CASP_flag            ? 
_struct.pdbx_model_type_details   ? 
# 
_struct_keywords.entry_id        1H0X 
_struct_keywords.pdbx_keywords   'DNA BINDING' 
_struct_keywords.text            'ARCHAEA, CHROMATIN, ALBA, ACETYLATION, DNA BINDING' 
# 
loop_
_struct_asym.id 
_struct_asym.pdbx_blank_PDB_chainid_flag 
_struct_asym.pdbx_modified 
_struct_asym.entity_id 
_struct_asym.details 
A N N 1 ? 
B N N 1 ? 
C N N 2 ? 
D N N 2 ? 
# 
_struct_ref.id                         1 
_struct_ref.db_name                    UNP 
_struct_ref.db_code                    Q97ZF6 
_struct_ref.entity_id                  1 
_struct_ref.pdbx_seq_one_letter_code   ? 
_struct_ref.pdbx_align_begin           ? 
_struct_ref.pdbx_db_accession          Q97ZF6 
_struct_ref.pdbx_db_isoform            ? 
# 
loop_
_struct_ref_seq.align_id 
_struct_ref_seq.ref_id 
_struct_ref_seq.pdbx_PDB_id_code 
_struct_ref_seq.pdbx_strand_id 
_struct_ref_seq.seq_align_beg 
_struct_ref_seq.pdbx_seq_align_beg_ins_code 
_struct_ref_seq.seq_align_end 
_struct_ref_seq.pdbx_seq_align_end_ins_code 
_struct_ref_seq.pdbx_db_accession 
_struct_ref_seq.db_align_beg 
_struct_ref_seq.pdbx_db_align_beg_ins_code 
_struct_ref_seq.db_align_end 
_struct_ref_seq.pdbx_db_align_end_ins_code 
_struct_ref_seq.pdbx_auth_seq_align_beg 
_struct_ref_seq.pdbx_auth_seq_align_end 
1 1 1H0X A 1 ? 100 ? Q97ZF6 1 ? 100 ? -2 97 
2 1 1H0X B 1 ? 100 ? Q97ZF6 1 ? 100 ? -2 97 
# 
_pdbx_struct_assembly.id                   1 
_pdbx_struct_assembly.details              author_and_software_defined_assembly 
_pdbx_struct_assembly.method_details       PQS 
_pdbx_struct_assembly.oligomeric_details   dimeric 
_pdbx_struct_assembly.oligomeric_count     2 
# 
_pdbx_struct_assembly_gen.assembly_id       1 
_pdbx_struct_assembly_gen.oper_expression   1 
_pdbx_struct_assembly_gen.asym_id_list      A,B,C,D 
# 
_pdbx_struct_oper_list.id                   1 
_pdbx_struct_oper_list.type                 'identity operation' 
_pdbx_struct_oper_list.name                 1_555 
_pdbx_struct_oper_list.symmetry_operation   x,y,z 
_pdbx_struct_oper_list.matrix[1][1]         1.0000000000 
_pdbx_struct_oper_list.matrix[1][2]         0.0000000000 
_pdbx_struct_oper_list.matrix[1][3]         0.0000000000 
_pdbx_struct_oper_list.vector[1]            0.0000000000 
_pdbx_struct_oper_list.matrix[2][1]         0.0000000000 
_pdbx_struct_oper_list.matrix[2][2]         1.0000000000 
_pdbx_struct_oper_list.matrix[2][3]         0.0000000000 
_pdbx_struct_oper_list.vector[2]            0.0000000000 
_pdbx_struct_oper_list.matrix[3][1]         0.0000000000 
_pdbx_struct_oper_list.matrix[3][2]         0.0000000000 
_pdbx_struct_oper_list.matrix[3][3]         1.0000000000 
_pdbx_struct_oper_list.vector[3]            0.0000000000 
# 
_struct_biol.id   1 
# 
loop_
_struct_conf.conf_type_id 
_struct_conf.id 
_struct_conf.pdbx_PDB_helix_id 
_struct_conf.beg_label_comp_id 
_struct_conf.beg_label_asym_id 
_struct_conf.beg_label_seq_id 
_struct_conf.pdbx_beg_PDB_ins_code 
_struct_conf.end_label_comp_id 
_struct_conf.end_label_asym_id 
_struct_conf.end_label_seq_id 
_struct_conf.pdbx_end_PDB_ins_code 
_struct_conf.beg_auth_comp_id 
_struct_conf.beg_auth_asym_id 
_struct_conf.beg_auth_seq_id 
_struct_conf.end_auth_comp_id 
_struct_conf.end_auth_asym_id 
_struct_conf.end_auth_seq_id 
_struct_conf.pdbx_PDB_helix_class 
_struct_conf.details 
_struct_conf.pdbx_PDB_helix_length 
HELX_P HELX_P1 1 PRO A 21 ? ASN A 34 ? PRO A 18 ASN A 31 1 ? 14 
HELX_P HELX_P2 2 ARG A 47 ? PHE A 63 ? ARG A 44 PHE A 60 1 ? 17 
HELX_P HELX_P3 3 PRO B 21 ? GLN B 35 ? PRO B 18 GLN B 32 1 ? 15 
HELX_P HELX_P4 4 ARG B 47 ? ASN B 61 ? ARG B 44 ASN B 58 1 ? 15 
HELX_P HELX_P5 5 SER B 82 ? ARG B 86 ? SER B 79 ARG B 83 5 ? 5  
# 
_struct_conf_type.id          HELX_P 
_struct_conf_type.criteria    ? 
_struct_conf_type.reference   ? 
# 
loop_
_struct_sheet.id 
_struct_sheet.type 
_struct_sheet.number_strands 
_struct_sheet.details 
AA ? 4 ? 
BA ? 4 ? 
# 
loop_
_struct_sheet_order.sheet_id 
_struct_sheet_order.range_id_1 
_struct_sheet_order.range_id_2 
_struct_sheet_order.offset 
_struct_sheet_order.sense 
AA 1 2 ? parallel      
AA 2 3 ? anti-parallel 
AA 3 4 ? anti-parallel 
BA 1 2 ? parallel      
BA 2 3 ? anti-parallel 
BA 3 4 ? anti-parallel 
# 
loop_
_struct_sheet_range.sheet_id 
_struct_sheet_range.id 
_struct_sheet_range.beg_label_comp_id 
_struct_sheet_range.beg_label_asym_id 
_struct_sheet_range.beg_label_seq_id 
_struct_sheet_range.pdbx_beg_PDB_ins_code 
_struct_sheet_range.end_label_comp_id 
_struct_sheet_range.end_label_asym_id 
_struct_sheet_range.end_label_seq_id 
_struct_sheet_range.pdbx_end_PDB_ins_code 
_struct_sheet_range.beg_auth_comp_id 
_struct_sheet_range.beg_auth_asym_id 
_struct_sheet_range.beg_auth_seq_id 
_struct_sheet_range.end_auth_comp_id 
_struct_sheet_range.end_auth_asym_id 
_struct_sheet_range.end_auth_seq_id 
AA 1 VAL A 14 ? LEU A 16 ? VAL A 11 LEU A 13 
AA 2 GLU A 39 ? ARG A 45 ? GLU A 36 ARG A 42 
AA 3 GLN A 87 ? LYS A 99 ? GLN A 84 LYS A 96 
AA 4 ILE A 68 ? THR A 81 ? ILE A 65 THR A 78 
BA 1 VAL B 14 ? LEU B 16 ? VAL B 11 LEU B 13 
BA 2 GLU B 39 ? ARG B 45 ? GLU B 36 ARG B 42 
BA 3 SER B 88 ? LYS B 99 ? SER B 85 LYS B 96 
BA 4 ILE B 68 ? VAL B 80 ? ILE B 65 VAL B 77 
# 
loop_
_pdbx_struct_sheet_hbond.sheet_id 
_pdbx_struct_sheet_hbond.range_id_1 
_pdbx_struct_sheet_hbond.range_id_2 
_pdbx_struct_sheet_hbond.range_1_label_atom_id 
_pdbx_struct_sheet_hbond.range_1_label_comp_id 
_pdbx_struct_sheet_hbond.range_1_label_asym_id 
_pdbx_struct_sheet_hbond.range_1_label_seq_id 
_pdbx_struct_sheet_hbond.range_1_PDB_ins_code 
_pdbx_struct_sheet_hbond.range_1_auth_atom_id 
_pdbx_struct_sheet_hbond.range_1_auth_comp_id 
_pdbx_struct_sheet_hbond.range_1_auth_asym_id 
_pdbx_struct_sheet_hbond.range_1_auth_seq_id 
_pdbx_struct_sheet_hbond.range_2_label_atom_id 
_pdbx_struct_sheet_hbond.range_2_label_comp_id 
_pdbx_struct_sheet_hbond.range_2_label_asym_id 
_pdbx_struct_sheet_hbond.range_2_label_seq_id 
_pdbx_struct_sheet_hbond.range_2_PDB_ins_code 
_pdbx_struct_sheet_hbond.range_2_auth_atom_id 
_pdbx_struct_sheet_hbond.range_2_auth_comp_id 
_pdbx_struct_sheet_hbond.range_2_auth_asym_id 
_pdbx_struct_sheet_hbond.range_2_auth_seq_id 
AA 1 2 N VAL A 15 ? N VAL A 12 O VAL A 41 ? O VAL A 38 
AA 2 3 N ALA A 44 ? N ALA A 41 O ILE A 93 ? O ILE A 90 
AA 3 4 N ARG A 98 ? N ARG A 95 O GLU A 69 ? O GLU A 66 
BA 1 2 N VAL B 15 ? N VAL B 12 O VAL B 41 ? O VAL B 38 
BA 2 3 N ALA B 44 ? N ALA B 41 O ILE B 93 ? O ILE B 90 
BA 3 4 N ARG B 98 ? N ARG B 95 O GLU B 69 ? O GLU B 66 
# 
loop_
_pdbx_validate_torsion.id 
_pdbx_validate_torsion.PDB_model_num 
_pdbx_validate_torsion.auth_comp_id 
_pdbx_validate_torsion.auth_asym_id 
_pdbx_validate_torsion.auth_seq_id 
_pdbx_validate_torsion.PDB_ins_code 
_pdbx_validate_torsion.label_alt_id 
_pdbx_validate_torsion.phi 
_pdbx_validate_torsion.psi 
1  1 ASN A 10 ? ? 80.33   7.64    
2  1 ASN A 31 ? ? -70.56  43.98   
3  1 GLN A 32 ? ? -158.38 20.02   
4  1 ASN B 10 ? ? 32.22   -0.41   
5  1 MET B 20 ? ? -37.97  -34.20  
6  1 ARG B 57 ? ? -75.60  -79.17  
7  1 ARG B 59 ? ? 64.31   120.78  
8  1 PHE B 60 ? ? 98.38   -52.32  
9  1 PRO B 62 ? ? -34.89  121.58  
10 1 ASP B 63 ? ? 48.04   5.93    
11 1 SER B 79 ? ? 49.68   -134.04 
12 1 ASP B 81 ? ? 41.11   15.43   
13 1 GLN B 84 ? ? 67.69   140.71  
# 
loop_
_pdbx_unobs_or_zero_occ_residues.id 
_pdbx_unobs_or_zero_occ_residues.PDB_model_num 
_pdbx_unobs_or_zero_occ_residues.polymer_flag 
_pdbx_unobs_or_zero_occ_residues.occupancy_flag 
_pdbx_unobs_or_zero_occ_residues.auth_asym_id 
_pdbx_unobs_or_zero_occ_residues.auth_comp_id 
_pdbx_unobs_or_zero_occ_residues.auth_seq_id 
_pdbx_unobs_or_zero_occ_residues.PDB_ins_code 
_pdbx_unobs_or_zero_occ_residues.label_asym_id 
_pdbx_unobs_or_zero_occ_residues.label_comp_id 
_pdbx_unobs_or_zero_occ_residues.label_seq_id 
1  1 Y 1 A MET -2 ? A MET 1  
2  1 Y 1 A GLU -1 ? A GLU 2  
3  1 Y 1 A LYS 0  ? A LYS 3  
4  1 Y 1 A MET 1  ? A MET 4  
5  1 Y 1 A SER 2  ? A SER 5  
6  1 Y 1 A SER 3  ? A SER 6  
7  1 Y 1 A GLY 4  ? A GLY 7  
8  1 Y 1 A THR 5  ? A THR 8  
9  1 Y 1 A PRO 6  ? A PRO 9  
10 1 Y 1 A THR 7  ? A THR 10 
11 1 Y 1 A PRO 8  ? A PRO 11 
12 1 Y 1 B MET -2 ? B MET 1  
13 1 Y 1 B GLU -1 ? B GLU 2  
14 1 Y 1 B LYS 0  ? B LYS 3  
15 1 Y 1 B MET 1  ? B MET 4  
16 1 Y 1 B SER 2  ? B SER 5  
17 1 Y 1 B SER 3  ? B SER 6  
18 1 Y 1 B GLY 4  ? B GLY 7  
19 1 Y 1 B THR 5  ? B THR 8  
20 1 Y 1 B PRO 6  ? B PRO 9  
21 1 Y 1 B THR 7  ? B THR 10 
22 1 Y 1 B PRO 8  ? B PRO 11 
# 
loop_
_chem_comp_atom.comp_id 
_chem_comp_atom.atom_id 
_chem_comp_atom.type_symbol 
_chem_comp_atom.pdbx_aromatic_flag 
_chem_comp_atom.pdbx_stereo_config 
_chem_comp_atom.pdbx_ordinal 
ALA N    N N N 1   
ALA CA   C N S 2   
ALA C    C N N 3   
ALA O    O N N 4   
ALA CB   C N N 5   
ALA OXT  O N N 6   
ALA H    H N N 7   
ALA H2   H N N 8   
ALA HA   H N N 9   
ALA HB1  H N N 10  
ALA HB2  H N N 11  
ALA HB3  H N N 12  
ALA HXT  H N N 13  
ARG N    N N N 14  
ARG CA   C N S 15  
ARG C    C N N 16  
ARG O    O N N 17  
ARG CB   C N N 18  
ARG CG   C N N 19  
ARG CD   C N N 20  
ARG NE   N N N 21  
ARG CZ   C N N 22  
ARG NH1  N N N 23  
ARG NH2  N N N 24  
ARG OXT  O N N 25  
ARG H    H N N 26  
ARG H2   H N N 27  
ARG HA   H N N 28  
ARG HB2  H N N 29  
ARG HB3  H N N 30  
ARG HG2  H N N 31  
ARG HG3  H N N 32  
ARG HD2  H N N 33  
ARG HD3  H N N 34  
ARG HE   H N N 35  
ARG HH11 H N N 36  
ARG HH12 H N N 37  
ARG HH21 H N N 38  
ARG HH22 H N N 39  
ARG HXT  H N N 40  
ASN N    N N N 41  
ASN CA   C N S 42  
ASN C    C N N 43  
ASN O    O N N 44  
ASN CB   C N N 45  
ASN CG   C N N 46  
ASN OD1  O N N 47  
ASN ND2  N N N 48  
ASN OXT  O N N 49  
ASN H    H N N 50  
ASN H2   H N N 51  
ASN HA   H N N 52  
ASN HB2  H N N 53  
ASN HB3  H N N 54  
ASN HD21 H N N 55  
ASN HD22 H N N 56  
ASN HXT  H N N 57  
ASP N    N N N 58  
ASP CA   C N S 59  
ASP C    C N N 60  
ASP O    O N N 61  
ASP CB   C N N 62  
ASP CG   C N N 63  
ASP OD1  O N N 64  
ASP OD2  O N N 65  
ASP OXT  O N N 66  
ASP H    H N N 67  
ASP H2   H N N 68  
ASP HA   H N N 69  
ASP HB2  H N N 70  
ASP HB3  H N N 71  
ASP HD2  H N N 72  
ASP HXT  H N N 73  
GLN N    N N N 74  
GLN CA   C N S 75  
GLN C    C N N 76  
GLN O    O N N 77  
GLN CB   C N N 78  
GLN CG   C N N 79  
GLN CD   C N N 80  
GLN OE1  O N N 81  
GLN NE2  N N N 82  
GLN OXT  O N N 83  
GLN H    H N N 84  
GLN H2   H N N 85  
GLN HA   H N N 86  
GLN HB2  H N N 87  
GLN HB3  H N N 88  
GLN HG2  H N N 89  
GLN HG3  H N N 90  
GLN HE21 H N N 91  
GLN HE22 H N N 92  
GLN HXT  H N N 93  
GLU N    N N N 94  
GLU CA   C N S 95  
GLU C    C N N 96  
GLU O    O N N 97  
GLU CB   C N N 98  
GLU CG   C N N 99  
GLU CD   C N N 100 
GLU OE1  O N N 101 
GLU OE2  O N N 102 
GLU OXT  O N N 103 
GLU H    H N N 104 
GLU H2   H N N 105 
GLU HA   H N N 106 
GLU HB2  H N N 107 
GLU HB3  H N N 108 
GLU HG2  H N N 109 
GLU HG3  H N N 110 
GLU HE2  H N N 111 
GLU HXT  H N N 112 
GLY N    N N N 113 
GLY CA   C N N 114 
GLY C    C N N 115 
GLY O    O N N 116 
GLY OXT  O N N 117 
GLY H    H N N 118 
GLY H2   H N N 119 
GLY HA2  H N N 120 
GLY HA3  H N N 121 
GLY HXT  H N N 122 
HOH O    O N N 123 
HOH H1   H N N 124 
HOH H2   H N N 125 
ILE N    N N N 126 
ILE CA   C N S 127 
ILE C    C N N 128 
ILE O    O N N 129 
ILE CB   C N S 130 
ILE CG1  C N N 131 
ILE CG2  C N N 132 
ILE CD1  C N N 133 
ILE OXT  O N N 134 
ILE H    H N N 135 
ILE H2   H N N 136 
ILE HA   H N N 137 
ILE HB   H N N 138 
ILE HG12 H N N 139 
ILE HG13 H N N 140 
ILE HG21 H N N 141 
ILE HG22 H N N 142 
ILE HG23 H N N 143 
ILE HD11 H N N 144 
ILE HD12 H N N 145 
ILE HD13 H N N 146 
ILE HXT  H N N 147 
LEU N    N N N 148 
LEU CA   C N S 149 
LEU C    C N N 150 
LEU O    O N N 151 
LEU CB   C N N 152 
LEU CG   C N N 153 
LEU CD1  C N N 154 
LEU CD2  C N N 155 
LEU OXT  O N N 156 
LEU H    H N N 157 
LEU H2   H N N 158 
LEU HA   H N N 159 
LEU HB2  H N N 160 
LEU HB3  H N N 161 
LEU HG   H N N 162 
LEU HD11 H N N 163 
LEU HD12 H N N 164 
LEU HD13 H N N 165 
LEU HD21 H N N 166 
LEU HD22 H N N 167 
LEU HD23 H N N 168 
LEU HXT  H N N 169 
LYS N    N N N 170 
LYS CA   C N S 171 
LYS C    C N N 172 
LYS O    O N N 173 
LYS CB   C N N 174 
LYS CG   C N N 175 
LYS CD   C N N 176 
LYS CE   C N N 177 
LYS NZ   N N N 178 
LYS OXT  O N N 179 
LYS H    H N N 180 
LYS H2   H N N 181 
LYS HA   H N N 182 
LYS HB2  H N N 183 
LYS HB3  H N N 184 
LYS HG2  H N N 185 
LYS HG3  H N N 186 
LYS HD2  H N N 187 
LYS HD3  H N N 188 
LYS HE2  H N N 189 
LYS HE3  H N N 190 
LYS HZ1  H N N 191 
LYS HZ2  H N N 192 
LYS HZ3  H N N 193 
LYS HXT  H N N 194 
MET N    N N N 195 
MET CA   C N S 196 
MET C    C N N 197 
MET O    O N N 198 
MET CB   C N N 199 
MET CG   C N N 200 
MET SD   S N N 201 
MET CE   C N N 202 
MET OXT  O N N 203 
MET H    H N N 204 
MET H2   H N N 205 
MET HA   H N N 206 
MET HB2  H N N 207 
MET HB3  H N N 208 
MET HG2  H N N 209 
MET HG3  H N N 210 
MET HE1  H N N 211 
MET HE2  H N N 212 
MET HE3  H N N 213 
MET HXT  H N N 214 
PHE N    N N N 215 
PHE CA   C N S 216 
PHE C    C N N 217 
PHE O    O N N 218 
PHE CB   C N N 219 
PHE CG   C Y N 220 
PHE CD1  C Y N 221 
PHE CD2  C Y N 222 
PHE CE1  C Y N 223 
PHE CE2  C Y N 224 
PHE CZ   C Y N 225 
PHE OXT  O N N 226 
PHE H    H N N 227 
PHE H2   H N N 228 
PHE HA   H N N 229 
PHE HB2  H N N 230 
PHE HB3  H N N 231 
PHE HD1  H N N 232 
PHE HD2  H N N 233 
PHE HE1  H N N 234 
PHE HE2  H N N 235 
PHE HZ   H N N 236 
PHE HXT  H N N 237 
PRO N    N N N 238 
PRO CA   C N S 239 
PRO C    C N N 240 
PRO O    O N N 241 
PRO CB   C N N 242 
PRO CG   C N N 243 
PRO CD   C N N 244 
PRO OXT  O N N 245 
PRO H    H N N 246 
PRO HA   H N N 247 
PRO HB2  H N N 248 
PRO HB3  H N N 249 
PRO HG2  H N N 250 
PRO HG3  H N N 251 
PRO HD2  H N N 252 
PRO HD3  H N N 253 
PRO HXT  H N N 254 
SER N    N N N 255 
SER CA   C N S 256 
SER C    C N N 257 
SER O    O N N 258 
SER CB   C N N 259 
SER OG   O N N 260 
SER OXT  O N N 261 
SER H    H N N 262 
SER H2   H N N 263 
SER HA   H N N 264 
SER HB2  H N N 265 
SER HB3  H N N 266 
SER HG   H N N 267 
SER HXT  H N N 268 
THR N    N N N 269 
THR CA   C N S 270 
THR C    C N N 271 
THR O    O N N 272 
THR CB   C N R 273 
THR OG1  O N N 274 
THR CG2  C N N 275 
THR OXT  O N N 276 
THR H    H N N 277 
THR H2   H N N 278 
THR HA   H N N 279 
THR HB   H N N 280 
THR HG1  H N N 281 
THR HG21 H N N 282 
THR HG22 H N N 283 
THR HG23 H N N 284 
THR HXT  H N N 285 
TYR N    N N N 286 
TYR CA   C N S 287 
TYR C    C N N 288 
TYR O    O N N 289 
TYR CB   C N N 290 
TYR CG   C Y N 291 
TYR CD1  C Y N 292 
TYR CD2  C Y N 293 
TYR CE1  C Y N 294 
TYR CE2  C Y N 295 
TYR CZ   C Y N 296 
TYR OH   O N N 297 
TYR OXT  O N N 298 
TYR H    H N N 299 
TYR H2   H N N 300 
TYR HA   H N N 301 
TYR HB2  H N N 302 
TYR HB3  H N N 303 
TYR HD1  H N N 304 
TYR HD2  H N N 305 
TYR HE1  H N N 306 
TYR HE2  H N N 307 
TYR HH   H N N 308 
TYR HXT  H N N 309 
VAL N    N N N 310 
VAL CA   C N S 311 
VAL C    C N N 312 
VAL O    O N N 313 
VAL CB   C N N 314 
VAL CG1  C N N 315 
VAL CG2  C N N 316 
VAL OXT  O N N 317 
VAL H    H N N 318 
VAL H2   H N N 319 
VAL HA   H N N 320 
VAL HB   H N N 321 
VAL HG11 H N N 322 
VAL HG12 H N N 323 
VAL HG13 H N N 324 
VAL HG21 H N N 325 
VAL HG22 H N N 326 
VAL HG23 H N N 327 
VAL HXT  H N N 328 
# 
loop_
_chem_comp_bond.comp_id 
_chem_comp_bond.atom_id_1 
_chem_comp_bond.atom_id_2 
_chem_comp_bond.value_order 
_chem_comp_bond.pdbx_aromatic_flag 
_chem_comp_bond.pdbx_stereo_config 
_chem_comp_bond.pdbx_ordinal 
ALA N   CA   sing N N 1   
ALA N   H    sing N N 2   
ALA N   H2   sing N N 3   
ALA CA  C    sing N N 4   
ALA CA  CB   sing N N 5   
ALA CA  HA   sing N N 6   
ALA C   O    doub N N 7   
ALA C   OXT  sing N N 8   
ALA CB  HB1  sing N N 9   
ALA CB  HB2  sing N N 10  
ALA CB  HB3  sing N N 11  
ALA OXT HXT  sing N N 12  
ARG N   CA   sing N N 13  
ARG N   H    sing N N 14  
ARG N   H2   sing N N 15  
ARG CA  C    sing N N 16  
ARG CA  CB   sing N N 17  
ARG CA  HA   sing N N 18  
ARG C   O    doub N N 19  
ARG C   OXT  sing N N 20  
ARG CB  CG   sing N N 21  
ARG CB  HB2  sing N N 22  
ARG CB  HB3  sing N N 23  
ARG CG  CD   sing N N 24  
ARG CG  HG2  sing N N 25  
ARG CG  HG3  sing N N 26  
ARG CD  NE   sing N N 27  
ARG CD  HD2  sing N N 28  
ARG CD  HD3  sing N N 29  
ARG NE  CZ   sing N N 30  
ARG NE  HE   sing N N 31  
ARG CZ  NH1  sing N N 32  
ARG CZ  NH2  doub N N 33  
ARG NH1 HH11 sing N N 34  
ARG NH1 HH12 sing N N 35  
ARG NH2 HH21 sing N N 36  
ARG NH2 HH22 sing N N 37  
ARG OXT HXT  sing N N 38  
ASN N   CA   sing N N 39  
ASN N   H    sing N N 40  
ASN N   H2   sing N N 41  
ASN CA  C    sing N N 42  
ASN CA  CB   sing N N 43  
ASN CA  HA   sing N N 44  
ASN C   O    doub N N 45  
ASN C   OXT  sing N N 46  
ASN CB  CG   sing N N 47  
ASN CB  HB2  sing N N 48  
ASN CB  HB3  sing N N 49  
ASN CG  OD1  doub N N 50  
ASN CG  ND2  sing N N 51  
ASN ND2 HD21 sing N N 52  
ASN ND2 HD22 sing N N 53  
ASN OXT HXT  sing N N 54  
ASP N   CA   sing N N 55  
ASP N   H    sing N N 56  
ASP N   H2   sing N N 57  
ASP CA  C    sing N N 58  
ASP CA  CB   sing N N 59  
ASP CA  HA   sing N N 60  
ASP C   O    doub N N 61  
ASP C   OXT  sing N N 62  
ASP CB  CG   sing N N 63  
ASP CB  HB2  sing N N 64  
ASP CB  HB3  sing N N 65  
ASP CG  OD1  doub N N 66  
ASP CG  OD2  sing N N 67  
ASP OD2 HD2  sing N N 68  
ASP OXT HXT  sing N N 69  
GLN N   CA   sing N N 70  
GLN N   H    sing N N 71  
GLN N   H2   sing N N 72  
GLN CA  C    sing N N 73  
GLN CA  CB   sing N N 74  
GLN CA  HA   sing N N 75  
GLN C   O    doub N N 76  
GLN C   OXT  sing N N 77  
GLN CB  CG   sing N N 78  
GLN CB  HB2  sing N N 79  
GLN CB  HB3  sing N N 80  
GLN CG  CD   sing N N 81  
GLN CG  HG2  sing N N 82  
GLN CG  HG3  sing N N 83  
GLN CD  OE1  doub N N 84  
GLN CD  NE2  sing N N 85  
GLN NE2 HE21 sing N N 86  
GLN NE2 HE22 sing N N 87  
GLN OXT HXT  sing N N 88  
GLU N   CA   sing N N 89  
GLU N   H    sing N N 90  
GLU N   H2   sing N N 91  
GLU CA  C    sing N N 92  
GLU CA  CB   sing N N 93  
GLU CA  HA   sing N N 94  
GLU C   O    doub N N 95  
GLU C   OXT  sing N N 96  
GLU CB  CG   sing N N 97  
GLU CB  HB2  sing N N 98  
GLU CB  HB3  sing N N 99  
GLU CG  CD   sing N N 100 
GLU CG  HG2  sing N N 101 
GLU CG  HG3  sing N N 102 
GLU CD  OE1  doub N N 103 
GLU CD  OE2  sing N N 104 
GLU OE2 HE2  sing N N 105 
GLU OXT HXT  sing N N 106 
GLY N   CA   sing N N 107 
GLY N   H    sing N N 108 
GLY N   H2   sing N N 109 
GLY CA  C    sing N N 110 
GLY CA  HA2  sing N N 111 
GLY CA  HA3  sing N N 112 
GLY C   O    doub N N 113 
GLY C   OXT  sing N N 114 
GLY OXT HXT  sing N N 115 
HOH O   H1   sing N N 116 
HOH O   H2   sing N N 117 
ILE N   CA   sing N N 118 
ILE N   H    sing N N 119 
ILE N   H2   sing N N 120 
ILE CA  C    sing N N 121 
ILE CA  CB   sing N N 122 
ILE CA  HA   sing N N 123 
ILE C   O    doub N N 124 
ILE C   OXT  sing N N 125 
ILE CB  CG1  sing N N 126 
ILE CB  CG2  sing N N 127 
ILE CB  HB   sing N N 128 
ILE CG1 CD1  sing N N 129 
ILE CG1 HG12 sing N N 130 
ILE CG1 HG13 sing N N 131 
ILE CG2 HG21 sing N N 132 
ILE CG2 HG22 sing N N 133 
ILE CG2 HG23 sing N N 134 
ILE CD1 HD11 sing N N 135 
ILE CD1 HD12 sing N N 136 
ILE CD1 HD13 sing N N 137 
ILE OXT HXT  sing N N 138 
LEU N   CA   sing N N 139 
LEU N   H    sing N N 140 
LEU N   H2   sing N N 141 
LEU CA  C    sing N N 142 
LEU CA  CB   sing N N 143 
LEU CA  HA   sing N N 144 
LEU C   O    doub N N 145 
LEU C   OXT  sing N N 146 
LEU CB  CG   sing N N 147 
LEU CB  HB2  sing N N 148 
LEU CB  HB3  sing N N 149 
LEU CG  CD1  sing N N 150 
LEU CG  CD2  sing N N 151 
LEU CG  HG   sing N N 152 
LEU CD1 HD11 sing N N 153 
LEU CD1 HD12 sing N N 154 
LEU CD1 HD13 sing N N 155 
LEU CD2 HD21 sing N N 156 
LEU CD2 HD22 sing N N 157 
LEU CD2 HD23 sing N N 158 
LEU OXT HXT  sing N N 159 
LYS N   CA   sing N N 160 
LYS N   H    sing N N 161 
LYS N   H2   sing N N 162 
LYS CA  C    sing N N 163 
LYS CA  CB   sing N N 164 
LYS CA  HA   sing N N 165 
LYS C   O    doub N N 166 
LYS C   OXT  sing N N 167 
LYS CB  CG   sing N N 168 
LYS CB  HB2  sing N N 169 
LYS CB  HB3  sing N N 170 
LYS CG  CD   sing N N 171 
LYS CG  HG2  sing N N 172 
LYS CG  HG3  sing N N 173 
LYS CD  CE   sing N N 174 
LYS CD  HD2  sing N N 175 
LYS CD  HD3  sing N N 176 
LYS CE  NZ   sing N N 177 
LYS CE  HE2  sing N N 178 
LYS CE  HE3  sing N N 179 
LYS NZ  HZ1  sing N N 180 
LYS NZ  HZ2  sing N N 181 
LYS NZ  HZ3  sing N N 182 
LYS OXT HXT  sing N N 183 
MET N   CA   sing N N 184 
MET N   H    sing N N 185 
MET N   H2   sing N N 186 
MET CA  C    sing N N 187 
MET CA  CB   sing N N 188 
MET CA  HA   sing N N 189 
MET C   O    doub N N 190 
MET C   OXT  sing N N 191 
MET CB  CG   sing N N 192 
MET CB  HB2  sing N N 193 
MET CB  HB3  sing N N 194 
MET CG  SD   sing N N 195 
MET CG  HG2  sing N N 196 
MET CG  HG3  sing N N 197 
MET SD  CE   sing N N 198 
MET CE  HE1  sing N N 199 
MET CE  HE2  sing N N 200 
MET CE  HE3  sing N N 201 
MET OXT HXT  sing N N 202 
PHE N   CA   sing N N 203 
PHE N   H    sing N N 204 
PHE N   H2   sing N N 205 
PHE CA  C    sing N N 206 
PHE CA  CB   sing N N 207 
PHE CA  HA   sing N N 208 
PHE C   O    doub N N 209 
PHE C   OXT  sing N N 210 
PHE CB  CG   sing N N 211 
PHE CB  HB2  sing N N 212 
PHE CB  HB3  sing N N 213 
PHE CG  CD1  doub Y N 214 
PHE CG  CD2  sing Y N 215 
PHE CD1 CE1  sing Y N 216 
PHE CD1 HD1  sing N N 217 
PHE CD2 CE2  doub Y N 218 
PHE CD2 HD2  sing N N 219 
PHE CE1 CZ   doub Y N 220 
PHE CE1 HE1  sing N N 221 
PHE CE2 CZ   sing Y N 222 
PHE CE2 HE2  sing N N 223 
PHE CZ  HZ   sing N N 224 
PHE OXT HXT  sing N N 225 
PRO N   CA   sing N N 226 
PRO N   CD   sing N N 227 
PRO N   H    sing N N 228 
PRO CA  C    sing N N 229 
PRO CA  CB   sing N N 230 
PRO CA  HA   sing N N 231 
PRO C   O    doub N N 232 
PRO C   OXT  sing N N 233 
PRO CB  CG   sing N N 234 
PRO CB  HB2  sing N N 235 
PRO CB  HB3  sing N N 236 
PRO CG  CD   sing N N 237 
PRO CG  HG2  sing N N 238 
PRO CG  HG3  sing N N 239 
PRO CD  HD2  sing N N 240 
PRO CD  HD3  sing N N 241 
PRO OXT HXT  sing N N 242 
SER N   CA   sing N N 243 
SER N   H    sing N N 244 
SER N   H2   sing N N 245 
SER CA  C    sing N N 246 
SER CA  CB   sing N N 247 
SER CA  HA   sing N N 248 
SER C   O    doub N N 249 
SER C   OXT  sing N N 250 
SER CB  OG   sing N N 251 
SER CB  HB2  sing N N 252 
SER CB  HB3  sing N N 253 
SER OG  HG   sing N N 254 
SER OXT HXT  sing N N 255 
THR N   CA   sing N N 256 
THR N   H    sing N N 257 
THR N   H2   sing N N 258 
THR CA  C    sing N N 259 
THR CA  CB   sing N N 260 
THR CA  HA   sing N N 261 
THR C   O    doub N N 262 
THR C   OXT  sing N N 263 
THR CB  OG1  sing N N 264 
THR CB  CG2  sing N N 265 
THR CB  HB   sing N N 266 
THR OG1 HG1  sing N N 267 
THR CG2 HG21 sing N N 268 
THR CG2 HG22 sing N N 269 
THR CG2 HG23 sing N N 270 
THR OXT HXT  sing N N 271 
TYR N   CA   sing N N 272 
TYR N   H    sing N N 273 
TYR N   H2   sing N N 274 
TYR CA  C    sing N N 275 
TYR CA  CB   sing N N 276 
TYR CA  HA   sing N N 277 
TYR C   O    doub N N 278 
TYR C   OXT  sing N N 279 
TYR CB  CG   sing N N 280 
TYR CB  HB2  sing N N 281 
TYR CB  HB3  sing N N 282 
TYR CG  CD1  doub Y N 283 
TYR CG  CD2  sing Y N 284 
TYR CD1 CE1  sing Y N 285 
TYR CD1 HD1  sing N N 286 
TYR CD2 CE2  doub Y N 287 
TYR CD2 HD2  sing N N 288 
TYR CE1 CZ   doub Y N 289 
TYR CE1 HE1  sing N N 290 
TYR CE2 CZ   sing Y N 291 
TYR CE2 HE2  sing N N 292 
TYR CZ  OH   sing N N 293 
TYR OH  HH   sing N N 294 
TYR OXT HXT  sing N N 295 
VAL N   CA   sing N N 296 
VAL N   H    sing N N 297 
VAL N   H2   sing N N 298 
VAL CA  C    sing N N 299 
VAL CA  CB   sing N N 300 
VAL CA  HA   sing N N 301 
VAL C   O    doub N N 302 
VAL C   OXT  sing N N 303 
VAL CB  CG1  sing N N 304 
VAL CB  CG2  sing N N 305 
VAL CB  HB   sing N N 306 
VAL CG1 HG11 sing N N 307 
VAL CG1 HG12 sing N N 308 
VAL CG1 HG13 sing N N 309 
VAL CG2 HG21 sing N N 310 
VAL CG2 HG22 sing N N 311 
VAL CG2 HG23 sing N N 312 
VAL OXT HXT  sing N N 313 
# 
_atom_sites.entry_id                    1H0X 
_atom_sites.fract_transf_matrix[1][1]   -0.01265305 
_atom_sites.fract_transf_matrix[1][2]   0.00482866 
_atom_sites.fract_transf_matrix[1][3]   -0.00204031 
_atom_sites.fract_transf_matrix[2][1]   -0.00975104 
_atom_sites.fract_transf_matrix[2][2]   -0.00823046 
_atom_sites.fract_transf_matrix[2][3]   -0.00497566 
_atom_sites.fract_transf_matrix[3][1]   -0.00154883 
_atom_sites.fract_transf_matrix[3][2]   -0.00163397 
_atom_sites.fract_transf_matrix[3][3]   0.00573813 
_atom_sites.fract_transf_vector[1]      0.467683 
_atom_sites.fract_transf_vector[2]      0.789214 
_atom_sites.fract_transf_vector[3]      0.152725 
# 
loop_
_atom_type.symbol 
C 
N 
O 
S 
# 
loop_
_atom_site.group_PDB 
_atom_site.id 
_atom_site.type_symbol 
_atom_site.label_atom_id 
_atom_site.label_alt_id 
_atom_site.label_comp_id 
_atom_site.label_asym_id 
_atom_site.label_entity_id 
_atom_site.label_seq_id 
_atom_site.pdbx_PDB_ins_code 
_atom_site.Cartn_x 
_atom_site.Cartn_y 
_atom_site.Cartn_z 
_atom_site.occupancy 
_atom_site.B_iso_or_equiv 
_atom_site.pdbx_formal_charge 
_atom_site.auth_seq_id 
_atom_site.auth_comp_id 
_atom_site.auth_asym_id 
_atom_site.auth_atom_id 
_atom_site.pdbx_PDB_model_num 
ATOM   1    N N   . SER A 1 12  ? 17.297  1.115   15.297  1.00 59.56  ? 9    SER A N   1 
ATOM   2    C CA  . SER A 1 12  ? 16.073  0.474   14.716  1.00 61.64  ? 9    SER A CA  1 
ATOM   3    C C   . SER A 1 12  ? 15.828  0.925   13.277  1.00 61.45  ? 9    SER A C   1 
ATOM   4    O O   . SER A 1 12  ? 16.080  0.176   12.329  1.00 64.49  ? 9    SER A O   1 
ATOM   5    C CB  . SER A 1 12  ? 14.854  0.826   15.554  1.00 61.05  ? 9    SER A CB  1 
ATOM   6    O OG  . SER A 1 12  ? 14.685  2.232   15.585  1.00 66.02  ? 9    SER A OG  1 
ATOM   7    N N   . ASN A 1 13  ? 15.328  2.151   13.133  1.00 56.69  ? 10   ASN A N   1 
ATOM   8    C CA  . ASN A 1 13  ? 15.023  2.768   11.841  1.00 52.76  ? 10   ASN A CA  1 
ATOM   9    C C   . ASN A 1 13  ? 13.688  2.309   11.257  1.00 49.99  ? 10   ASN A C   1 
ATOM   10   O O   . ASN A 1 13  ? 13.337  2.667   10.127  1.00 49.47  ? 10   ASN A O   1 
ATOM   11   C CB  . ASN A 1 13  ? 16.190  2.559   10.844  1.00 53.26  ? 10   ASN A CB  1 
ATOM   12   C CG  . ASN A 1 13  ? 15.894  1.525   9.758   1.00 54.60  ? 10   ASN A CG  1 
ATOM   13   O OD1 . ASN A 1 13  ? 15.697  0.337   10.036  1.00 53.38  ? 10   ASN A OD1 1 
ATOM   14   N ND2 . ASN A 1 13  ? 15.880  1.979   8.504   1.00 52.14  ? 10   ASN A ND2 1 
ATOM   15   N N   . VAL A 1 14  ? 12.929  1.557   12.054  1.00 47.42  ? 11   VAL A N   1 
ATOM   16   C CA  . VAL A 1 14  ? 11.625  1.053   11.625  1.00 48.38  ? 11   VAL A CA  1 
ATOM   17   C C   . VAL A 1 14  ? 10.442  1.646   12.387  1.00 47.47  ? 11   VAL A C   1 
ATOM   18   O O   . VAL A 1 14  ? 10.415  1.647   13.611  1.00 49.53  ? 11   VAL A O   1 
ATOM   19   C CB  . VAL A 1 14  ? 11.542  -0.485  11.763  1.00 49.13  ? 11   VAL A CB  1 
ATOM   20   C CG1 . VAL A 1 14  ? 10.144  -0.980  11.353  1.00 46.12  ? 11   VAL A CG1 1 
ATOM   21   C CG2 . VAL A 1 14  ? 12.614  -1.136  10.902  1.00 47.51  ? 11   VAL A CG2 1 
ATOM   22   N N   . VAL A 1 15  ? 9.466   2.146   11.643  1.00 45.96  ? 12   VAL A N   1 
ATOM   23   C CA  . VAL A 1 15  ? 8.256   2.714   12.223  1.00 45.61  ? 12   VAL A CA  1 
ATOM   24   C C   . VAL A 1 15  ? 7.128   1.736   11.925  1.00 44.55  ? 12   VAL A C   1 
ATOM   25   O O   . VAL A 1 15  ? 6.648   1.652   10.793  1.00 42.69  ? 12   VAL A O   1 
ATOM   26   C CB  . VAL A 1 15  ? 7.886   4.079   11.581  1.00 47.29  ? 12   VAL A CB  1 
ATOM   27   C CG1 . VAL A 1 15  ? 6.610   4.626   12.221  1.00 43.00  ? 12   VAL A CG1 1 
ATOM   28   C CG2 . VAL A 1 15  ? 9.036   5.061   11.727  1.00 44.61  ? 12   VAL A CG2 1 
ATOM   29   N N   . LEU A 1 16  ? 6.721   0.994   12.945  1.00 43.58  ? 13   LEU A N   1 
ATOM   30   C CA  . LEU A 1 16  ? 5.652   0.011   12.826  1.00 43.86  ? 13   LEU A CA  1 
ATOM   31   C C   . LEU A 1 16  ? 4.291   0.687   13.002  1.00 44.87  ? 13   LEU A C   1 
ATOM   32   O O   . LEU A 1 16  ? 3.999   1.197   14.075  1.00 47.81  ? 13   LEU A O   1 
ATOM   33   C CB  . LEU A 1 16  ? 5.845   -1.055  13.905  1.00 41.09  ? 13   LEU A CB  1 
ATOM   34   C CG  . LEU A 1 16  ? 4.818   -2.177  13.997  1.00 42.95  ? 13   LEU A CG  1 
ATOM   35   C CD1 . LEU A 1 16  ? 4.687   -2.876  12.647  1.00 44.70  ? 13   LEU A CD1 1 
ATOM   36   C CD2 . LEU A 1 16  ? 5.249   -3.153  15.071  1.00 40.31  ? 13   LEU A CD2 1 
ATOM   37   N N   . ILE A 1 17  ? 3.463   0.697   11.960  1.00 45.11  ? 14   ILE A N   1 
ATOM   38   C CA  . ILE A 1 17  ? 2.141   1.326   12.041  1.00 46.21  ? 14   ILE A CA  1 
ATOM   39   C C   . ILE A 1 17  ? 1.155   0.483   12.864  1.00 48.17  ? 14   ILE A C   1 
ATOM   40   O O   . ILE A 1 17  ? 1.006   -0.717  12.633  1.00 48.04  ? 14   ILE A O   1 
ATOM   41   C CB  . ILE A 1 17  ? 1.519   1.542   10.632  1.00 46.24  ? 14   ILE A CB  1 
ATOM   42   C CG1 . ILE A 1 17  ? 2.503   2.279   9.725   1.00 46.51  ? 14   ILE A CG1 1 
ATOM   43   C CG2 . ILE A 1 17  ? 0.225   2.322   10.741  1.00 41.43  ? 14   ILE A CG2 1 
ATOM   44   C CD1 . ILE A 1 17  ? 2.926   3.632   10.225  1.00 45.77  ? 14   ILE A CD1 1 
ATOM   45   N N   . GLY A 1 18  ? 0.485   1.125   13.816  1.00 48.31  ? 15   GLY A N   1 
ATOM   46   C CA  . GLY A 1 18  ? -0.481  0.443   14.655  1.00 48.22  ? 15   GLY A CA  1 
ATOM   47   C C   . GLY A 1 18  ? -1.840  1.131   14.676  1.00 52.91  ? 15   GLY A C   1 
ATOM   48   O O   . GLY A 1 18  ? -2.270  1.725   13.683  1.00 52.68  ? 15   GLY A O   1 
ATOM   49   N N   . LYS A 1 19  ? -2.514  1.079   15.820  1.00 55.96  ? 16   LYS A N   1 
ATOM   50   C CA  . LYS A 1 19  ? -3.849  1.664   15.943  1.00 57.73  ? 16   LYS A CA  1 
ATOM   51   C C   . LYS A 1 19  ? -3.972  3.154   16.218  1.00 55.74  ? 16   LYS A C   1 
ATOM   52   O O   . LYS A 1 19  ? -5.030  3.737   15.984  1.00 56.07  ? 16   LYS A O   1 
ATOM   53   C CB  . LYS A 1 19  ? -4.647  0.902   17.003  1.00 61.84  ? 16   LYS A CB  1 
ATOM   54   C CG  . LYS A 1 19  ? -5.288  -0.389  16.497  1.00 70.14  ? 16   LYS A CG  1 
ATOM   55   C CD  . LYS A 1 19  ? -6.480  -0.127  15.540  1.00 76.35  ? 16   LYS A CD  1 
ATOM   56   C CE  . LYS A 1 19  ? -6.065  0.325   14.126  1.00 77.68  ? 16   LYS A CE  1 
ATOM   57   N NZ  . LYS A 1 19  ? -5.344  -0.734  13.339  1.00 75.72  ? 16   LYS A NZ  1 
ATOM   58   N N   . LYS A 1 20  ? -2.908  3.775   16.710  1.00 53.75  ? 17   LYS A N   1 
ATOM   59   C CA  . LYS A 1 20  ? -2.949  5.198   17.027  1.00 51.46  ? 17   LYS A CA  1 
ATOM   60   C C   . LYS A 1 20  ? -3.197  6.070   15.804  1.00 51.66  ? 17   LYS A C   1 
ATOM   61   O O   . LYS A 1 20  ? -3.200  5.592   14.670  1.00 49.84  ? 17   LYS A O   1 
ATOM   62   C CB  . LYS A 1 20  ? -1.647  5.614   17.699  1.00 52.28  ? 17   LYS A CB  1 
ATOM   63   C CG  . LYS A 1 20  ? -1.275  4.766   18.902  1.00 53.10  ? 17   LYS A CG  1 
ATOM   64   C CD  . LYS A 1 20  ? 0.108   5.140   19.416  1.00 59.27  ? 17   LYS A CD  1 
ATOM   65   C CE  . LYS A 1 20  ? 0.479   4.344   20.654  1.00 63.42  ? 17   LYS A CE  1 
ATOM   66   N NZ  . LYS A 1 20  ? 1.779   4.805   21.219  1.00 68.90  ? 17   LYS A NZ  1 
ATOM   67   N N   . PRO A 1 21  ? -3.432  7.371   16.025  1.00 53.02  ? 18   PRO A N   1 
ATOM   68   C CA  . PRO A 1 21  ? -3.682  8.305   14.922  1.00 52.70  ? 18   PRO A CA  1 
ATOM   69   C C   . PRO A 1 21  ? -2.407  8.580   14.142  1.00 52.37  ? 18   PRO A C   1 
ATOM   70   O O   . PRO A 1 21  ? -1.325  8.696   14.726  1.00 50.72  ? 18   PRO A O   1 
ATOM   71   C CB  . PRO A 1 21  ? -4.207  9.548   15.637  1.00 53.07  ? 18   PRO A CB  1 
ATOM   72   C CG  . PRO A 1 21  ? -4.851  8.966   16.875  1.00 50.52  ? 18   PRO A CG  1 
ATOM   73   C CD  . PRO A 1 21  ? -3.818  7.975   17.309  1.00 51.45  ? 18   PRO A CD  1 
ATOM   74   N N   . VAL A 1 22  ? -2.547  8.689   12.826  1.00 52.15  ? 19   VAL A N   1 
ATOM   75   C CA  . VAL A 1 22  ? -1.416  8.923   11.940  1.00 54.08  ? 19   VAL A CA  1 
ATOM   76   C C   . VAL A 1 22  ? -0.311  9.758   12.559  1.00 55.19  ? 19   VAL A C   1 
ATOM   77   O O   . VAL A 1 22  ? 0.843   9.342   12.595  1.00 55.89  ? 19   VAL A O   1 
ATOM   78   C CB  . VAL A 1 22  ? -1.840  9.639   10.670  1.00 55.94  ? 19   VAL A CB  1 
ATOM   79   C CG1 . VAL A 1 22  ? -0.767  9.466   9.616   1.00 57.99  ? 19   VAL A CG1 1 
ATOM   80   C CG2 . VAL A 1 22  ? -3.173  9.110   10.194  1.00 58.80  ? 19   VAL A CG2 1 
ATOM   81   N N   . MET A 1 23  ? -0.676  10.939  13.044  1.00 55.95  ? 20   MET A N   1 
ATOM   82   C CA  . MET A 1 23  ? 0.282   11.859  13.639  1.00 57.08  ? 20   MET A CA  1 
ATOM   83   C C   . MET A 1 23  ? 1.381   11.177  14.440  1.00 55.53  ? 20   MET A C   1 
ATOM   84   O O   . MET A 1 23  ? 2.561   11.497  14.283  1.00 54.49  ? 20   MET A O   1 
ATOM   85   C CB  . MET A 1 23  ? -0.445  12.873  14.523  1.00 60.83  ? 20   MET A CB  1 
ATOM   86   C CG  . MET A 1 23  ? 0.451   13.982  15.091  1.00 64.89  ? 20   MET A CG  1 
ATOM   87   S SD  . MET A 1 23  ? 1.457   14.890  13.863  1.00 70.08  ? 20   MET A SD  1 
ATOM   88   C CE  . MET A 1 23  ? 0.364   14.860  12.350  1.00 69.77  ? 20   MET A CE  1 
ATOM   89   N N   . ASN A 1 24  ? 0.998   10.241  15.296  1.00 53.52  ? 21   ASN A N   1 
ATOM   90   C CA  . ASN A 1 24  ? 1.972   9.535   16.114  1.00 54.49  ? 21   ASN A CA  1 
ATOM   91   C C   . ASN A 1 24  ? 3.109   8.969   15.289  1.00 53.13  ? 21   ASN A C   1 
ATOM   92   O O   . ASN A 1 24  ? 4.282   9.088   15.648  1.00 52.51  ? 21   ASN A O   1 
ATOM   93   C CB  . ASN A 1 24  ? 1.293   8.395   16.867  1.00 57.97  ? 21   ASN A CB  1 
ATOM   94   C CG  . ASN A 1 24  ? 0.705   8.843   18.176  1.00 62.80  ? 21   ASN A CG  1 
ATOM   95   O OD1 . ASN A 1 24  ? 1.423   8.982   19.168  1.00 68.48  ? 21   ASN A OD1 1 
ATOM   96   N ND2 . ASN A 1 24  ? -0.603  9.091   18.191  1.00 64.03  ? 21   ASN A ND2 1 
ATOM   97   N N   . TYR A 1 25  ? 2.749   8.363   14.167  1.00 51.10  ? 22   TYR A N   1 
ATOM   98   C CA  . TYR A 1 25  ? 3.722   7.734   13.296  1.00 48.02  ? 22   TYR A CA  1 
ATOM   99   C C   . TYR A 1 25  ? 4.501   8.698   12.414  1.00 45.62  ? 22   TYR A C   1 
ATOM   100  O O   . TYR A 1 25  ? 5.701   8.506   12.226  1.00 45.92  ? 22   TYR A O   1 
ATOM   101  C CB  . TYR A 1 25  ? 3.026   6.645   12.464  1.00 46.65  ? 22   TYR A CB  1 
ATOM   102  C CG  . TYR A 1 25  ? 2.255   5.673   13.332  1.00 40.72  ? 22   TYR A CG  1 
ATOM   103  C CD1 . TYR A 1 25  ? 0.867   5.554   13.217  1.00 42.39  ? 22   TYR A CD1 1 
ATOM   104  C CD2 . TYR A 1 25  ? 2.899   4.932   14.324  1.00 41.75  ? 22   TYR A CD2 1 
ATOM   105  C CE1 . TYR A 1 25  ? 0.130   4.724   14.078  1.00 40.45  ? 22   TYR A CE1 1 
ATOM   106  C CE2 . TYR A 1 25  ? 2.175   4.101   15.193  1.00 44.66  ? 22   TYR A CE2 1 
ATOM   107  C CZ  . TYR A 1 25  ? 0.788   4.006   15.064  1.00 42.93  ? 22   TYR A CZ  1 
ATOM   108  O OH  . TYR A 1 25  ? 0.066   3.206   15.922  1.00 40.14  ? 22   TYR A OH  1 
ATOM   109  N N   . VAL A 1 26  ? 3.857   9.729   11.872  1.00 41.56  ? 23   VAL A N   1 
ATOM   110  C CA  . VAL A 1 26  ? 4.625   10.658  11.053  1.00 43.46  ? 23   VAL A CA  1 
ATOM   111  C C   . VAL A 1 26  ? 5.649   11.306  11.987  1.00 45.82  ? 23   VAL A C   1 
ATOM   112  O O   . VAL A 1 26  ? 6.795   11.555  11.595  1.00 48.27  ? 23   VAL A O   1 
ATOM   113  C CB  . VAL A 1 26  ? 3.744   11.753  10.346  1.00 39.76  ? 23   VAL A CB  1 
ATOM   114  C CG1 . VAL A 1 26  ? 2.293   11.365  10.374  1.00 40.99  ? 23   VAL A CG1 1 
ATOM   115  C CG2 . VAL A 1 26  ? 3.967   13.107  10.962  1.00 39.22  ? 23   VAL A CG2 1 
ATOM   116  N N   . LEU A 1 27  ? 5.243   11.553  13.229  1.00 43.92  ? 24   LEU A N   1 
ATOM   117  C CA  . LEU A 1 27  ? 6.149   12.149  14.194  1.00 45.76  ? 24   LEU A CA  1 
ATOM   118  C C   . LEU A 1 27  ? 7.293   11.200  14.492  1.00 45.63  ? 24   LEU A C   1 
ATOM   119  O O   . LEU A 1 27  ? 8.454   11.595  14.491  1.00 48.48  ? 24   LEU A O   1 
ATOM   120  C CB  . LEU A 1 27  ? 5.421   12.477  15.494  1.00 49.63  ? 24   LEU A CB  1 
ATOM   121  C CG  . LEU A 1 27  ? 4.469   13.670  15.483  1.00 50.82  ? 24   LEU A CG  1 
ATOM   122  C CD1 . LEU A 1 27  ? 3.842   13.829  16.868  1.00 47.48  ? 24   LEU A CD1 1 
ATOM   123  C CD2 . LEU A 1 27  ? 5.234   14.923  15.077  1.00 49.33  ? 24   LEU A CD2 1 
ATOM   124  N N   . ALA A 1 28  ? 6.965   9.945   14.764  1.00 46.22  ? 25   ALA A N   1 
ATOM   125  C CA  . ALA A 1 28  ? 7.989   8.948   15.056  1.00 45.85  ? 25   ALA A CA  1 
ATOM   126  C C   . ALA A 1 28  ? 8.951   8.884   13.873  1.00 47.02  ? 25   ALA A C   1 
ATOM   127  O O   . ALA A 1 28  ? 10.158  8.726   14.048  1.00 46.90  ? 25   ALA A O   1 
ATOM   128  C CB  . ALA A 1 28  ? 7.344   7.594   15.287  1.00 42.65  ? 25   ALA A CB  1 
ATOM   129  N N   . ALA A 1 29  ? 8.402   9.022   12.668  1.00 47.49  ? 26   ALA A N   1 
ATOM   130  C CA  . ALA A 1 29  ? 9.196   8.991   11.444  1.00 50.29  ? 26   ALA A CA  1 
ATOM   131  C C   . ALA A 1 29  ? 10.119  10.203  11.376  1.00 50.59  ? 26   ALA A C   1 
ATOM   132  O O   . ALA A 1 29  ? 11.330  10.066  11.184  1.00 49.65  ? 26   ALA A O   1 
ATOM   133  C CB  . ALA A 1 29  ? 8.278   8.966   10.221  1.00 47.96  ? 26   ALA A CB  1 
ATOM   134  N N   . LEU A 1 30  ? 9.539   11.389  11.535  1.00 50.99  ? 27   LEU A N   1 
ATOM   135  C CA  . LEU A 1 30  ? 10.308  12.629  11.502  1.00 51.83  ? 27   LEU A CA  1 
ATOM   136  C C   . LEU A 1 30  ? 11.387  12.618  12.572  1.00 52.22  ? 27   LEU A C   1 
ATOM   137  O O   . LEU A 1 30  ? 12.499  13.093  12.348  1.00 53.93  ? 27   LEU A O   1 
ATOM   138  C CB  . LEU A 1 30  ? 9.385   13.825  11.717  1.00 46.91  ? 27   LEU A CB  1 
ATOM   139  C CG  . LEU A 1 30  ? 8.326   13.969  10.631  1.00 45.83  ? 27   LEU A CG  1 
ATOM   140  C CD1 . LEU A 1 30  ? 7.339   15.037  11.002  1.00 42.30  ? 27   LEU A CD1 1 
ATOM   141  C CD2 . LEU A 1 30  ? 9.006   14.294  9.322   1.00 46.05  ? 27   LEU A CD2 1 
ATOM   142  N N   . THR A 1 31  ? 11.059  12.065  13.732  1.00 52.23  ? 28   THR A N   1 
ATOM   143  C CA  . THR A 1 31  ? 12.016  12.007  14.820  1.00 56.12  ? 28   THR A CA  1 
ATOM   144  C C   . THR A 1 31  ? 13.287  11.294  14.391  1.00 58.32  ? 28   THR A C   1 
ATOM   145  O O   . THR A 1 31  ? 14.384  11.797  14.608  1.00 61.09  ? 28   THR A O   1 
ATOM   146  C CB  . THR A 1 31  ? 11.419  11.305  16.046  1.00 56.87  ? 28   THR A CB  1 
ATOM   147  O OG1 . THR A 1 31  ? 10.427  12.155  16.636  1.00 57.55  ? 28   THR A OG1 1 
ATOM   148  C CG2 . THR A 1 31  ? 12.503  11.004  17.073  1.00 56.36  ? 28   THR A CG2 1 
ATOM   149  N N   . LEU A 1 32  ? 13.145  10.127  13.776  1.00 58.60  ? 29   LEU A N   1 
ATOM   150  C CA  . LEU A 1 32  ? 14.309  9.382   13.318  1.00 57.13  ? 29   LEU A CA  1 
ATOM   151  C C   . LEU A 1 32  ? 15.074  10.205  12.285  1.00 57.30  ? 29   LEU A C   1 
ATOM   152  O O   . LEU A 1 32  ? 16.269  10.460  12.434  1.00 56.50  ? 29   LEU A O   1 
ATOM   153  C CB  . LEU A 1 32  ? 13.873  8.049   12.710  1.00 55.34  ? 29   LEU A CB  1 
ATOM   154  C CG  . LEU A 1 32  ? 13.170  7.078   13.663  1.00 54.83  ? 29   LEU A CG  1 
ATOM   155  C CD1 . LEU A 1 32  ? 12.655  5.890   12.881  1.00 54.12  ? 29   LEU A CD1 1 
ATOM   156  C CD2 . LEU A 1 32  ? 14.132  6.627   14.755  1.00 53.18  ? 29   LEU A CD2 1 
ATOM   157  N N   . LEU A 1 33  ? 14.381  10.625  11.238  1.00 58.57  ? 30   LEU A N   1 
ATOM   158  C CA  . LEU A 1 33  ? 15.013  11.413  10.190  1.00 60.61  ? 30   LEU A CA  1 
ATOM   159  C C   . LEU A 1 33  ? 15.743  12.601  10.806  1.00 66.06  ? 30   LEU A C   1 
ATOM   160  O O   . LEU A 1 33  ? 16.970  12.699  10.730  1.00 66.95  ? 30   LEU A O   1 
ATOM   161  C CB  . LEU A 1 33  ? 13.956  11.890  9.193   1.00 54.98  ? 30   LEU A CB  1 
ATOM   162  C CG  . LEU A 1 33  ? 13.280  10.744  8.434   1.00 52.60  ? 30   LEU A CG  1 
ATOM   163  C CD1 . LEU A 1 33  ? 12.043  11.244  7.701   1.00 45.72  ? 30   LEU A CD1 1 
ATOM   164  C CD2 . LEU A 1 33  ? 14.295  10.129  7.466   1.00 51.09  ? 30   LEU A CD2 1 
ATOM   165  N N   . ASN A 1 34  ? 14.976  13.490  11.434  1.00 69.90  ? 31   ASN A N   1 
ATOM   166  C CA  . ASN A 1 34  ? 15.513  14.686  12.075  1.00 70.34  ? 31   ASN A CA  1 
ATOM   167  C C   . ASN A 1 34  ? 16.294  14.294  13.326  1.00 69.88  ? 31   ASN A C   1 
ATOM   168  O O   . ASN A 1 34  ? 16.169  14.923  14.369  1.00 71.26  ? 31   ASN A O   1 
ATOM   169  C CB  . ASN A 1 34  ? 14.355  15.628  12.433  1.00 71.95  ? 31   ASN A CB  1 
ATOM   170  C CG  . ASN A 1 34  ? 14.825  17.005  12.873  1.00 74.04  ? 31   ASN A CG  1 
ATOM   171  O OD1 . ASN A 1 34  ? 15.184  17.214  14.035  1.00 71.20  ? 31   ASN A OD1 1 
ATOM   172  N ND2 . ASN A 1 34  ? 14.827  17.956  11.938  1.00 73.07  ? 31   ASN A ND2 1 
ATOM   173  N N   . GLN A 1 35  ? 17.107  13.250  13.209  1.00 69.86  ? 32   GLN A N   1 
ATOM   174  C CA  . GLN A 1 35  ? 17.902  12.767  14.334  1.00 70.34  ? 32   GLN A CA  1 
ATOM   175  C C   . GLN A 1 35  ? 19.100  11.953  13.836  1.00 69.07  ? 32   GLN A C   1 
ATOM   176  O O   . GLN A 1 35  ? 19.672  11.153  14.580  1.00 67.60  ? 32   GLN A O   1 
ATOM   177  C CB  . GLN A 1 35  ? 17.025  11.903  15.245  1.00 72.03  ? 32   GLN A CB  1 
ATOM   178  C CG  . GLN A 1 35  ? 17.632  11.522  16.582  1.00 74.83  ? 32   GLN A CG  1 
ATOM   179  C CD  . GLN A 1 35  ? 16.703  10.640  17.394  1.00 77.59  ? 32   GLN A CD  1 
ATOM   180  O OE1 . GLN A 1 35  ? 16.438  9.491   17.028  1.00 77.80  ? 32   GLN A OE1 1 
ATOM   181  N NE2 . GLN A 1 35  ? 16.191  11.177  18.499  1.00 78.30  ? 32   GLN A NE2 1 
ATOM   182  N N   . GLY A 1 36  ? 19.464  12.153  12.571  1.00 68.72  ? 33   GLY A N   1 
ATOM   183  C CA  . GLY A 1 36  ? 20.593  11.439  12.002  1.00 68.76  ? 33   GLY A CA  1 
ATOM   184  C C   . GLY A 1 36  ? 20.235  10.434  10.922  1.00 68.32  ? 33   GLY A C   1 
ATOM   185  O O   . GLY A 1 36  ? 20.569  10.634  9.751   1.00 67.79  ? 33   GLY A O   1 
ATOM   186  N N   . VAL A 1 37  ? 19.564  9.355   11.325  1.00 67.15  ? 34   VAL A N   1 
ATOM   187  C CA  . VAL A 1 37  ? 19.143  8.282   10.423  1.00 64.89  ? 34   VAL A CA  1 
ATOM   188  C C   . VAL A 1 37  ? 18.640  8.826   9.091   1.00 64.02  ? 34   VAL A C   1 
ATOM   189  O O   . VAL A 1 37  ? 17.708  9.630   9.055   1.00 62.54  ? 34   VAL A O   1 
ATOM   190  C CB  . VAL A 1 37  ? 18.023  7.442   11.056  1.00 63.95  ? 34   VAL A CB  1 
ATOM   191  C CG1 . VAL A 1 37  ? 17.869  6.128   10.300  1.00 64.28  ? 34   VAL A CG1 1 
ATOM   192  C CG2 . VAL A 1 37  ? 18.327  7.198   12.526  1.00 62.12  ? 34   VAL A CG2 1 
ATOM   193  N N   . SER A 1 38  ? 19.252  8.377   7.999   1.00 63.03  ? 35   SER A N   1 
ATOM   194  C CA  . SER A 1 38  ? 18.869  8.856   6.673   1.00 64.26  ? 35   SER A CA  1 
ATOM   195  C C   . SER A 1 38  ? 17.882  7.947   5.935   1.00 62.15  ? 35   SER A C   1 
ATOM   196  O O   . SER A 1 38  ? 17.298  8.331   4.913   1.00 60.37  ? 35   SER A O   1 
ATOM   197  C CB  . SER A 1 38  ? 20.129  9.083   5.823   1.00 66.37  ? 35   SER A CB  1 
ATOM   198  O OG  . SER A 1 38  ? 20.944  7.928   5.800   1.00 70.35  ? 35   SER A OG  1 
ATOM   199  N N   . GLU A 1 39  ? 17.690  6.745   6.458   1.00 60.21  ? 36   GLU A N   1 
ATOM   200  C CA  . GLU A 1 39  ? 16.760  5.806   5.855   1.00 58.81  ? 36   GLU A CA  1 
ATOM   201  C C   . GLU A 1 39  ? 15.917  5.149   6.939   1.00 56.49  ? 36   GLU A C   1 
ATOM   202  O O   . GLU A 1 39  ? 16.438  4.597   7.910   1.00 54.89  ? 36   GLU A O   1 
ATOM   203  C CB  . GLU A 1 39  ? 17.521  4.741   5.051   1.00 60.00  ? 36   GLU A CB  1 
ATOM   204  C CG  . GLU A 1 39  ? 16.644  3.654   4.437   1.00 61.16  ? 36   GLU A CG  1 
ATOM   205  C CD  . GLU A 1 39  ? 17.399  2.779   3.441   1.00 63.07  ? 36   GLU A CD  1 
ATOM   206  O OE1 . GLU A 1 39  ? 16.833  1.763   2.979   1.00 65.40  ? 36   GLU A OE1 1 
ATOM   207  O OE2 . GLU A 1 39  ? 18.556  3.111   3.110   1.00 63.14  ? 36   GLU A OE2 1 
ATOM   208  N N   . ILE A 1 40  ? 14.606  5.239   6.782   1.00 53.79  ? 37   ILE A N   1 
ATOM   209  C CA  . ILE A 1 40  ? 13.701  4.626   7.735   1.00 51.76  ? 37   ILE A CA  1 
ATOM   210  C C   . ILE A 1 40  ? 12.703  3.799   6.944   1.00 50.37  ? 37   ILE A C   1 
ATOM   211  O O   . ILE A 1 40  ? 12.435  4.074   5.759   1.00 47.99  ? 37   ILE A O   1 
ATOM   212  C CB  . ILE A 1 40  ? 12.946  5.683   8.578   1.00 50.74  ? 37   ILE A CB  1 
ATOM   213  C CG1 . ILE A 1 40  ? 11.980  6.476   7.697   1.00 50.51  ? 37   ILE A CG1 1 
ATOM   214  C CG2 . ILE A 1 40  ? 13.943  6.616   9.238   1.00 49.63  ? 37   ILE A CG2 1 
ATOM   215  C CD1 . ILE A 1 40  ? 11.152  7.484   8.449   1.00 48.48  ? 37   ILE A CD1 1 
ATOM   216  N N   . VAL A 1 41  ? 12.159  2.781   7.596   1.00 47.28  ? 38   VAL A N   1 
ATOM   217  C CA  . VAL A 1 41  ? 11.195  1.911   6.947   1.00 44.90  ? 38   VAL A CA  1 
ATOM   218  C C   . VAL A 1 41  ? 9.871   1.876   7.689   1.00 43.55  ? 38   VAL A C   1 
ATOM   219  O O   . VAL A 1 41  ? 9.821   1.568   8.883   1.00 42.52  ? 38   VAL A O   1 
ATOM   220  C CB  . VAL A 1 41  ? 11.732  0.477   6.844   1.00 42.32  ? 38   VAL A CB  1 
ATOM   221  C CG1 . VAL A 1 41  ? 10.771  -0.376  6.041   1.00 41.69  ? 38   VAL A CG1 1 
ATOM   222  C CG2 . VAL A 1 41  ? 13.098  0.492   6.209   1.00 39.50  ? 38   VAL A CG2 1 
ATOM   223  N N   . ILE A 1 42  ? 8.804   2.199   6.968   1.00 41.45  ? 39   ILE A N   1 
ATOM   224  C CA  . ILE A 1 42  ? 7.465   2.181   7.537   1.00 41.64  ? 39   ILE A CA  1 
ATOM   225  C C   . ILE A 1 42  ? 6.819   0.825   7.215   1.00 40.79  ? 39   ILE A C   1 
ATOM   226  O O   . ILE A 1 42  ? 6.616   0.489   6.044   1.00 40.20  ? 39   ILE A O   1 
ATOM   227  C CB  . ILE A 1 42  ? 6.604   3.337   6.965   1.00 40.58  ? 39   ILE A CB  1 
ATOM   228  C CG1 . ILE A 1 42  ? 7.115   4.688   7.483   1.00 43.90  ? 39   ILE A CG1 1 
ATOM   229  C CG2 . ILE A 1 42  ? 5.161   3.184   7.424   1.00 41.70  ? 39   ILE A CG2 1 
ATOM   230  C CD1 . ILE A 1 42  ? 8.542   5.026   7.109   1.00 48.51  ? 39   ILE A CD1 1 
ATOM   231  N N   . LYS A 1 43  ? 6.517   0.047   8.257   1.00 38.81  ? 40   LYS A N   1 
ATOM   232  C CA  . LYS A 1 43  ? 5.915   -1.282  8.106   1.00 37.06  ? 40   LYS A CA  1 
ATOM   233  C C   . LYS A 1 43  ? 4.495   -1.405  8.662   1.00 37.23  ? 40   LYS A C   1 
ATOM   234  O O   . LYS A 1 43  ? 4.183   -0.865  9.725   1.00 40.09  ? 40   LYS A O   1 
ATOM   235  C CB  . LYS A 1 43  ? 6.774   -2.326  8.810   1.00 39.00  ? 40   LYS A CB  1 
ATOM   236  C CG  . LYS A 1 43  ? 8.195   -2.494  8.306   1.00 44.20  ? 40   LYS A CG  1 
ATOM   237  C CD  . LYS A 1 43  ? 8.853   -3.620  9.085   1.00 45.24  ? 40   LYS A CD  1 
ATOM   238  C CE  . LYS A 1 43  ? 10.279  -3.887  8.648   1.00 49.16  ? 40   LYS A CE  1 
ATOM   239  N NZ  . LYS A 1 43  ? 10.874  -5.006  9.449   1.00 49.08  ? 40   LYS A NZ  1 
ATOM   240  N N   . ALA A 1 44  ? 3.645   -2.150  7.961   1.00 36.59  ? 41   ALA A N   1 
ATOM   241  C CA  . ALA A 1 44  ? 2.266   -2.361  8.404   1.00 36.24  ? 41   ALA A CA  1 
ATOM   242  C C   . ALA A 1 44  ? 1.614   -3.604  7.786   1.00 37.77  ? 41   ALA A C   1 
ATOM   243  O O   . ALA A 1 44  ? 2.147   -4.202  6.849   1.00 37.86  ? 41   ALA A O   1 
ATOM   244  C CB  . ALA A 1 44  ? 1.429   -1.134  8.090   1.00 32.10  ? 41   ALA A CB  1 
ATOM   245  N N   . ARG A 1 45  ? 0.454   -3.982  8.325   1.00 39.06  ? 42   ARG A N   1 
ATOM   246  C CA  . ARG A 1 45  ? -0.310  -5.128  7.830   1.00 38.90  ? 42   ARG A CA  1 
ATOM   247  C C   . ARG A 1 45  ? -1.807  -4.883  7.957   1.00 38.45  ? 42   ARG A C   1 
ATOM   248  O O   . ARG A 1 45  ? -2.252  -4.061  8.759   1.00 38.67  ? 42   ARG A O   1 
ATOM   249  C CB  . ARG A 1 45  ? 0.062   -6.394  8.602   1.00 43.05  ? 42   ARG A CB  1 
ATOM   250  C CG  . ARG A 1 45  ? -0.142  -6.293  10.102  1.00 44.89  ? 42   ARG A CG  1 
ATOM   251  C CD  . ARG A 1 45  ? 0.835   -7.203  10.825  1.00 51.63  ? 42   ARG A CD  1 
ATOM   252  N NE  . ARG A 1 45  ? 0.352   -8.572  11.010  1.00 53.03  ? 42   ARG A NE  1 
ATOM   253  C CZ  . ARG A 1 45  ? 1.145   -9.641  11.055  1.00 54.38  ? 42   ARG A CZ  1 
ATOM   254  N NH1 . ARG A 1 45  ? 2.460   -9.507  10.912  1.00 52.82  ? 42   ARG A NH1 1 
ATOM   255  N NH2 . ARG A 1 45  ? 0.631   -10.844 11.274  1.00 55.31  ? 42   ARG A NH2 1 
ATOM   256  N N   . GLY A 1 46  ? -2.589  -5.608  7.168   1.00 38.50  ? 43   GLY A N   1 
ATOM   257  C CA  . GLY A 1 46  ? -4.025  -5.448  7.231   1.00 37.06  ? 43   GLY A CA  1 
ATOM   258  C C   . GLY A 1 46  ? -4.428  -4.030  6.899   1.00 41.61  ? 43   GLY A C   1 
ATOM   259  O O   . GLY A 1 46  ? -3.760  -3.355  6.113   1.00 43.95  ? 43   GLY A O   1 
ATOM   260  N N   . ARG A 1 47  ? -5.512  -3.565  7.505   1.00 41.98  ? 44   ARG A N   1 
ATOM   261  C CA  . ARG A 1 47  ? -6.012  -2.224  7.238   1.00 42.03  ? 44   ARG A CA  1 
ATOM   262  C C   . ARG A 1 47  ? -5.004  -1.123  7.518   1.00 39.89  ? 44   ARG A C   1 
ATOM   263  O O   . ARG A 1 47  ? -5.109  -0.032  6.969   1.00 42.39  ? 44   ARG A O   1 
ATOM   264  C CB  . ARG A 1 47  ? -7.286  -1.976  8.042   1.00 48.19  ? 44   ARG A CB  1 
ATOM   265  C CG  . ARG A 1 47  ? -8.430  -2.887  7.664   1.00 52.89  ? 44   ARG A CG  1 
ATOM   266  C CD  . ARG A 1 47  ? -9.493  -2.888  8.741   1.00 60.49  ? 44   ARG A CD  1 
ATOM   267  N NE  . ARG A 1 47  ? -10.609 -3.768  8.396   1.00 69.27  ? 44   ARG A NE  1 
ATOM   268  C CZ  . ARG A 1 47  ? -11.680 -3.949  9.162   1.00 71.65  ? 44   ARG A CZ  1 
ATOM   269  N NH1 . ARG A 1 47  ? -11.778 -3.307  10.321  1.00 72.41  ? 44   ARG A NH1 1 
ATOM   270  N NH2 . ARG A 1 47  ? -12.652 -4.770  8.775   1.00 71.43  ? 44   ARG A NH2 1 
ATOM   271  N N   . ALA A 1 48  ? -4.018  -1.405  8.359   1.00 38.13  ? 45   ALA A N   1 
ATOM   272  C CA  . ALA A 1 48  ? -3.016  -0.401  8.696   1.00 36.23  ? 45   ALA A CA  1 
ATOM   273  C C   . ALA A 1 48  ? -2.178  0.022   7.486   1.00 37.30  ? 45   ALA A C   1 
ATOM   274  O O   . ALA A 1 48  ? -1.531  1.077   7.494   1.00 37.71  ? 45   ALA A O   1 
ATOM   275  C CB  . ALA A 1 48  ? -2.123  -0.924  9.798   1.00 37.30  ? 45   ALA A CB  1 
ATOM   276  N N   . ILE A 1 49  ? -2.193  -0.804  6.445   1.00 37.16  ? 46   ILE A N   1 
ATOM   277  C CA  . ILE A 1 49  ? -1.439  -0.519  5.230   1.00 34.88  ? 46   ILE A CA  1 
ATOM   278  C C   . ILE A 1 49  ? -1.738  0.888   4.695   1.00 35.41  ? 46   ILE A C   1 
ATOM   279  O O   . ILE A 1 49  ? -0.829  1.579   4.250   1.00 36.58  ? 46   ILE A O   1 
ATOM   280  C CB  . ILE A 1 49  ? -1.725  -1.616  4.162   1.00 32.38  ? 46   ILE A CB  1 
ATOM   281  C CG1 . ILE A 1 49  ? -1.079  -2.930  4.621   1.00 30.21  ? 46   ILE A CG1 1 
ATOM   282  C CG2 . ILE A 1 49  ? -1.208  -1.210  2.799   1.00 26.68  ? 46   ILE A CG2 1 
ATOM   283  C CD1 . ILE A 1 49  ? -1.260  -4.091  3.671   1.00 26.01  ? 46   ILE A CD1 1 
ATOM   284  N N   . SER A 1 50  ? -2.995  1.321   4.765   1.00 37.40  ? 47   SER A N   1 
ATOM   285  C CA  . SER A 1 50  ? -3.382  2.658   4.294   1.00 39.14  ? 47   SER A CA  1 
ATOM   286  C C   . SER A 1 50  ? -2.708  3.756   5.116   1.00 39.17  ? 47   SER A C   1 
ATOM   287  O O   . SER A 1 50  ? -2.177  4.724   4.574   1.00 36.28  ? 47   SER A O   1 
ATOM   288  C CB  . SER A 1 50  ? -4.895  2.843   4.389   1.00 41.03  ? 47   SER A CB  1 
ATOM   289  O OG  . SER A 1 50  ? -5.575  1.805   3.709   1.00 49.36  ? 47   SER A OG  1 
ATOM   290  N N   . LYS A 1 51  ? -2.737  3.604   6.432   1.00 39.25  ? 48   LYS A N   1 
ATOM   291  C CA  . LYS A 1 51  ? -2.118  4.581   7.316   1.00 41.48  ? 48   LYS A CA  1 
ATOM   292  C C   . LYS A 1 51  ? -0.613  4.674   7.022   1.00 41.39  ? 48   LYS A C   1 
ATOM   293  O O   . LYS A 1 51  ? -0.030  5.761   7.024   1.00 40.57  ? 48   LYS A O   1 
ATOM   294  C CB  . LYS A 1 51  ? -2.350  4.175   8.772   1.00 40.11  ? 48   LYS A CB  1 
ATOM   295  C CG  . LYS A 1 51  ? -2.161  5.292   9.767   1.00 45.43  ? 48   LYS A CG  1 
ATOM   296  C CD  . LYS A 1 51  ? -2.413  4.808   11.195  1.00 49.92  ? 48   LYS A CD  1 
ATOM   297  C CE  . LYS A 1 51  ? -3.856  4.371   11.411  1.00 52.04  ? 48   LYS A CE  1 
ATOM   298  N NZ  . LYS A 1 51  ? -3.987  3.536   12.649  1.00 54.14  ? 48   LYS A NZ  1 
ATOM   299  N N   . ALA A 1 52  ? 0.011   3.523   6.775   1.00 41.05  ? 49   ALA A N   1 
ATOM   300  C CA  . ALA A 1 52  ? 1.439   3.470   6.475   1.00 39.38  ? 49   ALA A CA  1 
ATOM   301  C C   . ALA A 1 52  ? 1.736   4.348   5.267   1.00 39.56  ? 49   ALA A C   1 
ATOM   302  O O   . ALA A 1 52  ? 2.713   5.100   5.253   1.00 41.02  ? 49   ALA A O   1 
ATOM   303  C CB  . ALA A 1 52  ? 1.857   2.041   6.191   1.00 36.90  ? 49   ALA A CB  1 
ATOM   304  N N   . VAL A 1 53  ? 0.898   4.245   4.243   1.00 35.59  ? 50   VAL A N   1 
ATOM   305  C CA  . VAL A 1 53  ? 1.095   5.062   3.068   1.00 35.32  ? 50   VAL A CA  1 
ATOM   306  C C   . VAL A 1 53  ? 0.854   6.515   3.464   1.00 37.33  ? 50   VAL A C   1 
ATOM   307  O O   . VAL A 1 53  ? 1.639   7.387   3.101   1.00 38.91  ? 50   VAL A O   1 
ATOM   308  C CB  . VAL A 1 53  ? 0.129   4.661   1.915   1.00 33.49  ? 50   VAL A CB  1 
ATOM   309  C CG1 . VAL A 1 53  ? 0.255   5.643   0.754   1.00 28.27  ? 50   VAL A CG1 1 
ATOM   310  C CG2 . VAL A 1 53  ? 0.461   3.262   1.429   1.00 32.95  ? 50   VAL A CG2 1 
ATOM   311  N N   . ASP A 1 54  ? -0.224  6.769   4.211   1.00 39.40  ? 51   ASP A N   1 
ATOM   312  C CA  . ASP A 1 54  ? -0.554  8.126   4.645   1.00 39.20  ? 51   ASP A CA  1 
ATOM   313  C C   . ASP A 1 54  ? 0.668   8.708   5.345   1.00 39.23  ? 51   ASP A C   1 
ATOM   314  O O   . ASP A 1 54  ? 1.095   9.829   5.063   1.00 40.01  ? 51   ASP A O   1 
ATOM   315  C CB  . ASP A 1 54  ? -1.724  8.148   5.652   1.00 41.22  ? 51   ASP A CB  1 
ATOM   316  C CG  . ASP A 1 54  ? -3.078  7.782   5.039   1.00 42.71  ? 51   ASP A CG  1 
ATOM   317  O OD1 . ASP A 1 54  ? -3.403  8.238   3.915   1.00 38.88  ? 51   ASP A OD1 1 
ATOM   318  O OD2 . ASP A 1 54  ? -3.839  7.048   5.716   1.00 44.32  ? 51   ASP A OD2 1 
ATOM   319  N N   . THR A 1 55  ? 1.226   7.936   6.267   1.00 35.44  ? 52   THR A N   1 
ATOM   320  C CA  . THR A 1 55  ? 2.382   8.388   7.015   1.00 38.33  ? 52   THR A CA  1 
ATOM   321  C C   . THR A 1 55  ? 3.483   8.843   6.074   1.00 41.27  ? 52   THR A C   1 
ATOM   322  O O   . THR A 1 55  ? 3.995   9.953   6.189   1.00 43.67  ? 52   THR A O   1 
ATOM   323  C CB  . THR A 1 55  ? 2.918   7.275   7.909   1.00 36.62  ? 52   THR A CB  1 
ATOM   324  O OG1 . THR A 1 55  ? 1.928   6.941   8.882   1.00 36.10  ? 52   THR A OG1 1 
ATOM   325  C CG2 . THR A 1 55  ? 4.183   7.712   8.604   1.00 33.21  ? 52   THR A CG2 1 
ATOM   326  N N   . VAL A 1 56  ? 3.855   7.978   5.144   1.00 42.81  ? 53   VAL A N   1 
ATOM   327  C CA  . VAL A 1 56  ? 4.891   8.324   4.192   1.00 40.92  ? 53   VAL A CA  1 
ATOM   328  C C   . VAL A 1 56  ? 4.557   9.634   3.481   1.00 40.83  ? 53   VAL A C   1 
ATOM   329  O O   . VAL A 1 56  ? 5.360   10.563  3.484   1.00 41.38  ? 53   VAL A O   1 
ATOM   330  C CB  . VAL A 1 56  ? 5.087   7.194   3.167   1.00 37.58  ? 53   VAL A CB  1 
ATOM   331  C CG1 . VAL A 1 56  ? 5.890   7.693   1.982   1.00 37.77  ? 53   VAL A CG1 1 
ATOM   332  C CG2 . VAL A 1 56  ? 5.800   6.040   3.829   1.00 34.61  ? 53   VAL A CG2 1 
ATOM   333  N N   . GLU A 1 57  ? 3.371   9.720   2.891   1.00 40.05  ? 54   GLU A N   1 
ATOM   334  C CA  . GLU A 1 57  ? 2.983   10.936  2.185   1.00 42.81  ? 54   GLU A CA  1 
ATOM   335  C C   . GLU A 1 57  ? 3.025   12.201  3.054   1.00 45.36  ? 54   GLU A C   1 
ATOM   336  O O   . GLU A 1 57  ? 3.606   13.215  2.660   1.00 46.66  ? 54   GLU A O   1 
ATOM   337  C CB  . GLU A 1 57  ? 1.593   10.769  1.568   1.00 41.54  ? 54   GLU A CB  1 
ATOM   338  C CG  . GLU A 1 57  ? 1.579   9.842   0.367   1.00 41.53  ? 54   GLU A CG  1 
ATOM   339  C CD  . GLU A 1 57  ? 2.610   10.231  -0.678  1.00 42.86  ? 54   GLU A CD  1 
ATOM   340  O OE1 . GLU A 1 57  ? 2.408   11.227  -1.401  1.00 41.74  ? 54   GLU A OE1 1 
ATOM   341  O OE2 . GLU A 1 57  ? 3.640   9.538   -0.771  1.00 47.86  ? 54   GLU A OE2 1 
ATOM   342  N N   . ILE A 1 58  ? 2.417   12.149  4.232   1.00 44.79  ? 55   ILE A N   1 
ATOM   343  C CA  . ILE A 1 58  ? 2.423   13.304  5.112   1.00 45.34  ? 55   ILE A CA  1 
ATOM   344  C C   . ILE A 1 58  ? 3.853   13.759  5.387   1.00 46.71  ? 55   ILE A C   1 
ATOM   345  O O   . ILE A 1 58  ? 4.163   14.953  5.320   1.00 44.89  ? 55   ILE A O   1 
ATOM   346  C CB  . ILE A 1 58  ? 1.698   12.982  6.431   1.00 47.39  ? 55   ILE A CB  1 
ATOM   347  C CG1 . ILE A 1 58  ? 0.185   12.953  6.168   1.00 43.89  ? 55   ILE A CG1 1 
ATOM   348  C CG2 . ILE A 1 58  ? 2.090   13.996  7.520   1.00 43.84  ? 55   ILE A CG2 1 
ATOM   349  C CD1 . ILE A 1 58  ? -0.628  12.336  7.280   1.00 42.59  ? 55   ILE A CD1 1 
ATOM   350  N N   . VAL A 1 59  ? 4.728   12.805  5.679   1.00 46.55  ? 56   VAL A N   1 
ATOM   351  C CA  . VAL A 1 59  ? 6.119   13.121  5.948   1.00 46.46  ? 56   VAL A CA  1 
ATOM   352  C C   . VAL A 1 59  ? 6.770   13.808  4.751   1.00 49.53  ? 56   VAL A C   1 
ATOM   353  O O   . VAL A 1 59  ? 7.244   14.935  4.857   1.00 50.62  ? 56   VAL A O   1 
ATOM   354  C CB  . VAL A 1 59  ? 6.909   11.850  6.294   1.00 45.33  ? 56   VAL A CB  1 
ATOM   355  C CG1 . VAL A 1 59  ? 8.400   12.165  6.439   1.00 42.52  ? 56   VAL A CG1 1 
ATOM   356  C CG2 . VAL A 1 59  ? 6.358   11.252  7.581   1.00 45.53  ? 56   VAL A CG2 1 
ATOM   357  N N   . ARG A 1 60  ? 6.767   13.140  3.606   1.00 51.70  ? 57   ARG A N   1 
ATOM   358  C CA  . ARG A 1 60  ? 7.394   13.689  2.407   1.00 54.65  ? 57   ARG A CA  1 
ATOM   359  C C   . ARG A 1 60  ? 6.746   14.981  1.897   1.00 55.24  ? 57   ARG A C   1 
ATOM   360  O O   . ARG A 1 60  ? 7.438   15.874  1.411   1.00 55.77  ? 57   ARG A O   1 
ATOM   361  C CB  . ARG A 1 60  ? 7.406   12.634  1.283   1.00 53.08  ? 57   ARG A CB  1 
ATOM   362  C CG  . ARG A 1 60  ? 6.108   12.567  0.505   1.00 55.30  ? 57   ARG A CG  1 
ATOM   363  C CD  . ARG A 1 60  ? 5.925   11.266  -0.253  1.00 58.71  ? 57   ARG A CD  1 
ATOM   364  N NE  . ARG A 1 60  ? 6.872   11.089  -1.347  1.00 59.82  ? 57   ARG A NE  1 
ATOM   365  C CZ  . ARG A 1 60  ? 6.593   10.420  -2.461  1.00 61.02  ? 57   ARG A CZ  1 
ATOM   366  N NH1 . ARG A 1 60  ? 5.396   9.868   -2.631  1.00 56.37  ? 57   ARG A NH1 1 
ATOM   367  N NH2 . ARG A 1 60  ? 7.513   10.303  -3.411  1.00 63.85  ? 57   ARG A NH2 1 
ATOM   368  N N   . ASN A 1 61  ? 5.430   15.099  2.024   1.00 57.20  ? 58   ASN A N   1 
ATOM   369  C CA  . ASN A 1 61  ? 4.740   16.290  1.525   1.00 60.13  ? 58   ASN A CA  1 
ATOM   370  C C   . ASN A 1 61  ? 4.515   17.473  2.484   1.00 60.67  ? 58   ASN A C   1 
ATOM   371  O O   . ASN A 1 61  ? 4.888   18.598  2.162   1.00 60.51  ? 58   ASN A O   1 
ATOM   372  C CB  . ASN A 1 61  ? 3.409   15.870  0.891   1.00 61.48  ? 58   ASN A CB  1 
ATOM   373  C CG  . ASN A 1 61  ? 3.591   15.235  -0.489  1.00 64.62  ? 58   ASN A CG  1 
ATOM   374  O OD1 . ASN A 1 61  ? 2.787   14.405  -0.913  1.00 65.11  ? 58   ASN A OD1 1 
ATOM   375  N ND2 . ASN A 1 61  ? 4.642   15.642  -1.199  1.00 65.16  ? 58   ASN A ND2 1 
ATOM   376  N N   . ARG A 1 62  ? 3.930   17.239  3.656   1.00 61.78  ? 59   ARG A N   1 
ATOM   377  C CA  . ARG A 1 62  ? 3.666   18.335  4.593   1.00 62.61  ? 59   ARG A CA  1 
ATOM   378  C C   . ARG A 1 62  ? 4.768   18.730  5.578   1.00 63.62  ? 59   ARG A C   1 
ATOM   379  O O   . ARG A 1 62  ? 4.635   19.737  6.265   1.00 66.29  ? 59   ARG A O   1 
ATOM   380  C CB  . ARG A 1 62  ? 2.401   18.051  5.406   1.00 60.29  ? 59   ARG A CB  1 
ATOM   381  C CG  . ARG A 1 62  ? 1.155   17.858  4.587   1.00 64.06  ? 59   ARG A CG  1 
ATOM   382  C CD  . ARG A 1 62  ? -0.058  17.957  5.480   1.00 68.25  ? 59   ARG A CD  1 
ATOM   383  N NE  . ARG A 1 62  ? -0.307  19.342  5.870   1.00 72.06  ? 59   ARG A NE  1 
ATOM   384  C CZ  . ARG A 1 62  ? -1.084  19.711  6.883   1.00 74.85  ? 59   ARG A CZ  1 
ATOM   385  N NH1 . ARG A 1 62  ? -1.697  18.806  7.634   1.00 76.78  ? 59   ARG A NH1 1 
ATOM   386  N NH2 . ARG A 1 62  ? -1.260  20.995  7.139   1.00 75.64  ? 59   ARG A NH2 1 
ATOM   387  N N   . PHE A 1 63  ? 5.845   17.964  5.670   1.00 63.01  ? 60   PHE A N   1 
ATOM   388  C CA  . PHE A 1 63  ? 6.889   18.321  6.618   1.00 64.16  ? 60   PHE A CA  1 
ATOM   389  C C   . PHE A 1 63  ? 8.269   18.447  6.006   1.00 65.20  ? 60   PHE A C   1 
ATOM   390  O O   . PHE A 1 63  ? 9.081   19.244  6.468   1.00 66.95  ? 60   PHE A O   1 
ATOM   391  C CB  . PHE A 1 63  ? 6.946   17.305  7.760   1.00 67.07  ? 60   PHE A CB  1 
ATOM   392  C CG  . PHE A 1 63  ? 5.754   17.343  8.678   1.00 69.88  ? 60   PHE A CG  1 
ATOM   393  C CD1 . PHE A 1 63  ? 4.485   17.005  8.217   1.00 71.30  ? 60   PHE A CD1 1 
ATOM   394  C CD2 . PHE A 1 63  ? 5.909   17.681  10.022  1.00 71.01  ? 60   PHE A CD2 1 
ATOM   395  C CE1 . PHE A 1 63  ? 3.389   16.998  9.083   1.00 72.51  ? 60   PHE A CE1 1 
ATOM   396  C CE2 . PHE A 1 63  ? 4.821   17.675  10.897  1.00 70.47  ? 60   PHE A CE2 1 
ATOM   397  C CZ  . PHE A 1 63  ? 3.560   17.334  10.427  1.00 71.88  ? 60   PHE A CZ  1 
ATOM   398  N N   . LEU A 1 64  ? 8.548   17.652  4.979   1.00 64.95  ? 61   LEU A N   1 
ATOM   399  C CA  . LEU A 1 64  ? 9.856   17.694  4.329   1.00 63.85  ? 61   LEU A CA  1 
ATOM   400  C C   . LEU A 1 64  ? 9.723   17.668  2.810   1.00 64.12  ? 61   LEU A C   1 
ATOM   401  O O   . LEU A 1 64  ? 10.347  16.851  2.139   1.00 66.26  ? 61   LEU A O   1 
ATOM   402  C CB  . LEU A 1 64  ? 10.713  16.508  4.794   1.00 60.29  ? 61   LEU A CB  1 
ATOM   403  C CG  . LEU A 1 64  ? 10.973  16.409  6.298   1.00 60.93  ? 61   LEU A CG  1 
ATOM   404  C CD1 . LEU A 1 64  ? 11.826  15.190  6.611   1.00 55.08  ? 61   LEU A CD1 1 
ATOM   405  C CD2 . LEU A 1 64  ? 11.670  17.680  6.772   1.00 60.81  ? 61   LEU A CD2 1 
ATOM   406  N N   . PRO A 1 65  ? 8.917   18.577  2.245   1.00 64.40  ? 62   PRO A N   1 
ATOM   407  C CA  . PRO A 1 65  ? 8.751   18.595  0.790   1.00 64.68  ? 62   PRO A CA  1 
ATOM   408  C C   . PRO A 1 65  ? 10.068  18.646  0.032   1.00 65.69  ? 62   PRO A C   1 
ATOM   409  O O   . PRO A 1 65  ? 10.970  19.392  0.390   1.00 66.59  ? 62   PRO A O   1 
ATOM   410  C CB  . PRO A 1 65  ? 7.894   19.837  0.556   1.00 63.57  ? 62   PRO A CB  1 
ATOM   411  C CG  . PRO A 1 65  ? 8.276   20.731  1.700   1.00 62.05  ? 62   PRO A CG  1 
ATOM   412  C CD  . PRO A 1 65  ? 8.303   19.767  2.858   1.00 62.90  ? 62   PRO A CD  1 
ATOM   413  N N   . ASP A 1 66  ? 10.174  17.823  -1.005  1.00 68.71  ? 63   ASP A N   1 
ATOM   414  C CA  . ASP A 1 66  ? 11.364  17.759  -1.848  1.00 69.71  ? 63   ASP A CA  1 
ATOM   415  C C   . ASP A 1 66  ? 12.658  17.319  -1.155  1.00 68.34  ? 63   ASP A C   1 
ATOM   416  O O   . ASP A 1 66  ? 13.739  17.432  -1.730  1.00 69.20  ? 63   ASP A O   1 
ATOM   417  C CB  . ASP A 1 66  ? 11.586  19.112  -2.526  1.00 71.85  ? 63   ASP A CB  1 
ATOM   418  C CG  . ASP A 1 66  ? 11.826  18.976  -4.010  1.00 76.44  ? 63   ASP A CG  1 
ATOM   419  O OD1 . ASP A 1 66  ? 12.036  20.012  -4.678  1.00 78.06  ? 63   ASP A OD1 1 
ATOM   420  O OD2 . ASP A 1 66  ? 11.803  17.827  -4.507  1.00 77.55  ? 63   ASP A OD2 1 
ATOM   421  N N   . LYS A 1 67  ? 12.554  16.811  0.066   1.00 65.98  ? 64   LYS A N   1 
ATOM   422  C CA  . LYS A 1 67  ? 13.734  16.366  0.795   1.00 65.66  ? 64   LYS A CA  1 
ATOM   423  C C   . LYS A 1 67  ? 13.726  14.873  1.120   1.00 63.60  ? 64   LYS A C   1 
ATOM   424  O O   . LYS A 1 67  ? 14.654  14.362  1.750   1.00 62.38  ? 64   LYS A O   1 
ATOM   425  C CB  . LYS A 1 67  ? 13.878  17.169  2.087   1.00 66.57  ? 64   LYS A CB  1 
ATOM   426  C CG  . LYS A 1 67  ? 14.221  18.620  1.849   1.00 69.27  ? 64   LYS A CG  1 
ATOM   427  C CD  . LYS A 1 67  ? 14.291  19.406  3.148   1.00 75.18  ? 64   LYS A CD  1 
ATOM   428  C CE  . LYS A 1 67  ? 14.521  20.892  2.863   1.00 80.76  ? 64   LYS A CE  1 
ATOM   429  N NZ  . LYS A 1 67  ? 14.429  21.755  4.079   1.00 83.77  ? 64   LYS A NZ  1 
ATOM   430  N N   . ILE A 1 68  ? 12.687  14.175  0.679   1.00 61.16  ? 65   ILE A N   1 
ATOM   431  C CA  . ILE A 1 68  ? 12.563  12.748  0.949   1.00 58.52  ? 65   ILE A CA  1 
ATOM   432  C C   . ILE A 1 68  ? 12.038  11.956  -0.236  1.00 56.98  ? 65   ILE A C   1 
ATOM   433  O O   . ILE A 1 68  ? 11.046  12.330  -0.865  1.00 57.33  ? 65   ILE A O   1 
ATOM   434  C CB  . ILE A 1 68  ? 11.627  12.495  2.144   1.00 57.80  ? 65   ILE A CB  1 
ATOM   435  C CG1 . ILE A 1 68  ? 12.314  12.942  3.433   1.00 56.70  ? 65   ILE A CG1 1 
ATOM   436  C CG2 . ILE A 1 68  ? 11.240  11.020  2.208   1.00 56.71  ? 65   ILE A CG2 1 
ATOM   437  C CD1 . ILE A 1 68  ? 11.539  12.607  4.674   1.00 61.03  ? 65   ILE A CD1 1 
ATOM   438  N N   . GLU A 1 69  ? 12.706  10.853  -0.542  1.00 53.52  ? 66   GLU A N   1 
ATOM   439  C CA  . GLU A 1 69  ? 12.265  10.022  -1.649  1.00 52.44  ? 66   GLU A CA  1 
ATOM   440  C C   . GLU A 1 69  ? 11.974  8.601   -1.194  1.00 48.21  ? 66   GLU A C   1 
ATOM   441  O O   . GLU A 1 69  ? 12.466  8.146   -0.156  1.00 47.26  ? 66   GLU A O   1 
ATOM   442  C CB  . GLU A 1 69  ? 13.308  10.014  -2.778  1.00 54.26  ? 66   GLU A CB  1 
ATOM   443  C CG  . GLU A 1 69  ? 14.735  9.798   -2.315  1.00 59.82  ? 66   GLU A CG  1 
ATOM   444  C CD  . GLU A 1 69  ? 15.689  9.575   -3.465  1.00 62.16  ? 66   GLU A CD  1 
ATOM   445  O OE1 . GLU A 1 69  ? 15.687  10.395  -4.407  1.00 65.36  ? 66   GLU A OE1 1 
ATOM   446  O OE2 . GLU A 1 69  ? 16.442  8.576   -3.425  1.00 65.65  ? 66   GLU A OE2 1 
ATOM   447  N N   . ILE A 1 70  ? 11.143  7.913   -1.964  1.00 45.14  ? 67   ILE A N   1 
ATOM   448  C CA  . ILE A 1 70  ? 10.802  6.538   -1.654  1.00 44.88  ? 67   ILE A CA  1 
ATOM   449  C C   . ILE A 1 70  ? 11.865  5.657   -2.295  1.00 43.18  ? 67   ILE A C   1 
ATOM   450  O O   . ILE A 1 70  ? 12.100  5.722   -3.501  1.00 42.08  ? 67   ILE A O   1 
ATOM   451  C CB  . ILE A 1 70  ? 9.406   6.183   -2.192  1.00 44.82  ? 67   ILE A CB  1 
ATOM   452  C CG1 . ILE A 1 70  ? 8.349   6.996   -1.423  1.00 43.56  ? 67   ILE A CG1 1 
ATOM   453  C CG2 . ILE A 1 70  ? 9.170   4.681   -2.064  1.00 42.20  ? 67   ILE A CG2 1 
ATOM   454  C CD1 . ILE A 1 70  ? 6.930   6.761   -1.858  1.00 44.35  ? 67   ILE A CD1 1 
ATOM   455  N N   . LYS A 1 71  ? 12.538  4.858   -1.481  1.00 42.47  ? 68   LYS A N   1 
ATOM   456  C CA  . LYS A 1 71  ? 13.578  3.999   -2.006  1.00 42.39  ? 68   LYS A CA  1 
ATOM   457  C C   . LYS A 1 71  ? 13.013  2.693   -2.541  1.00 45.14  ? 68   LYS A C   1 
ATOM   458  O O   . LYS A 1 71  ? 13.369  2.257   -3.632  1.00 45.46  ? 68   LYS A O   1 
ATOM   459  C CB  . LYS A 1 71  ? 14.609  3.698   -0.931  1.00 40.75  ? 68   LYS A CB  1 
ATOM   460  C CG  . LYS A 1 71  ? 15.658  2.703   -1.378  1.00 42.88  ? 68   LYS A CG  1 
ATOM   461  C CD  . LYS A 1 71  ? 16.572  2.352   -0.236  1.00 45.97  ? 68   LYS A CD  1 
ATOM   462  C CE  . LYS A 1 71  ? 17.528  1.257   -0.635  1.00 52.18  ? 68   LYS A CE  1 
ATOM   463  N NZ  . LYS A 1 71  ? 18.361  0.832   0.524   1.00 58.30  ? 68   LYS A NZ  1 
ATOM   464  N N   . GLU A 1 72  ? 12.133  2.069   -1.767  1.00 45.32  ? 69   GLU A N   1 
ATOM   465  C CA  . GLU A 1 72  ? 11.536  0.812   -2.173  1.00 44.80  ? 69   GLU A CA  1 
ATOM   466  C C   . GLU A 1 72  ? 10.231  0.531   -1.423  1.00 44.08  ? 69   GLU A C   1 
ATOM   467  O O   . GLU A 1 72  ? 10.086  0.876   -0.250  1.00 43.21  ? 69   GLU A O   1 
ATOM   468  C CB  . GLU A 1 72  ? 12.532  -0.324  -1.936  1.00 44.19  ? 69   GLU A CB  1 
ATOM   469  C CG  . GLU A 1 72  ? 11.949  -1.705  -2.123  1.00 49.94  ? 69   GLU A CG  1 
ATOM   470  C CD  . GLU A 1 72  ? 12.882  -2.805  -1.643  1.00 54.53  ? 69   GLU A CD  1 
ATOM   471  O OE1 . GLU A 1 72  ? 13.437  -2.680  -0.526  1.00 57.49  ? 69   GLU A OE1 1 
ATOM   472  O OE2 . GLU A 1 72  ? 13.047  -3.800  -2.380  1.00 57.18  ? 69   GLU A OE2 1 
ATOM   473  N N   . ILE A 1 73  ? 9.280   -0.078  -2.128  1.00 40.89  ? 70   ILE A N   1 
ATOM   474  C CA  . ILE A 1 73  ? 8.000   -0.448  -1.553  1.00 39.29  ? 70   ILE A CA  1 
ATOM   475  C C   . ILE A 1 73  ? 7.920   -1.945  -1.757  1.00 42.59  ? 70   ILE A C   1 
ATOM   476  O O   . ILE A 1 73  ? 8.285   -2.450  -2.813  1.00 44.45  ? 70   ILE A O   1 
ATOM   477  C CB  . ILE A 1 73  ? 6.823   0.223   -2.281  1.00 37.47  ? 70   ILE A CB  1 
ATOM   478  C CG1 . ILE A 1 73  ? 6.923   1.742   -2.133  1.00 33.08  ? 70   ILE A CG1 1 
ATOM   479  C CG2 . ILE A 1 73  ? 5.501   -0.289  -1.715  1.00 30.83  ? 70   ILE A CG2 1 
ATOM   480  C CD1 . ILE A 1 73  ? 5.895   2.499   -2.916  1.00 29.81  ? 70   ILE A CD1 1 
ATOM   481  N N   . ARG A 1 74  ? 7.441   -2.658  -0.752  1.00 44.73  ? 71   ARG A N   1 
ATOM   482  C CA  . ARG A 1 74  ? 7.364   -4.101  -0.846  1.00 45.86  ? 71   ARG A CA  1 
ATOM   483  C C   . ARG A 1 74  ? 6.111   -4.595  -0.142  1.00 45.28  ? 71   ARG A C   1 
ATOM   484  O O   . ARG A 1 74  ? 5.916   -4.335  1.046   1.00 45.89  ? 71   ARG A O   1 
ATOM   485  C CB  . ARG A 1 74  ? 8.594   -4.705  -0.186  1.00 50.23  ? 71   ARG A CB  1 
ATOM   486  C CG  . ARG A 1 74  ? 8.975   -6.087  -0.667  1.00 62.88  ? 71   ARG A CG  1 
ATOM   487  C CD  . ARG A 1 74  ? 10.054  -6.649  0.239   1.00 69.41  ? 71   ARG A CD  1 
ATOM   488  N NE  . ARG A 1 74  ? 10.988  -5.599  0.628   1.00 76.26  ? 71   ARG A NE  1 
ATOM   489  C CZ  . ARG A 1 74  ? 11.801  -5.667  1.676   1.00 81.69  ? 71   ARG A CZ  1 
ATOM   490  N NH1 . ARG A 1 74  ? 11.806  -6.747  2.455   1.00 82.66  ? 71   ARG A NH1 1 
ATOM   491  N NH2 . ARG A 1 74  ? 12.600  -4.642  1.959   1.00 84.00  ? 71   ARG A NH2 1 
ATOM   492  N N   . VAL A 1 75  ? 5.265   -5.307  -0.877  1.00 41.30  ? 72   VAL A N   1 
ATOM   493  C CA  . VAL A 1 75  ? 4.040   -5.839  -0.315  1.00 38.70  ? 72   VAL A CA  1 
ATOM   494  C C   . VAL A 1 75  ? 4.153   -7.347  -0.233  1.00 40.68  ? 72   VAL A C   1 
ATOM   495  O O   . VAL A 1 75  ? 4.876   -7.957  -1.011  1.00 43.72  ? 72   VAL A O   1 
ATOM   496  C CB  . VAL A 1 75  ? 2.833   -5.468  -1.180  1.00 36.42  ? 72   VAL A CB  1 
ATOM   497  C CG1 . VAL A 1 75  ? 2.685   -3.961  -1.209  1.00 37.56  ? 72   VAL A CG1 1 
ATOM   498  C CG2 . VAL A 1 75  ? 3.007   -6.001  -2.582  1.00 29.73  ? 72   VAL A CG2 1 
ATOM   499  N N   . GLY A 1 76  ? 3.443   -7.956  0.707   1.00 41.64  ? 73   GLY A N   1 
ATOM   500  C CA  . GLY A 1 76  ? 3.516   -9.400  0.829   1.00 39.55  ? 73   GLY A CA  1 
ATOM   501  C C   . GLY A 1 76  ? 2.376   -10.005 1.621   1.00 39.12  ? 73   GLY A C   1 
ATOM   502  O O   . GLY A 1 76  ? 1.317   -9.398  1.767   1.00 38.83  ? 73   GLY A O   1 
ATOM   503  N N   . SER A 1 77  ? 2.590   -11.216 2.125   1.00 37.82  ? 74   SER A N   1 
ATOM   504  C CA  . SER A 1 77  ? 1.574   -11.887 2.914   1.00 38.65  ? 74   SER A CA  1 
ATOM   505  C C   . SER A 1 77  ? 2.200   -12.643 4.066   1.00 39.04  ? 74   SER A C   1 
ATOM   506  O O   . SER A 1 77  ? 3.240   -13.276 3.918   1.00 40.13  ? 74   SER A O   1 
ATOM   507  C CB  . SER A 1 77  ? 0.766   -12.841 2.044   1.00 35.03  ? 74   SER A CB  1 
ATOM   508  O OG  . SER A 1 77  ? 0.137   -12.131 1.000   1.00 36.08  ? 74   SER A OG  1 
ATOM   509  N N   . GLN A 1 78  ? 1.543   -12.563 5.215   1.00 40.05  ? 75   GLN A N   1 
ATOM   510  C CA  . GLN A 1 78  ? 1.993   -13.207 6.430   1.00 43.64  ? 75   GLN A CA  1 
ATOM   511  C C   . GLN A 1 78  ? 0.938   -14.200 6.886   1.00 43.75  ? 75   GLN A C   1 
ATOM   512  O O   . GLN A 1 78  ? -0.255  -13.885 6.917   1.00 46.51  ? 75   GLN A O   1 
ATOM   513  C CB  . GLN A 1 78  ? 2.205   -12.149 7.514   1.00 49.48  ? 75   GLN A CB  1 
ATOM   514  C CG  . GLN A 1 78  ? 2.407   -12.707 8.907   1.00 58.41  ? 75   GLN A CG  1 
ATOM   515  C CD  . GLN A 1 78  ? 3.866   -12.776 9.299   1.00 64.09  ? 75   GLN A CD  1 
ATOM   516  O OE1 . GLN A 1 78  ? 4.707   -13.236 8.521   1.00 64.12  ? 75   GLN A OE1 1 
ATOM   517  N NE2 . GLN A 1 78  ? 4.177   -12.322 10.519  1.00 65.04  ? 75   GLN A NE2 1 
ATOM   518  N N   . VAL A 1 79  ? 1.374   -15.403 7.238   1.00 43.57  ? 76   VAL A N   1 
ATOM   519  C CA  . VAL A 1 79  ? 0.453   -16.433 7.705   1.00 42.10  ? 76   VAL A CA  1 
ATOM   520  C C   . VAL A 1 79  ? 0.041   -16.137 9.144   1.00 41.21  ? 76   VAL A C   1 
ATOM   521  O O   . VAL A 1 79  ? 0.856   -15.721 9.965   1.00 44.30  ? 76   VAL A O   1 
ATOM   522  C CB  . VAL A 1 79  ? 1.100   -17.834 7.629   1.00 41.88  ? 76   VAL A CB  1 
ATOM   523  C CG1 . VAL A 1 79  ? 0.231   -18.850 8.348   1.00 40.97  ? 76   VAL A CG1 1 
ATOM   524  C CG2 . VAL A 1 79  ? 1.293   -18.236 6.166   1.00 38.73  ? 76   VAL A CG2 1 
ATOM   525  N N   . VAL A 1 80  ? -1.235  -16.346 9.439   1.00 38.87  ? 77   VAL A N   1 
ATOM   526  C CA  . VAL A 1 80  ? -1.772  -16.084 10.762  1.00 38.64  ? 77   VAL A CA  1 
ATOM   527  C C   . VAL A 1 80  ? -2.560  -17.293 11.248  1.00 39.53  ? 77   VAL A C   1 
ATOM   528  O O   . VAL A 1 80  ? -3.247  -17.948 10.462  1.00 40.43  ? 77   VAL A O   1 
ATOM   529  C CB  . VAL A 1 80  ? -2.723  -14.847 10.734  1.00 38.09  ? 77   VAL A CB  1 
ATOM   530  C CG1 . VAL A 1 80  ? -3.459  -14.707 12.058  1.00 43.23  ? 77   VAL A CG1 1 
ATOM   531  C CG2 . VAL A 1 80  ? -1.931  -13.596 10.463  1.00 39.49  ? 77   VAL A CG2 1 
ATOM   532  N N   . THR A 1 81  ? -2.451  -17.587 12.540  1.00 37.07  ? 78   THR A N   1 
ATOM   533  C CA  . THR A 1 81  ? -3.183  -18.692 13.133  1.00 35.76  ? 78   THR A CA  1 
ATOM   534  C C   . THR A 1 81  ? -4.108  -18.112 14.204  1.00 37.65  ? 78   THR A C   1 
ATOM   535  O O   . THR A 1 81  ? -3.666  -17.356 15.072  1.00 34.56  ? 78   THR A O   1 
ATOM   536  C CB  . THR A 1 81  ? -2.232  -19.705 13.782  1.00 35.67  ? 78   THR A CB  1 
ATOM   537  O OG1 . THR A 1 81  ? -1.295  -20.166 12.805  1.00 39.51  ? 78   THR A OG1 1 
ATOM   538  C CG2 . THR A 1 81  ? -3.014  -20.895 14.329  1.00 31.89  ? 78   THR A CG2 1 
ATOM   539  N N   . SER A 1 82  ? -5.388  -18.469 14.136  1.00 37.64  ? 79   SER A N   1 
ATOM   540  C CA  . SER A 1 82  ? -6.384  -17.981 15.086  1.00 41.16  ? 79   SER A CA  1 
ATOM   541  C C   . SER A 1 82  ? -6.487  -18.857 16.337  1.00 41.51  ? 79   SER A C   1 
ATOM   542  O O   . SER A 1 82  ? -5.850  -19.909 16.421  1.00 41.93  ? 79   SER A O   1 
ATOM   543  C CB  . SER A 1 82  ? -7.745  -17.926 14.401  1.00 43.48  ? 79   SER A CB  1 
ATOM   544  O OG  . SER A 1 82  ? -8.120  -19.217 13.946  1.00 52.90  ? 79   SER A OG  1 
ATOM   545  N N   . GLN A 1 83  ? -7.299  -18.425 17.299  1.00 39.07  ? 80   GLN A N   1 
ATOM   546  C CA  . GLN A 1 83  ? -7.486  -19.175 18.536  1.00 39.60  ? 80   GLN A CA  1 
ATOM   547  C C   . GLN A 1 83  ? -7.944  -20.598 18.261  1.00 41.02  ? 80   GLN A C   1 
ATOM   548  O O   . GLN A 1 83  ? -7.495  -21.532 18.919  1.00 43.70  ? 80   GLN A O   1 
ATOM   549  C CB  . GLN A 1 83  ? -8.532  -18.513 19.431  1.00 38.82  ? 80   GLN A CB  1 
ATOM   550  C CG  . GLN A 1 83  ? -8.276  -17.076 19.759  1.00 39.72  ? 80   GLN A CG  1 
ATOM   551  C CD  . GLN A 1 83  ? -9.287  -16.542 20.748  1.00 42.43  ? 80   GLN A CD  1 
ATOM   552  O OE1 . GLN A 1 83  ? -10.499 -16.682 20.559  1.00 43.54  ? 80   GLN A OE1 1 
ATOM   553  N NE2 . GLN A 1 83  ? -8.798  -15.920 21.813  1.00 43.13  ? 80   GLN A NE2 1 
ATOM   554  N N   . ASP A 1 84  ? -8.854  -20.766 17.304  1.00 41.24  ? 81   ASP A N   1 
ATOM   555  C CA  . ASP A 1 84  ? -9.348  -22.095 16.984  1.00 43.36  ? 81   ASP A CA  1 
ATOM   556  C C   . ASP A 1 84  ? -8.401  -22.871 16.098  1.00 41.27  ? 81   ASP A C   1 
ATOM   557  O O   . ASP A 1 84  ? -8.732  -23.950 15.618  1.00 44.04  ? 81   ASP A O   1 
ATOM   558  C CB  . ASP A 1 84  ? -10.718 -22.020 16.333  1.00 48.03  ? 81   ASP A CB  1 
ATOM   559  C CG  . ASP A 1 84  ? -10.882 -20.792 15.499  1.00 58.55  ? 81   ASP A CG  1 
ATOM   560  O OD1 . ASP A 1 84  ? -11.026 -19.709 16.111  1.00 64.13  ? 81   ASP A OD1 1 
ATOM   561  O OD2 . ASP A 1 84  ? -10.858 -20.902 14.248  1.00 58.50  ? 81   ASP A OD2 1 
ATOM   562  N N   . GLY A 1 85  ? -7.219  -22.320 15.876  1.00 40.41  ? 82   GLY A N   1 
ATOM   563  C CA  . GLY A 1 85  ? -6.231  -23.015 15.076  1.00 41.54  ? 82   GLY A CA  1 
ATOM   564  C C   . GLY A 1 85  ? -6.305  -22.929 13.566  1.00 43.18  ? 82   GLY A C   1 
ATOM   565  O O   . GLY A 1 85  ? -5.460  -23.514 12.897  1.00 44.99  ? 82   GLY A O   1 
ATOM   566  N N   . ARG A 1 86  ? -7.288  -22.223 13.014  1.00 43.39  ? 83   ARG A N   1 
ATOM   567  C CA  . ARG A 1 86  ? -7.386  -22.118 11.563  1.00 45.15  ? 83   ARG A CA  1 
ATOM   568  C C   . ARG A 1 86  ? -6.400  -21.100 11.018  1.00 45.95  ? 83   ARG A C   1 
ATOM   569  O O   . ARG A 1 86  ? -6.038  -20.136 11.692  1.00 47.85  ? 83   ARG A O   1 
ATOM   570  C CB  . ARG A 1 86  ? -8.812  -21.752 11.140  1.00 46.56  ? 83   ARG A CB  1 
ATOM   571  C CG  . ARG A 1 86  ? -9.790  -22.909 11.301  1.00 54.27  ? 83   ARG A CG  1 
ATOM   572  C CD  . ARG A 1 86  ? -11.154 -22.593 10.717  1.00 60.72  ? 83   ARG A CD  1 
ATOM   573  N NE  . ARG A 1 86  ? -11.897 -21.638 11.532  1.00 65.73  ? 83   ARG A NE  1 
ATOM   574  C CZ  . ARG A 1 86  ? -12.858 -20.848 11.060  1.00 69.69  ? 83   ARG A CZ  1 
ATOM   575  N NH1 . ARG A 1 86  ? -13.188 -20.901 9.774   1.00 72.51  ? 83   ARG A NH1 1 
ATOM   576  N NH2 . ARG A 1 86  ? -13.484 -20.001 11.867  1.00 69.86  ? 83   ARG A NH2 1 
ATOM   577  N N   . GLN A 1 87  ? -5.955  -21.312 9.792   1.00 45.06  ? 84   GLN A N   1 
ATOM   578  C CA  . GLN A 1 87  ? -5.006  -20.389 9.209   1.00 43.66  ? 84   GLN A CA  1 
ATOM   579  C C   . GLN A 1 87  ? -5.575  -19.439 8.175   1.00 41.76  ? 84   GLN A C   1 
ATOM   580  O O   . GLN A 1 87  ? -6.649  -19.660 7.614   1.00 42.08  ? 84   GLN A O   1 
ATOM   581  C CB  . GLN A 1 87  ? -3.839  -21.158 8.618   1.00 45.90  ? 84   GLN A CB  1 
ATOM   582  C CG  . GLN A 1 87  ? -3.044  -21.872 9.672   1.00 52.48  ? 84   GLN A CG  1 
ATOM   583  C CD  . GLN A 1 87  ? -1.752  -22.413 9.140   1.00 57.67  ? 84   GLN A CD  1 
ATOM   584  O OE1 . GLN A 1 87  ? -0.883  -22.821 9.907   1.00 63.91  ? 84   GLN A OE1 1 
ATOM   585  N NE2 . GLN A 1 87  ? -1.610  -22.425 7.817   1.00 58.80  ? 84   GLN A NE2 1 
ATOM   586  N N   . SER A 1 88  ? -4.833  -18.361 7.955   1.00 37.99  ? 85   SER A N   1 
ATOM   587  C CA  . SER A 1 88  ? -5.201  -17.337 7.000   1.00 35.80  ? 85   SER A CA  1 
ATOM   588  C C   . SER A 1 88  ? -3.972  -16.473 6.737   1.00 36.10  ? 85   SER A C   1 
ATOM   589  O O   . SER A 1 88  ? -2.884  -16.746 7.243   1.00 33.15  ? 85   SER A O   1 
ATOM   590  C CB  . SER A 1 88  ? -6.337  -16.483 7.551   1.00 34.54  ? 85   SER A CB  1 
ATOM   591  O OG  . SER A 1 88  ? -5.951  -15.858 8.761   1.00 38.57  ? 85   SER A OG  1 
ATOM   592  N N   . ARG A 1 89  ? -4.147  -15.428 5.942   1.00 36.78  ? 86   ARG A N   1 
ATOM   593  C CA  . ARG A 1 89  ? -3.043  -14.544 5.622   1.00 40.69  ? 86   ARG A CA  1 
ATOM   594  C C   . ARG A 1 89  ? -3.495  -13.090 5.690   1.00 40.49  ? 86   ARG A C   1 
ATOM   595  O O   . ARG A 1 89  ? -4.672  -12.779 5.485   1.00 39.92  ? 86   ARG A O   1 
ATOM   596  C CB  . ARG A 1 89  ? -2.531  -14.850 4.214   1.00 43.49  ? 86   ARG A CB  1 
ATOM   597  C CG  . ARG A 1 89  ? -2.377  -16.329 3.930   1.00 50.31  ? 86   ARG A CG  1 
ATOM   598  C CD  . ARG A 1 89  ? -2.265  -16.591 2.444   1.00 55.68  ? 86   ARG A CD  1 
ATOM   599  N NE  . ARG A 1 89  ? -0.895  -16.871 2.022   1.00 60.68  ? 86   ARG A NE  1 
ATOM   600  C CZ  . ARG A 1 89  ? -0.336  -16.353 0.930   1.00 66.28  ? 86   ARG A CZ  1 
ATOM   601  N NH1 . ARG A 1 89  ? -1.026  -15.516 0.146   1.00 63.78  ? 86   ARG A NH1 1 
ATOM   602  N NH2 . ARG A 1 89  ? 0.912   -16.677 0.615   1.00 67.27  ? 86   ARG A NH2 1 
ATOM   603  N N   . VAL A 1 90  ? -2.553  -12.208 6.001   1.00 39.22  ? 87   VAL A N   1 
ATOM   604  C CA  . VAL A 1 90  ? -2.832  -10.781 6.058   1.00 37.48  ? 87   VAL A CA  1 
ATOM   605  C C   . VAL A 1 90  ? -1.790  -10.149 5.174   1.00 35.97  ? 87   VAL A C   1 
ATOM   606  O O   . VAL A 1 90  ? -0.652  -10.622 5.098   1.00 34.76  ? 87   VAL A O   1 
ATOM   607  C CB  . VAL A 1 90  ? -2.695  -10.210 7.481   1.00 37.30  ? 87   VAL A CB  1 
ATOM   608  C CG1 . VAL A 1 90  ? -3.721  -10.847 8.381   1.00 41.48  ? 87   VAL A CG1 1 
ATOM   609  C CG2 . VAL A 1 90  ? -1.300  -10.469 8.026   1.00 39.45  ? 87   VAL A CG2 1 
ATOM   610  N N   . SER A 1 91  ? -2.168  -9.088  4.485   1.00 34.72  ? 88   SER A N   1 
ATOM   611  C CA  . SER A 1 91  ? -1.213  -8.440  3.619   1.00 33.45  ? 88   SER A CA  1 
ATOM   612  C C   . SER A 1 91  ? -0.289  -7.588  4.452   1.00 33.43  ? 88   SER A C   1 
ATOM   613  O O   . SER A 1 91  ? -0.617  -7.181  5.566   1.00 34.34  ? 88   SER A O   1 
ATOM   614  C CB  . SER A 1 91  ? -1.935  -7.595  2.588   1.00 34.42  ? 88   SER A CB  1 
ATOM   615  O OG  . SER A 1 91  ? -2.812  -8.409  1.833   1.00 36.96  ? 88   SER A OG  1 
ATOM   616  N N   . THR A 1 92  ? 0.889   -7.342  3.911   1.00 33.27  ? 89   THR A N   1 
ATOM   617  C CA  . THR A 1 92  ? 1.876   -6.534  4.591   1.00 33.76  ? 89   THR A CA  1 
ATOM   618  C C   . THR A 1 92  ? 2.446   -5.570  3.573   1.00 34.57  ? 89   THR A C   1 
ATOM   619  O O   . THR A 1 92  ? 2.311   -5.765  2.362   1.00 32.73  ? 89   THR A O   1 
ATOM   620  C CB  . THR A 1 92  ? 3.036   -7.389  5.129   1.00 33.82  ? 89   THR A CB  1 
ATOM   621  O OG1 . THR A 1 92  ? 3.634   -8.094  4.039   1.00 36.49  ? 89   THR A OG1 1 
ATOM   622  C CG2 . THR A 1 92  ? 2.552   -8.385  6.160   1.00 32.94  ? 89   THR A CG2 1 
ATOM   623  N N   . ILE A 1 93  ? 3.080   -4.522  4.074   1.00 35.53  ? 90   ILE A N   1 
ATOM   624  C CA  . ILE A 1 93  ? 3.708   -3.543  3.212   1.00 35.31  ? 90   ILE A CA  1 
ATOM   625  C C   . ILE A 1 93  ? 4.946   -3.039  3.915   1.00 36.16  ? 90   ILE A C   1 
ATOM   626  O O   . ILE A 1 93  ? 5.003   -2.998  5.144   1.00 35.60  ? 90   ILE A O   1 
ATOM   627  C CB  . ILE A 1 93  ? 2.777   -2.358  2.914   1.00 32.03  ? 90   ILE A CB  1 
ATOM   628  C CG1 . ILE A 1 93  ? 3.427   -1.441  1.878   1.00 28.83  ? 90   ILE A CG1 1 
ATOM   629  C CG2 . ILE A 1 93  ? 2.473   -1.608  4.195   1.00 29.83  ? 90   ILE A CG2 1 
ATOM   630  C CD1 . ILE A 1 93  ? 2.428   -0.857  0.875   1.00 27.04  ? 90   ILE A CD1 1 
ATOM   631  N N   . GLU A 1 94  ? 5.946   -2.687  3.128   1.00 40.10  ? 91   GLU A N   1 
ATOM   632  C CA  . GLU A 1 94  ? 7.187   -2.156  3.667   1.00 43.29  ? 91   GLU A CA  1 
ATOM   633  C C   . GLU A 1 94  ? 7.624   -1.024  2.756   1.00 43.90  ? 91   GLU A C   1 
ATOM   634  O O   . GLU A 1 94  ? 7.931   -1.251  1.588   1.00 45.79  ? 91   GLU A O   1 
ATOM   635  C CB  . GLU A 1 94  ? 8.262   -3.238  3.715   1.00 43.99  ? 91   GLU A CB  1 
ATOM   636  C CG  . GLU A 1 94  ? 8.276   -4.017  5.014   1.00 49.58  ? 91   GLU A CG  1 
ATOM   637  C CD  . GLU A 1 94  ? 9.519   -4.875  5.163   1.00 56.15  ? 91   GLU A CD  1 
ATOM   638  O OE1 . GLU A 1 94  ? 10.608  -4.413  4.740   1.00 56.72  ? 91   GLU A OE1 1 
ATOM   639  O OE2 . GLU A 1 94  ? 9.414   -5.998  5.711   1.00 58.07  ? 91   GLU A OE2 1 
ATOM   640  N N   . ILE A 1 95  ? 7.617   0.198   3.278   1.00 42.29  ? 92   ILE A N   1 
ATOM   641  C CA  . ILE A 1 95  ? 8.023   1.352   2.492   1.00 39.97  ? 92   ILE A CA  1 
ATOM   642  C C   . ILE A 1 95  ? 9.300   1.942   3.075   1.00 43.16  ? 92   ILE A C   1 
ATOM   643  O O   . ILE A 1 95  ? 9.320   2.402   4.220   1.00 43.49  ? 92   ILE A O   1 
ATOM   644  C CB  . ILE A 1 95  ? 6.947   2.419   2.498   1.00 37.51  ? 92   ILE A CB  1 
ATOM   645  C CG1 . ILE A 1 95  ? 5.600   1.783   2.159   1.00 39.42  ? 92   ILE A CG1 1 
ATOM   646  C CG2 . ILE A 1 95  ? 7.291   3.500   1.500   1.00 34.41  ? 92   ILE A CG2 1 
ATOM   647  C CD1 . ILE A 1 95  ? 4.417   2.707   2.362   1.00 40.95  ? 92   ILE A CD1 1 
ATOM   648  N N   . ALA A 1 96  ? 10.377  1.900   2.293   1.00 44.44  ? 93   ALA A N   1 
ATOM   649  C CA  . ALA A 1 96  ? 11.660  2.433   2.731   1.00 44.07  ? 93   ALA A CA  1 
ATOM   650  C C   . ALA A 1 96  ? 11.833  3.818   2.140   1.00 45.22  ? 93   ALA A C   1 
ATOM   651  O O   . ALA A 1 96  ? 11.804  4.001   0.921   1.00 47.15  ? 93   ALA A O   1 
ATOM   652  C CB  . ALA A 1 96  ? 12.785  1.532   2.278   1.00 42.83  ? 93   ALA A CB  1 
ATOM   653  N N   . ILE A 1 97  ? 11.999  4.804   3.003   1.00 44.21  ? 94   ILE A N   1 
ATOM   654  C CA  . ILE A 1 97  ? 12.170  6.156   2.516   1.00 45.14  ? 94   ILE A CA  1 
ATOM   655  C C   . ILE A 1 97  ? 13.491  6.695   3.028   1.00 46.02  ? 94   ILE A C   1 
ATOM   656  O O   . ILE A 1 97  ? 14.003  6.255   4.068   1.00 45.60  ? 94   ILE A O   1 
ATOM   657  C CB  . ILE A 1 97  ? 11.035  7.060   2.998   1.00 44.85  ? 94   ILE A CB  1 
ATOM   658  C CG1 . ILE A 1 97  ? 11.016  7.076   4.529   1.00 46.19  ? 94   ILE A CG1 1 
ATOM   659  C CG2 . ILE A 1 97  ? 9.706   6.562   2.449   1.00 43.22  ? 94   ILE A CG2 1 
ATOM   660  C CD1 . ILE A 1 97  ? 10.215  8.204   5.117   1.00 46.28  ? 94   ILE A CD1 1 
ATOM   661  N N   . ARG A 1 98  ? 14.050  7.645   2.294   1.00 45.98  ? 95   ARG A N   1 
ATOM   662  C CA  . ARG A 1 98  ? 15.314  8.234   2.700   1.00 48.92  ? 95   ARG A CA  1 
ATOM   663  C C   . ARG A 1 98  ? 15.407  9.699   2.306   1.00 47.90  ? 95   ARG A C   1 
ATOM   664  O O   . ARG A 1 98  ? 14.615  10.194  1.492   1.00 45.69  ? 95   ARG A O   1 
ATOM   665  C CB  . ARG A 1 98  ? 16.468  7.453   2.077   1.00 50.76  ? 95   ARG A CB  1 
ATOM   666  C CG  . ARG A 1 98  ? 16.386  7.384   0.580   1.00 50.88  ? 95   ARG A CG  1 
ATOM   667  C CD  . ARG A 1 98  ? 17.492  6.528   0.006   1.00 53.18  ? 95   ARG A CD  1 
ATOM   668  N NE  . ARG A 1 98  ? 17.365  6.441   -1.446  1.00 51.99  ? 95   ARG A NE  1 
ATOM   669  C CZ  . ARG A 1 98  ? 18.109  5.658   -2.211  1.00 48.96  ? 95   ARG A CZ  1 
ATOM   670  N NH1 . ARG A 1 98  ? 19.044  4.891   -1.665  1.00 48.19  ? 95   ARG A NH1 1 
ATOM   671  N NH2 . ARG A 1 98  ? 17.898  5.629   -3.514  1.00 49.26  ? 95   ARG A NH2 1 
ATOM   672  N N   . LYS A 1 99  ? 16.375  10.388  2.903   1.00 48.80  ? 96   LYS A N   1 
ATOM   673  C CA  . LYS A 1 99  ? 16.603  11.802  2.619   1.00 51.55  ? 96   LYS A CA  1 
ATOM   674  C C   . LYS A 1 99  ? 17.105  11.979  1.186   1.00 52.07  ? 96   LYS A C   1 
ATOM   675  O O   . LYS A 1 99  ? 18.129  11.418  0.809   1.00 50.98  ? 96   LYS A O   1 
ATOM   676  C CB  . LYS A 1 99  ? 17.624  12.359  3.605   1.00 50.27  ? 96   LYS A CB  1 
ATOM   677  C CG  . LYS A 1 99  ? 17.121  12.404  5.030   1.00 53.41  ? 96   LYS A CG  1 
ATOM   678  C CD  . LYS A 1 99  ? 18.208  12.841  5.989   1.00 55.68  ? 96   LYS A CD  1 
ATOM   679  C CE  . LYS A 1 99  ? 17.685  12.896  7.409   1.00 55.92  ? 96   LYS A CE  1 
ATOM   680  N NZ  . LYS A 1 99  ? 18.780  13.179  8.365   1.00 57.81  ? 96   LYS A NZ  1 
ATOM   681  N N   . LYS A 1 100 ? 16.375  12.757  0.391   1.00 56.01  ? 97   LYS A N   1 
ATOM   682  C CA  . LYS A 1 100 ? 16.755  12.985  -1.002  1.00 60.51  ? 97   LYS A CA  1 
ATOM   683  C C   . LYS A 1 100 ? 18.190  13.487  -1.092  1.00 61.54  ? 97   LYS A C   1 
ATOM   684  O O   . LYS A 1 100 ? 18.729  13.949  -0.060  1.00 61.57  ? 97   LYS A O   1 
ATOM   685  C CB  . LYS A 1 100 ? 15.808  14.003  -1.673  1.00 62.79  ? 97   LYS A CB  1 
ATOM   686  C CG  . LYS A 1 100 ? 15.974  14.097  -3.187  1.00 64.15  ? 97   LYS A CG  1 
ATOM   687  C CD  . LYS A 1 100 ? 15.101  15.170  -3.848  1.00 67.47  ? 97   LYS A CD  1 
ATOM   688  C CE  . LYS A 1 100 ? 15.458  15.292  -5.353  1.00 72.43  ? 97   LYS A CE  1 
ATOM   689  N NZ  . LYS A 1 100 ? 14.776  16.389  -6.133  1.00 68.78  ? 97   LYS A NZ  1 
ATOM   690  O OXT . LYS A 1 100 ? 18.755  13.414  -2.204  1.00 64.75  ? 97   LYS A OXT 1 
ATOM   691  N N   . SER B 1 12  ? -8.615  -1.978  -21.433 1.00 59.07  ? 9    SER B N   1 
ATOM   692  C CA  . SER B 1 12  ? -9.007  -1.413  -20.103 1.00 60.47  ? 9    SER B CA  1 
ATOM   693  C C   . SER B 1 12  ? -7.895  -1.588  -19.066 1.00 58.68  ? 9    SER B C   1 
ATOM   694  O O   . SER B 1 12  ? -7.585  -0.663  -18.316 1.00 62.58  ? 9    SER B O   1 
ATOM   695  C CB  . SER B 1 12  ? -10.274 -2.105  -19.602 1.00 64.58  ? 9    SER B CB  1 
ATOM   696  O OG  . SER B 1 12  ? -10.022 -3.476  -19.339 1.00 68.47  ? 9    SER B OG  1 
ATOM   697  N N   . ASN B 1 13  ? -7.329  -2.795  -19.040 1.00 53.23  ? 10   ASN B N   1 
ATOM   698  C CA  . ASN B 1 13  ? -6.237  -3.227  -18.153 1.00 49.03  ? 10   ASN B CA  1 
ATOM   699  C C   . ASN B 1 13  ? -6.096  -2.658  -16.726 1.00 45.50  ? 10   ASN B C   1 
ATOM   700  O O   . ASN B 1 13  ? -5.198  -3.070  -15.971 1.00 42.56  ? 10   ASN B O   1 
ATOM   701  C CB  . ASN B 1 13  ? -4.904  -3.131  -18.922 1.00 47.88  ? 10   ASN B CB  1 
ATOM   702  C CG  . ASN B 1 13  ? -3.955  -2.097  -18.358 1.00 50.72  ? 10   ASN B CG  1 
ATOM   703  O OD1 . ASN B 1 13  ? -4.291  -0.914  -18.243 1.00 51.20  ? 10   ASN B OD1 1 
ATOM   704  N ND2 . ASN B 1 13  ? -2.747  -2.538  -18.017 1.00 46.79  ? 10   ASN B ND2 1 
ATOM   705  N N   . VAL B 1 14  ? -6.999  -1.759  -16.343 1.00 40.84  ? 11   VAL B N   1 
ATOM   706  C CA  . VAL B 1 14  ? -6.979  -1.168  -15.010 1.00 41.82  ? 11   VAL B CA  1 
ATOM   707  C C   . VAL B 1 14  ? -8.122  -1.677  -14.139 1.00 42.31  ? 11   VAL B C   1 
ATOM   708  O O   . VAL B 1 14  ? -9.271  -1.716  -14.573 1.00 44.82  ? 11   VAL B O   1 
ATOM   709  C CB  . VAL B 1 14  ? -7.080  0.384   -15.065 1.00 41.55  ? 11   VAL B CB  1 
ATOM   710  C CG1 . VAL B 1 14  ? -7.265  0.944   -13.653 1.00 37.70  ? 11   VAL B CG1 1 
ATOM   711  C CG2 . VAL B 1 14  ? -5.829  0.969   -15.690 1.00 40.21  ? 11   VAL B CG2 1 
ATOM   712  N N   . VAL B 1 15  ? -7.804  -2.061  -12.907 1.00 42.64  ? 12   VAL B N   1 
ATOM   713  C CA  . VAL B 1 15  ? -8.811  -2.543  -11.962 1.00 40.81  ? 12   VAL B CA  1 
ATOM   714  C C   . VAL B 1 15  ? -8.864  -1.567  -10.801 1.00 41.17  ? 12   VAL B C   1 
ATOM   715  O O   . VAL B 1 15  ? -7.946  -1.500  -9.976  1.00 41.28  ? 12   VAL B O   1 
ATOM   716  C CB  . VAL B 1 15  ? -8.472  -3.959  -11.441 1.00 39.19  ? 12   VAL B CB  1 
ATOM   717  C CG1 . VAL B 1 15  ? -9.434  -4.367  -10.343 1.00 34.60  ? 12   VAL B CG1 1 
ATOM   718  C CG2 . VAL B 1 15  ? -8.548  -4.949  -12.581 1.00 38.16  ? 12   VAL B CG2 1 
ATOM   719  N N   . LEU B 1 16  ? -9.944  -0.799  -10.755 1.00 43.80  ? 13   LEU B N   1 
ATOM   720  C CA  . LEU B 1 16  ? -10.130 0.206   -9.720  1.00 46.06  ? 13   LEU B CA  1 
ATOM   721  C C   . LEU B 1 16  ? -10.822 -0.376  -8.502  1.00 46.08  ? 13   LEU B C   1 
ATOM   722  O O   . LEU B 1 16  ? -11.949 -0.857  -8.589  1.00 45.11  ? 13   LEU B O   1 
ATOM   723  C CB  . LEU B 1 16  ? -10.944 1.373   -10.278 1.00 50.08  ? 13   LEU B CB  1 
ATOM   724  C CG  . LEU B 1 16  ? -11.207 2.557   -9.343  1.00 54.01  ? 13   LEU B CG  1 
ATOM   725  C CD1 . LEU B 1 16  ? -9.899  3.268   -8.980  1.00 53.54  ? 13   LEU B CD1 1 
ATOM   726  C CD2 . LEU B 1 16  ? -12.154 3.513   -10.040 1.00 55.07  ? 13   LEU B CD2 1 
ATOM   727  N N   . ILE B 1 17  ? -10.134 -0.319  -7.367  1.00 47.46  ? 14   ILE B N   1 
ATOM   728  C CA  . ILE B 1 17  ? -10.658 -0.855  -6.118  1.00 47.32  ? 14   ILE B CA  1 
ATOM   729  C C   . ILE B 1 17  ? -11.714 0.067   -5.529  1.00 49.43  ? 14   ILE B C   1 
ATOM   730  O O   . ILE B 1 17  ? -11.465 1.255   -5.296  1.00 51.14  ? 14   ILE B O   1 
ATOM   731  C CB  . ILE B 1 17  ? -9.529  -1.056  -5.077  1.00 43.48  ? 14   ILE B CB  1 
ATOM   732  C CG1 . ILE B 1 17  ? -8.416  -1.924  -5.666  1.00 42.14  ? 14   ILE B CG1 1 
ATOM   733  C CG2 . ILE B 1 17  ? -10.091 -1.697  -3.822  1.00 43.11  ? 14   ILE B CG2 1 
ATOM   734  C CD1 . ILE B 1 17  ? -8.880  -3.265  -6.221  1.00 35.84  ? 14   ILE B CD1 1 
ATOM   735  N N   . GLY B 1 18  ? -12.894 -0.495  -5.294  1.00 50.14  ? 15   GLY B N   1 
ATOM   736  C CA  . GLY B 1 18  ? -13.989 0.271   -4.735  1.00 50.69  ? 15   GLY B CA  1 
ATOM   737  C C   . GLY B 1 18  ? -14.415 -0.274  -3.391  1.00 51.95  ? 15   GLY B C   1 
ATOM   738  O O   . GLY B 1 18  ? -13.625 -0.898  -2.685  1.00 53.76  ? 15   GLY B O   1 
ATOM   739  N N   . LYS B 1 19  ? -15.676 -0.062  -3.038  1.00 54.85  ? 16   LYS B N   1 
ATOM   740  C CA  . LYS B 1 19  ? -16.170 -0.519  -1.754  1.00 56.59  ? 16   LYS B CA  1 
ATOM   741  C C   . LYS B 1 19  ? -16.693 -1.955  -1.727  1.00 55.81  ? 16   LYS B C   1 
ATOM   742  O O   . LYS B 1 19  ? -17.029 -2.469  -0.662  1.00 57.50  ? 16   LYS B O   1 
ATOM   743  C CB  . LYS B 1 19  ? -17.244 0.437   -1.243  1.00 59.78  ? 16   LYS B CB  1 
ATOM   744  C CG  . LYS B 1 19  ? -17.590 0.200   0.217   1.00 69.30  ? 16   LYS B CG  1 
ATOM   745  C CD  . LYS B 1 19  ? -16.322 0.173   1.066   1.00 72.19  ? 16   LYS B CD  1 
ATOM   746  C CE  . LYS B 1 19  ? -16.596 -0.316  2.476   1.00 75.15  ? 16   LYS B CE  1 
ATOM   747  N NZ  . LYS B 1 19  ? -15.333 -0.455  3.257   1.00 76.23  ? 16   LYS B NZ  1 
ATOM   748  N N   . LYS B 1 20  ? -16.748 -2.607  -2.884  1.00 55.17  ? 17   LYS B N   1 
ATOM   749  C CA  . LYS B 1 20  ? -17.223 -3.989  -2.956  1.00 57.12  ? 17   LYS B CA  1 
ATOM   750  C C   . LYS B 1 20  ? -16.216 -4.958  -2.336  1.00 56.26  ? 17   LYS B C   1 
ATOM   751  O O   . LYS B 1 20  ? -15.048 -4.625  -2.168  1.00 57.81  ? 17   LYS B O   1 
ATOM   752  C CB  . LYS B 1 20  ? -17.473 -4.387  -4.413  1.00 60.57  ? 17   LYS B CB  1 
ATOM   753  C CG  . LYS B 1 20  ? -18.494 -3.514  -5.125  1.00 65.48  ? 17   LYS B CG  1 
ATOM   754  C CD  . LYS B 1 20  ? -18.712 -3.944  -6.569  1.00 69.45  ? 17   LYS B CD  1 
ATOM   755  C CE  . LYS B 1 20  ? -19.724 -3.037  -7.266  1.00 73.60  ? 17   LYS B CE  1 
ATOM   756  N NZ  . LYS B 1 20  ? -19.928 -3.389  -8.703  1.00 75.82  ? 17   LYS B NZ  1 
ATOM   757  N N   . PRO B 1 21  ? -16.661 -6.173  -1.984  1.00 57.21  ? 18   PRO B N   1 
ATOM   758  C CA  . PRO B 1 21  ? -15.798 -7.197  -1.380  1.00 57.15  ? 18   PRO B CA  1 
ATOM   759  C C   . PRO B 1 21  ? -14.592 -7.524  -2.251  1.00 56.82  ? 18   PRO B C   1 
ATOM   760  O O   . PRO B 1 21  ? -14.675 -7.458  -3.476  1.00 58.90  ? 18   PRO B O   1 
ATOM   761  C CB  . PRO B 1 21  ? -16.738 -8.391  -1.236  1.00 58.67  ? 18   PRO B CB  1 
ATOM   762  C CG  . PRO B 1 21  ? -18.051 -7.731  -0.966  1.00 57.41  ? 18   PRO B CG  1 
ATOM   763  C CD  . PRO B 1 21  ? -18.064 -6.622  -1.996  1.00 56.96  ? 18   PRO B CD  1 
ATOM   764  N N   . VAL B 1 22  ? -13.482 -7.890  -1.619  1.00 55.00  ? 19   VAL B N   1 
ATOM   765  C CA  . VAL B 1 22  ? -12.258 -8.207  -2.349  1.00 53.28  ? 19   VAL B CA  1 
ATOM   766  C C   . VAL B 1 22  ? -12.472 -9.056  -3.578  1.00 52.52  ? 19   VAL B C   1 
ATOM   767  O O   . VAL B 1 22  ? -12.133 -8.648  -4.683  1.00 52.62  ? 19   VAL B O   1 
ATOM   768  C CB  . VAL B 1 22  ? -11.225 -8.983  -1.501  1.00 53.53  ? 19   VAL B CB  1 
ATOM   769  C CG1 . VAL B 1 22  ? -9.876  -8.265  -1.567  1.00 52.16  ? 19   VAL B CG1 1 
ATOM   770  C CG2 . VAL B 1 22  ? -11.719 -9.170  -0.083  1.00 50.90  ? 19   VAL B CG2 1 
ATOM   771  N N   . MET B 1 23  ? -13.011 -10.251 -3.358  1.00 52.98  ? 20   MET B N   1 
ATOM   772  C CA  . MET B 1 23  ? -13.251 -11.225 -4.415  1.00 54.21  ? 20   MET B CA  1 
ATOM   773  C C   . MET B 1 23  ? -13.718 -10.599 -5.721  1.00 52.76  ? 20   MET B C   1 
ATOM   774  O O   . MET B 1 23  ? -13.373 -11.067 -6.807  1.00 52.05  ? 20   MET B O   1 
ATOM   775  C CB  . MET B 1 23  ? -14.260 -12.269 -3.938  1.00 57.10  ? 20   MET B CB  1 
ATOM   776  C CG  . MET B 1 23  ? -13.906 -13.681 -4.353  1.00 59.63  ? 20   MET B CG  1 
ATOM   777  S SD  . MET B 1 23  ? -12.132 -14.038 -4.158  1.00 69.50  ? 20   MET B SD  1 
ATOM   778  C CE  . MET B 1 23  ? -11.856 -13.907 -2.362  1.00 60.28  ? 20   MET B CE  1 
ATOM   779  N N   . ASN B 1 24  ? -14.486 -9.528  -5.610  1.00 50.43  ? 21   ASN B N   1 
ATOM   780  C CA  . ASN B 1 24  ? -14.995 -8.839  -6.782  1.00 49.54  ? 21   ASN B CA  1 
ATOM   781  C C   . ASN B 1 24  ? -13.842 -8.413  -7.683  1.00 46.08  ? 21   ASN B C   1 
ATOM   782  O O   . ASN B 1 24  ? -13.780 -8.761  -8.866  1.00 44.98  ? 21   ASN B O   1 
ATOM   783  C CB  . ASN B 1 24  ? -15.790 -7.615  -6.339  1.00 54.58  ? 21   ASN B CB  1 
ATOM   784  C CG  . ASN B 1 24  ? -16.933 -7.299  -7.272  1.00 61.06  ? 21   ASN B CG  1 
ATOM   785  O OD1 . ASN B 1 24  ? -16.725 -6.931  -8.433  1.00 64.08  ? 21   ASN B OD1 1 
ATOM   786  N ND2 . ASN B 1 24  ? -18.159 -7.451  -6.772  1.00 62.47  ? 21   ASN B ND2 1 
ATOM   787  N N   . TYR B 1 25  ? -12.921 -7.664  -7.097  1.00 42.16  ? 22   TYR B N   1 
ATOM   788  C CA  . TYR B 1 25  ? -11.764 -7.161  -7.802  1.00 40.46  ? 22   TYR B CA  1 
ATOM   789  C C   . TYR B 1 25  ? -10.794 -8.266  -8.181  1.00 39.41  ? 22   TYR B C   1 
ATOM   790  O O   . TYR B 1 25  ? -10.225 -8.234  -9.266  1.00 40.19  ? 22   TYR B O   1 
ATOM   791  C CB  . TYR B 1 25  ? -11.092 -6.092  -6.944  1.00 42.66  ? 22   TYR B CB  1 
ATOM   792  C CG  . TYR B 1 25  ? -12.089 -5.034  -6.532  1.00 43.37  ? 22   TYR B CG  1 
ATOM   793  C CD1 . TYR B 1 25  ? -12.597 -4.988  -5.233  1.00 43.09  ? 22   TYR B CD1 1 
ATOM   794  C CD2 . TYR B 1 25  ? -12.614 -4.150  -7.474  1.00 43.17  ? 22   TYR B CD2 1 
ATOM   795  C CE1 . TYR B 1 25  ? -13.615 -4.086  -4.887  1.00 44.23  ? 22   TYR B CE1 1 
ATOM   796  C CE2 . TYR B 1 25  ? -13.630 -3.251  -7.142  1.00 43.98  ? 22   TYR B CE2 1 
ATOM   797  C CZ  . TYR B 1 25  ? -14.128 -3.227  -5.851  1.00 44.62  ? 22   TYR B CZ  1 
ATOM   798  O OH  . TYR B 1 25  ? -15.158 -2.369  -5.542  1.00 46.28  ? 22   TYR B OH  1 
ATOM   799  N N   . VAL B 1 26  ? -10.606 -9.241  -7.297  1.00 37.81  ? 23   VAL B N   1 
ATOM   800  C CA  . VAL B 1 26  ? -9.724  -10.367 -7.580  1.00 37.59  ? 23   VAL B CA  1 
ATOM   801  C C   . VAL B 1 26  ? -10.212 -11.069 -8.852  1.00 37.65  ? 23   VAL B C   1 
ATOM   802  O O   . VAL B 1 26  ? -9.423  -11.448 -9.722  1.00 35.22  ? 23   VAL B O   1 
ATOM   803  C CB  . VAL B 1 26  ? -9.733  -11.380 -6.413  1.00 38.66  ? 23   VAL B CB  1 
ATOM   804  C CG1 . VAL B 1 26  ? -8.973  -12.653 -6.796  1.00 35.50  ? 23   VAL B CG1 1 
ATOM   805  C CG2 . VAL B 1 26  ? -9.100  -10.747 -5.192  1.00 40.93  ? 23   VAL B CG2 1 
ATOM   806  N N   . LEU B 1 27  ? -11.527 -11.231 -8.939  1.00 39.13  ? 24   LEU B N   1 
ATOM   807  C CA  . LEU B 1 27  ? -12.175 -11.870 -10.075 1.00 41.44  ? 24   LEU B CA  1 
ATOM   808  C C   . LEU B 1 27  ? -11.911 -11.049 -11.325 1.00 41.80  ? 24   LEU B C   1 
ATOM   809  O O   . LEU B 1 27  ? -11.508 -11.575 -12.362 1.00 43.74  ? 24   LEU B O   1 
ATOM   810  C CB  . LEU B 1 27  ? -13.683 -11.944 -9.837  1.00 43.93  ? 24   LEU B CB  1 
ATOM   811  C CG  . LEU B 1 27  ? -14.488 -13.168 -10.284 1.00 44.40  ? 24   LEU B CG  1 
ATOM   812  C CD1 . LEU B 1 27  ? -15.965 -12.829 -10.144 1.00 44.12  ? 24   LEU B CD1 1 
ATOM   813  C CD2 . LEU B 1 27  ? -14.180 -13.545 -11.717 1.00 46.91  ? 24   LEU B CD2 1 
ATOM   814  N N   . ALA B 1 28  ? -12.149 -9.750  -11.226 1.00 41.18  ? 25   ALA B N   1 
ATOM   815  C CA  . ALA B 1 28  ? -11.932 -8.869  -12.362 1.00 42.24  ? 25   ALA B CA  1 
ATOM   816  C C   . ALA B 1 28  ? -10.488 -8.965  -12.831 1.00 42.97  ? 25   ALA B C   1 
ATOM   817  O O   . ALA B 1 28  ? -10.216 -9.029  -14.029 1.00 46.86  ? 25   ALA B O   1 
ATOM   818  C CB  . ALA B 1 28  ? -12.264 -7.438  -11.983 1.00 39.70  ? 25   ALA B CB  1 
ATOM   819  N N   . ALA B 1 29  ? -9.559  -8.975  -11.882 1.00 42.23  ? 26   ALA B N   1 
ATOM   820  C CA  . ALA B 1 29  ? -8.145  -9.053  -12.208 1.00 41.97  ? 26   ALA B CA  1 
ATOM   821  C C   . ALA B 1 29  ? -7.807  -10.380 -12.881 1.00 43.30  ? 26   ALA B C   1 
ATOM   822  O O   . ALA B 1 29  ? -7.192  -10.403 -13.956 1.00 42.41  ? 26   ALA B O   1 
ATOM   823  C CB  . ALA B 1 29  ? -7.311  -8.870  -10.947 1.00 40.62  ? 26   ALA B CB  1 
ATOM   824  N N   . LEU B 1 30  ? -8.208  -11.481 -12.249 1.00 44.02  ? 27   LEU B N   1 
ATOM   825  C CA  . LEU B 1 30  ? -7.948  -12.812 -12.787 1.00 44.27  ? 27   LEU B CA  1 
ATOM   826  C C   . LEU B 1 30  ? -8.557  -12.948 -14.179 1.00 45.93  ? 27   LEU B C   1 
ATOM   827  O O   . LEU B 1 30  ? -8.020  -13.644 -15.047 1.00 45.73  ? 27   LEU B O   1 
ATOM   828  C CB  . LEU B 1 30  ? -8.535  -13.883 -11.863 1.00 43.67  ? 27   LEU B CB  1 
ATOM   829  C CG  . LEU B 1 30  ? -7.847  -14.107 -10.516 1.00 45.82  ? 27   LEU B CG  1 
ATOM   830  C CD1 . LEU B 1 30  ? -8.721  -15.023 -9.666  1.00 45.54  ? 27   LEU B CD1 1 
ATOM   831  C CD2 . LEU B 1 30  ? -6.448  -14.712 -10.721 1.00 41.79  ? 27   LEU B CD2 1 
ATOM   832  N N   . THR B 1 31  ? -9.690  -12.292 -14.388 1.00 45.56  ? 28   THR B N   1 
ATOM   833  C CA  . THR B 1 31  ? -10.336 -12.350 -15.686 1.00 46.79  ? 28   THR B CA  1 
ATOM   834  C C   . THR B 1 31  ? -9.354  -11.817 -16.723 1.00 49.12  ? 28   THR B C   1 
ATOM   835  O O   . THR B 1 31  ? -8.909  -12.563 -17.590 1.00 50.75  ? 28   THR B O   1 
ATOM   836  C CB  . THR B 1 31  ? -11.625 -11.518 -15.701 1.00 46.21  ? 28   THR B CB  1 
ATOM   837  O OG1 . THR B 1 31  ? -12.533 -12.047 -14.729 1.00 44.51  ? 28   THR B OG1 1 
ATOM   838  C CG2 . THR B 1 31  ? -12.276 -11.561 -17.070 1.00 41.24  ? 28   THR B CG2 1 
ATOM   839  N N   . LEU B 1 32  ? -8.998  -10.539 -16.631 1.00 49.08  ? 29   LEU B N   1 
ATOM   840  C CA  . LEU B 1 32  ? -8.050  -9.969  -17.581 1.00 50.66  ? 29   LEU B CA  1 
ATOM   841  C C   . LEU B 1 32  ? -6.863  -10.909 -17.795 1.00 51.28  ? 29   LEU B C   1 
ATOM   842  O O   . LEU B 1 32  ? -6.517  -11.227 -18.929 1.00 52.50  ? 29   LEU B O   1 
ATOM   843  C CB  . LEU B 1 32  ? -7.551  -8.611  -17.090 1.00 47.99  ? 29   LEU B CB  1 
ATOM   844  C CG  . LEU B 1 32  ? -8.649  -7.550  -17.019 1.00 48.60  ? 29   LEU B CG  1 
ATOM   845  C CD1 . LEU B 1 32  ? -8.181  -6.362  -16.196 1.00 45.41  ? 29   LEU B CD1 1 
ATOM   846  C CD2 . LEU B 1 32  ? -9.030  -7.131  -18.432 1.00 46.01  ? 29   LEU B CD2 1 
ATOM   847  N N   . LEU B 1 33  ? -6.248  -11.362 -16.707 1.00 50.78  ? 30   LEU B N   1 
ATOM   848  C CA  . LEU B 1 33  ? -5.102  -12.258 -16.812 1.00 53.44  ? 30   LEU B CA  1 
ATOM   849  C C   . LEU B 1 33  ? -5.406  -13.546 -17.579 1.00 57.68  ? 30   LEU B C   1 
ATOM   850  O O   . LEU B 1 33  ? -4.648  -13.957 -18.453 1.00 59.87  ? 30   LEU B O   1 
ATOM   851  C CB  . LEU B 1 33  ? -4.576  -12.597 -15.419 1.00 49.15  ? 30   LEU B CB  1 
ATOM   852  C CG  . LEU B 1 33  ? -3.941  -11.410 -14.701 1.00 46.18  ? 30   LEU B CG  1 
ATOM   853  C CD1 . LEU B 1 33  ? -3.607  -11.790 -13.274 1.00 46.47  ? 30   LEU B CD1 1 
ATOM   854  C CD2 . LEU B 1 33  ? -2.693  -10.979 -15.451 1.00 47.03  ? 30   LEU B CD2 1 
ATOM   855  N N   . ASN B 1 34  ? -6.517  -14.187 -17.251 1.00 61.85  ? 31   ASN B N   1 
ATOM   856  C CA  . ASN B 1 34  ? -6.887  -15.415 -17.932 1.00 64.46  ? 31   ASN B CA  1 
ATOM   857  C C   . ASN B 1 34  ? -7.414  -15.063 -19.314 1.00 67.03  ? 31   ASN B C   1 
ATOM   858  O O   . ASN B 1 34  ? -7.275  -15.826 -20.272 1.00 68.33  ? 31   ASN B O   1 
ATOM   859  C CB  . ASN B 1 34  ? -7.976  -16.131 -17.146 1.00 64.23  ? 31   ASN B CB  1 
ATOM   860  C CG  . ASN B 1 34  ? -8.289  -17.488 -17.709 1.00 64.41  ? 31   ASN B CG  1 
ATOM   861  O OD1 . ASN B 1 34  ? -7.512  -18.431 -17.544 1.00 65.89  ? 31   ASN B OD1 1 
ATOM   862  N ND2 . ASN B 1 34  ? -9.424  -17.600 -18.393 1.00 63.22  ? 31   ASN B ND2 1 
ATOM   863  N N   . GLN B 1 35  ? -8.014  -13.884 -19.393 1.00 68.63  ? 32   GLN B N   1 
ATOM   864  C CA  . GLN B 1 35  ? -8.613  -13.355 -20.606 1.00 70.26  ? 32   GLN B CA  1 
ATOM   865  C C   . GLN B 1 35  ? -7.580  -12.870 -21.624 1.00 71.05  ? 32   GLN B C   1 
ATOM   866  O O   . GLN B 1 35  ? -7.947  -12.338 -22.670 1.00 73.17  ? 32   GLN B O   1 
ATOM   867  C CB  . GLN B 1 35  ? -9.543  -12.206 -20.220 1.00 71.74  ? 32   GLN B CB  1 
ATOM   868  C CG  . GLN B 1 35  ? -10.505 -11.740 -21.277 1.00 74.36  ? 32   GLN B CG  1 
ATOM   869  C CD  . GLN B 1 35  ? -11.405 -10.635 -20.752 1.00 78.17  ? 32   GLN B CD  1 
ATOM   870  O OE1 . GLN B 1 35  ? -10.948 -9.524  -20.478 1.00 78.50  ? 32   GLN B OE1 1 
ATOM   871  N NE2 . GLN B 1 35  ? -12.690 -10.942 -20.592 1.00 78.01  ? 32   GLN B NE2 1 
ATOM   872  N N   . GLY B 1 36  ? -6.294  -13.029 -21.321 1.00 69.50  ? 33   GLY B N   1 
ATOM   873  C CA  . GLY B 1 36  ? -5.279  -12.595 -22.268 1.00 68.64  ? 33   GLY B CA  1 
ATOM   874  C C   . GLY B 1 36  ? -4.344  -11.451 -21.890 1.00 68.33  ? 33   GLY B C   1 
ATOM   875  O O   . GLY B 1 36  ? -3.142  -11.544 -22.151 1.00 67.33  ? 33   GLY B O   1 
ATOM   876  N N   . VAL B 1 37  ? -4.873  -10.379 -21.294 1.00 66.52  ? 34   VAL B N   1 
ATOM   877  C CA  . VAL B 1 37  ? -4.051  -9.228  -20.904 1.00 64.51  ? 34   VAL B CA  1 
ATOM   878  C C   . VAL B 1 37  ? -2.774  -9.670  -20.204 1.00 64.32  ? 34   VAL B C   1 
ATOM   879  O O   . VAL B 1 37  ? -2.797  -10.503 -19.299 1.00 63.77  ? 34   VAL B O   1 
ATOM   880  C CB  . VAL B 1 37  ? -4.808  -8.269  -19.972 1.00 64.86  ? 34   VAL B CB  1 
ATOM   881  C CG1 . VAL B 1 37  ? -3.974  -7.018  -19.742 1.00 63.02  ? 34   VAL B CG1 1 
ATOM   882  C CG2 . VAL B 1 37  ? -6.161  -7.909  -20.572 1.00 64.43  ? 34   VAL B CG2 1 
ATOM   883  N N   . SER B 1 38  ? -1.659  -9.092  -20.626 1.00 65.42  ? 35   SER B N   1 
ATOM   884  C CA  . SER B 1 38  ? -0.348  -9.439  -20.086 1.00 67.01  ? 35   SER B CA  1 
ATOM   885  C C   . SER B 1 38  ? 0.013   -8.714  -18.795 1.00 66.40  ? 35   SER B C   1 
ATOM   886  O O   . SER B 1 38  ? 0.630   -9.294  -17.894 1.00 67.51  ? 35   SER B O   1 
ATOM   887  C CB  . SER B 1 38  ? 0.721   -9.155  -21.145 1.00 68.93  ? 35   SER B CB  1 
ATOM   888  O OG  . SER B 1 38  ? 0.603   -7.824  -21.635 1.00 69.42  ? 35   SER B OG  1 
ATOM   889  N N   . GLU B 1 39  ? -0.357  -7.444  -18.715 1.00 63.36  ? 36   GLU B N   1 
ATOM   890  C CA  . GLU B 1 39  ? -0.056  -6.651  -17.540 1.00 61.06  ? 36   GLU B CA  1 
ATOM   891  C C   . GLU B 1 39  ? -1.249  -5.807  -17.117 1.00 58.65  ? 36   GLU B C   1 
ATOM   892  O O   . GLU B 1 39  ? -1.783  -5.023  -17.904 1.00 57.72  ? 36   GLU B O   1 
ATOM   893  C CB  . GLU B 1 39  ? 1.158   -5.763  -17.816 1.00 64.16  ? 36   GLU B CB  1 
ATOM   894  C CG  . GLU B 1 39  ? 1.365   -4.650  -16.796 1.00 69.96  ? 36   GLU B CG  1 
ATOM   895  C CD  . GLU B 1 39  ? 2.780   -4.092  -16.806 1.00 71.42  ? 36   GLU B CD  1 
ATOM   896  O OE1 . GLU B 1 39  ? 3.005   -3.033  -16.182 1.00 71.71  ? 36   GLU B OE1 1 
ATOM   897  O OE2 . GLU B 1 39  ? 3.666   -4.719  -17.430 1.00 73.38  ? 36   GLU B OE2 1 
ATOM   898  N N   . ILE B 1 40  ? -1.667  -5.983  -15.865 1.00 55.34  ? 37   ILE B N   1 
ATOM   899  C CA  . ILE B 1 40  ? -2.794  -5.236  -15.328 1.00 51.64  ? 37   ILE B CA  1 
ATOM   900  C C   . ILE B 1 40  ? -2.348  -4.313  -14.192 1.00 50.23  ? 37   ILE B C   1 
ATOM   901  O O   . ILE B 1 40  ? -1.349  -4.574  -13.511 1.00 47.50  ? 37   ILE B O   1 
ATOM   902  C CB  . ILE B 1 40  ? -3.901  -6.179  -14.814 1.00 50.09  ? 37   ILE B CB  1 
ATOM   903  C CG1 . ILE B 1 40  ? -3.379  -7.011  -13.650 1.00 49.28  ? 37   ILE B CG1 1 
ATOM   904  C CG2 . ILE B 1 40  ? -4.362  -7.098  -15.929 1.00 47.10  ? 37   ILE B CG2 1 
ATOM   905  C CD1 . ILE B 1 40  ? -4.475  -7.749  -12.922 1.00 48.95  ? 37   ILE B CD1 1 
ATOM   906  N N   . VAL B 1 41  ? -3.100  -3.232  -13.997 1.00 47.49  ? 38   VAL B N   1 
ATOM   907  C CA  . VAL B 1 41  ? -2.793  -2.251  -12.968 1.00 43.83  ? 38   VAL B CA  1 
ATOM   908  C C   . VAL B 1 41  ? -3.928  -2.108  -11.956 1.00 44.55  ? 38   VAL B C   1 
ATOM   909  O O   . VAL B 1 41  ? -5.061  -1.780  -12.324 1.00 42.28  ? 38   VAL B O   1 
ATOM   910  C CB  . VAL B 1 41  ? -2.523  -0.875  -13.613 1.00 44.95  ? 38   VAL B CB  1 
ATOM   911  C CG1 . VAL B 1 41  ? -2.354  0.188   -12.540 1.00 45.48  ? 38   VAL B CG1 1 
ATOM   912  C CG2 . VAL B 1 41  ? -1.289  -0.952  -14.490 1.00 39.94  ? 38   VAL B CG2 1 
ATOM   913  N N   . ILE B 1 42  ? -3.625  -2.361  -10.683 1.00 42.27  ? 39   ILE B N   1 
ATOM   914  C CA  . ILE B 1 42  ? -4.628  -2.235  -9.632  1.00 41.56  ? 39   ILE B CA  1 
ATOM   915  C C   . ILE B 1 42  ? -4.439  -0.883  -8.959  1.00 42.83  ? 39   ILE B C   1 
ATOM   916  O O   . ILE B 1 42  ? -3.357  -0.577  -8.468  1.00 42.53  ? 39   ILE B O   1 
ATOM   917  C CB  . ILE B 1 42  ? -4.493  -3.349  -8.574  1.00 41.59  ? 39   ILE B CB  1 
ATOM   918  C CG1 . ILE B 1 42  ? -4.858  -4.706  -9.181  1.00 41.08  ? 39   ILE B CG1 1 
ATOM   919  C CG2 . ILE B 1 42  ? -5.426  -3.075  -7.406  1.00 40.12  ? 39   ILE B CG2 1 
ATOM   920  C CD1 . ILE B 1 42  ? -3.862  -5.229  -10.172 1.00 44.14  ? 39   ILE B CD1 1 
ATOM   921  N N   . LYS B 1 43  ? -5.491  -0.071  -8.938  1.00 44.87  ? 40   LYS B N   1 
ATOM   922  C CA  . LYS B 1 43  ? -5.414  1.254   -8.336  1.00 44.20  ? 40   LYS B CA  1 
ATOM   923  C C   . LYS B 1 43  ? -6.402  1.437   -7.195  1.00 45.12  ? 40   LYS B C   1 
ATOM   924  O O   . LYS B 1 43  ? -7.487  0.849   -7.193  1.00 45.76  ? 40   LYS B O   1 
ATOM   925  C CB  . LYS B 1 43  ? -5.674  2.322   -9.397  1.00 45.79  ? 40   LYS B CB  1 
ATOM   926  C CG  . LYS B 1 43  ? -4.675  2.319   -10.530 1.00 50.29  ? 40   LYS B CG  1 
ATOM   927  C CD  . LYS B 1 43  ? -5.025  3.366   -11.570 1.00 52.80  ? 40   LYS B CD  1 
ATOM   928  C CE  . LYS B 1 43  ? -4.015  3.367   -12.701 1.00 56.15  ? 40   LYS B CE  1 
ATOM   929  N NZ  . LYS B 1 43  ? -4.418  4.304   -13.783 1.00 58.80  ? 40   LYS B NZ  1 
ATOM   930  N N   . ALA B 1 44  ? -6.017  2.256   -6.223  1.00 42.83  ? 41   ALA B N   1 
ATOM   931  C CA  . ALA B 1 44  ? -6.870  2.538   -5.081  1.00 45.04  ? 41   ALA B CA  1 
ATOM   932  C C   . ALA B 1 44  ? -6.464  3.858   -4.431  1.00 48.47  ? 41   ALA B C   1 
ATOM   933  O O   . ALA B 1 44  ? -5.359  4.364   -4.660  1.00 49.31  ? 41   ALA B O   1 
ATOM   934  C CB  . ALA B 1 44  ? -6.789  1.401   -4.062  1.00 42.21  ? 41   ALA B CB  1 
ATOM   935  N N   . ARG B 1 45  ? -7.370  4.419   -3.630  1.00 50.21  ? 42   ARG B N   1 
ATOM   936  C CA  . ARG B 1 45  ? -7.104  5.671   -2.934  1.00 50.57  ? 42   ARG B CA  1 
ATOM   937  C C   . ARG B 1 45  ? -7.657  5.536   -1.520  1.00 47.83  ? 42   ARG B C   1 
ATOM   938  O O   . ARG B 1 45  ? -8.626  4.819   -1.294  1.00 47.58  ? 42   ARG B O   1 
ATOM   939  C CB  . ARG B 1 45  ? -7.762  6.850   -3.687  1.00 54.99  ? 42   ARG B CB  1 
ATOM   940  C CG  . ARG B 1 45  ? -9.242  7.091   -3.374  1.00 62.17  ? 42   ARG B CG  1 
ATOM   941  C CD  . ARG B 1 45  ? -10.036 7.746   -4.527  1.00 67.27  ? 42   ARG B CD  1 
ATOM   942  N NE  . ARG B 1 45  ? -9.518  9.032   -5.003  1.00 72.67  ? 42   ARG B NE  1 
ATOM   943  C CZ  . ARG B 1 45  ? -8.598  9.170   -5.960  1.00 77.73  ? 42   ARG B CZ  1 
ATOM   944  N NH1 . ARG B 1 45  ? -8.084  8.097   -6.555  1.00 79.58  ? 42   ARG B NH1 1 
ATOM   945  N NH2 . ARG B 1 45  ? -8.200  10.382  -6.340  1.00 76.82  ? 42   ARG B NH2 1 
ATOM   946  N N   . GLY B 1 46  ? -7.020  6.196   -0.563  1.00 48.41  ? 43   GLY B N   1 
ATOM   947  C CA  . GLY B 1 46  ? -7.480  6.134   0.814   1.00 47.51  ? 43   GLY B CA  1 
ATOM   948  C C   . GLY B 1 46  ? -7.544  4.763   1.466   1.00 47.85  ? 43   GLY B C   1 
ATOM   949  O O   . GLY B 1 46  ? -6.604  3.977   1.392   1.00 49.86  ? 43   GLY B O   1 
ATOM   950  N N   . ARG B 1 47  ? -8.667  4.483   2.117   1.00 48.35  ? 44   ARG B N   1 
ATOM   951  C CA  . ARG B 1 47  ? -8.885  3.222   2.817   1.00 49.64  ? 44   ARG B CA  1 
ATOM   952  C C   . ARG B 1 47  ? -8.805  1.997   1.924   1.00 48.29  ? 44   ARG B C   1 
ATOM   953  O O   . ARG B 1 47  ? -8.531  0.900   2.402   1.00 48.43  ? 44   ARG B O   1 
ATOM   954  C CB  . ARG B 1 47  ? -10.249 3.241   3.496   1.00 54.64  ? 44   ARG B CB  1 
ATOM   955  C CG  . ARG B 1 47  ? -10.407 4.335   4.529   1.00 66.66  ? 44   ARG B CG  1 
ATOM   956  C CD  . ARG B 1 47  ? -11.848 4.841   4.597   1.00 74.58  ? 44   ARG B CD  1 
ATOM   957  N NE  . ARG B 1 47  ? -12.045 5.736   5.735   1.00 84.45  ? 44   ARG B NE  1 
ATOM   958  C CZ  . ARG B 1 47  ? -11.932 5.359   7.009   1.00 89.11  ? 44   ARG B CZ  1 
ATOM   959  N NH1 . ARG B 1 47  ? -11.626 4.100   7.308   1.00 90.83  ? 44   ARG B NH1 1 
ATOM   960  N NH2 . ARG B 1 47  ? -12.121 6.239   7.985   1.00 89.95  ? 44   ARG B NH2 1 
ATOM   961  N N   . ALA B 1 48  ? -9.059  2.178   0.632   1.00 46.42  ? 45   ALA B N   1 
ATOM   962  C CA  . ALA B 1 48  ? -9.023  1.067   -0.316  1.00 47.52  ? 45   ALA B CA  1 
ATOM   963  C C   . ALA B 1 48  ? -7.623  0.474   -0.522  1.00 47.00  ? 45   ALA B C   1 
ATOM   964  O O   . ALA B 1 48  ? -7.485  -0.690  -0.922  1.00 45.96  ? 45   ALA B O   1 
ATOM   965  C CB  . ALA B 1 48  ? -9.594  1.512   -1.664  1.00 48.76  ? 45   ALA B CB  1 
ATOM   966  N N   . ILE B 1 49  ? -6.595  1.274   -0.251  1.00 44.02  ? 46   ILE B N   1 
ATOM   967  C CA  . ILE B 1 49  ? -5.212  0.835   -0.412  1.00 41.72  ? 46   ILE B CA  1 
ATOM   968  C C   . ILE B 1 49  ? -4.961  -0.585  0.130   1.00 38.24  ? 46   ILE B C   1 
ATOM   969  O O   . ILE B 1 49  ? -4.317  -1.398  -0.533  1.00 34.81  ? 46   ILE B O   1 
ATOM   970  C CB  . ILE B 1 49  ? -4.254  1.875   0.234   1.00 40.89  ? 46   ILE B CB  1 
ATOM   971  C CG1 . ILE B 1 49  ? -4.379  3.195   -0.539  1.00 39.46  ? 46   ILE B CG1 1 
ATOM   972  C CG2 . ILE B 1 49  ? -2.817  1.376   0.213   1.00 37.27  ? 46   ILE B CG2 1 
ATOM   973  C CD1 . ILE B 1 49  ? -3.552  4.324   0.008   1.00 38.34  ? 46   ILE B CD1 1 
ATOM   974  N N   . SER B 1 50  ? -5.485  -0.883  1.315   1.00 33.63  ? 47   SER B N   1 
ATOM   975  C CA  . SER B 1 50  ? -5.334  -2.209  1.905   1.00 35.65  ? 47   SER B CA  1 
ATOM   976  C C   . SER B 1 50  ? -5.869  -3.268  0.947   1.00 34.99  ? 47   SER B C   1 
ATOM   977  O O   . SER B 1 50  ? -5.189  -4.235  0.589   1.00 33.69  ? 47   SER B O   1 
ATOM   978  C CB  . SER B 1 50  ? -6.140  -2.309  3.200   1.00 36.59  ? 47   SER B CB  1 
ATOM   979  O OG  . SER B 1 50  ? -5.836  -1.227  4.055   1.00 49.30  ? 47   SER B OG  1 
ATOM   980  N N   . LYS B 1 51  ? -7.117  -3.070  0.558   1.00 34.11  ? 48   LYS B N   1 
ATOM   981  C CA  . LYS B 1 51  ? -7.807  -3.980  -0.326  1.00 35.30  ? 48   LYS B CA  1 
ATOM   982  C C   . LYS B 1 51  ? -7.062  -4.129  -1.648  1.00 33.97  ? 48   LYS B C   1 
ATOM   983  O O   . LYS B 1 51  ? -7.054  -5.202  -2.253  1.00 29.31  ? 48   LYS B O   1 
ATOM   984  C CB  . LYS B 1 51  ? -9.231  -3.463  -0.554  1.00 39.24  ? 48   LYS B CB  1 
ATOM   985  C CG  . LYS B 1 51  ? -10.097 -4.356  -1.423  1.00 41.10  ? 48   LYS B CG  1 
ATOM   986  C CD  . LYS B 1 51  ? -11.523 -3.819  -1.498  1.00 47.86  ? 48   LYS B CD  1 
ATOM   987  C CE  . LYS B 1 51  ? -12.253 -3.891  -0.160  1.00 42.48  ? 48   LYS B CE  1 
ATOM   988  N NZ  . LYS B 1 51  ? -13.630 -3.372  -0.318  1.00 40.59  ? 48   LYS B NZ  1 
ATOM   989  N N   . ALA B 1 52  ? -6.439  -3.046  -2.097  1.00 33.24  ? 49   ALA B N   1 
ATOM   990  C CA  . ALA B 1 52  ? -5.689  -3.096  -3.339  1.00 34.85  ? 49   ALA B CA  1 
ATOM   991  C C   . ALA B 1 52  ? -4.549  -4.102  -3.177  1.00 35.38  ? 49   ALA B C   1 
ATOM   992  O O   . ALA B 1 52  ? -4.349  -4.972  -4.038  1.00 34.52  ? 49   ALA B O   1 
ATOM   993  C CB  . ALA B 1 52  ? -5.139  -1.724  -3.675  1.00 34.82  ? 49   ALA B CB  1 
ATOM   994  N N   . VAL B 1 53  ? -3.812  -3.982  -2.073  1.00 33.22  ? 50   VAL B N   1 
ATOM   995  C CA  . VAL B 1 53  ? -2.709  -4.892  -1.790  1.00 32.80  ? 50   VAL B CA  1 
ATOM   996  C C   . VAL B 1 53  ? -3.278  -6.295  -1.585  1.00 34.29  ? 50   VAL B C   1 
ATOM   997  O O   . VAL B 1 53  ? -2.684  -7.276  -2.030  1.00 35.99  ? 50   VAL B O   1 
ATOM   998  C CB  . VAL B 1 53  ? -1.915  -4.453  -0.522  1.00 32.03  ? 50   VAL B CB  1 
ATOM   999  C CG1 . VAL B 1 53  ? -0.911  -5.522  -0.111  1.00 24.82  ? 50   VAL B CG1 1 
ATOM   1000 C CG2 . VAL B 1 53  ? -1.180  -3.151  -0.802  1.00 30.52  ? 50   VAL B CG2 1 
ATOM   1001 N N   . ASP B 1 54  ? -4.434  -6.388  -0.927  1.00 35.48  ? 51   ASP B N   1 
ATOM   1002 C CA  . ASP B 1 54  ? -5.074  -7.684  -0.687  1.00 35.90  ? 51   ASP B CA  1 
ATOM   1003 C C   . ASP B 1 54  ? -5.416  -8.352  -2.016  1.00 36.72  ? 51   ASP B C   1 
ATOM   1004 O O   . ASP B 1 54  ? -5.189  -9.549  -2.197  1.00 37.19  ? 51   ASP B O   1 
ATOM   1005 C CB  . ASP B 1 54  ? -6.354  -7.529  0.152   1.00 35.21  ? 51   ASP B CB  1 
ATOM   1006 C CG  . ASP B 1 54  ? -6.069  -7.172  1.615   1.00 36.40  ? 51   ASP B CG  1 
ATOM   1007 O OD1 . ASP B 1 54  ? -5.016  -7.575  2.147   1.00 34.97  ? 51   ASP B OD1 1 
ATOM   1008 O OD2 . ASP B 1 54  ? -6.910  -6.501  2.243   1.00 36.00  ? 51   ASP B OD2 1 
ATOM   1009 N N   . THR B 1 55  ? -5.949  -7.564  -2.945  1.00 37.07  ? 52   THR B N   1 
ATOM   1010 C CA  . THR B 1 55  ? -6.326  -8.065  -4.265  1.00 35.94  ? 52   THR B CA  1 
ATOM   1011 C C   . THR B 1 55  ? -5.107  -8.617  -4.987  1.00 37.79  ? 52   THR B C   1 
ATOM   1012 O O   . THR B 1 55  ? -5.145  -9.699  -5.560  1.00 41.95  ? 52   THR B O   1 
ATOM   1013 C CB  . THR B 1 55  ? -6.936  -6.950  -5.122  1.00 35.02  ? 52   THR B CB  1 
ATOM   1014 O OG1 . THR B 1 55  ? -8.125  -6.466  -4.490  1.00 35.78  ? 52   THR B OG1 1 
ATOM   1015 C CG2 . THR B 1 55  ? -7.266  -7.455  -6.503  1.00 31.75  ? 52   THR B CG2 1 
ATOM   1016 N N   . VAL B 1 56  ? -4.016  -7.870  -4.964  1.00 36.48  ? 53   VAL B N   1 
ATOM   1017 C CA  . VAL B 1 56  ? -2.823  -8.344  -5.619  1.00 35.12  ? 53   VAL B CA  1 
ATOM   1018 C C   . VAL B 1 56  ? -2.330  -9.632  -4.968  1.00 36.34  ? 53   VAL B C   1 
ATOM   1019 O O   . VAL B 1 56  ? -2.132  -10.635 -5.646  1.00 37.25  ? 53   VAL B O   1 
ATOM   1020 C CB  . VAL B 1 56  ? -1.717  -7.298  -5.572  1.00 32.80  ? 53   VAL B CB  1 
ATOM   1021 C CG1 . VAL B 1 56  ? -0.441  -7.874  -6.171  1.00 27.41  ? 53   VAL B CG1 1 
ATOM   1022 C CG2 . VAL B 1 56  ? -2.160  -6.067  -6.338  1.00 29.01  ? 53   VAL B CG2 1 
ATOM   1023 N N   . GLU B 1 57  ? -2.142  -9.623  -3.657  1.00 35.04  ? 54   GLU B N   1 
ATOM   1024 C CA  . GLU B 1 57  ? -1.669  -10.831 -2.999  1.00 36.15  ? 54   GLU B CA  1 
ATOM   1025 C C   . GLU B 1 57  ? -2.550  -12.053 -3.272  1.00 37.81  ? 54   GLU B C   1 
ATOM   1026 O O   . GLU B 1 57  ? -2.034  -13.124 -3.589  1.00 37.01  ? 54   GLU B O   1 
ATOM   1027 C CB  . GLU B 1 57  ? -1.547  -10.603 -1.498  1.00 32.30  ? 54   GLU B CB  1 
ATOM   1028 C CG  . GLU B 1 57  ? -0.324  -9.805  -1.117  1.00 36.04  ? 54   GLU B CG  1 
ATOM   1029 C CD  . GLU B 1 57  ? 0.957   -10.435 -1.615  1.00 35.42  ? 54   GLU B CD  1 
ATOM   1030 O OE1 . GLU B 1 57  ? 1.377   -10.122 -2.742  1.00 35.51  ? 54   GLU B OE1 1 
ATOM   1031 O OE2 . GLU B 1 57  ? 1.543   -11.257 -0.884  1.00 37.51  ? 54   GLU B OE2 1 
ATOM   1032 N N   . ILE B 1 58  ? -3.868  -11.899 -3.145  1.00 37.68  ? 55   ILE B N   1 
ATOM   1033 C CA  . ILE B 1 58  ? -4.781  -13.012 -3.395  1.00 37.84  ? 55   ILE B CA  1 
ATOM   1034 C C   . ILE B 1 58  ? -4.710  -13.436 -4.855  1.00 38.86  ? 55   ILE B C   1 
ATOM   1035 O O   . ILE B 1 58  ? -4.879  -14.606 -5.179  1.00 37.98  ? 55   ILE B O   1 
ATOM   1036 C CB  . ILE B 1 58  ? -6.256  -12.648 -3.088  1.00 38.85  ? 55   ILE B CB  1 
ATOM   1037 C CG1 . ILE B 1 58  ? -6.449  -12.395 -1.593  1.00 34.87  ? 55   ILE B CG1 1 
ATOM   1038 C CG2 . ILE B 1 58  ? -7.178  -13.786 -3.534  1.00 33.98  ? 55   ILE B CG2 1 
ATOM   1039 C CD1 . ILE B 1 58  ? -7.847  -11.892 -1.260  1.00 34.15  ? 55   ILE B CD1 1 
ATOM   1040 N N   . VAL B 1 59  ? -4.470  -12.484 -5.743  1.00 38.72  ? 56   VAL B N   1 
ATOM   1041 C CA  . VAL B 1 59  ? -4.387  -12.826 -7.147  1.00 39.11  ? 56   VAL B CA  1 
ATOM   1042 C C   . VAL B 1 59  ? -3.148  -13.643 -7.459  1.00 44.51  ? 56   VAL B C   1 
ATOM   1043 O O   . VAL B 1 59  ? -3.253  -14.707 -8.061  1.00 47.18  ? 56   VAL B O   1 
ATOM   1044 C CB  . VAL B 1 59  ? -4.396  -11.580 -8.022  1.00 33.89  ? 56   VAL B CB  1 
ATOM   1045 C CG1 . VAL B 1 59  ? -3.960  -11.931 -9.439  1.00 29.88  ? 56   VAL B CG1 1 
ATOM   1046 C CG2 . VAL B 1 59  ? -5.790  -10.980 -8.018  1.00 32.95  ? 56   VAL B CG2 1 
ATOM   1047 N N   . ARG B 1 60  ? -1.974  -13.167 -7.059  1.00 47.58  ? 57   ARG B N   1 
ATOM   1048 C CA  . ARG B 1 60  ? -0.774  -13.922 -7.359  1.00 54.81  ? 57   ARG B CA  1 
ATOM   1049 C C   . ARG B 1 60  ? -0.646  -15.128 -6.448  1.00 60.76  ? 57   ARG B C   1 
ATOM   1050 O O   . ARG B 1 60  ? -0.952  -16.242 -6.864  1.00 62.77  ? 57   ARG B O   1 
ATOM   1051 C CB  . ARG B 1 60  ? 0.477   -13.038 -7.294  1.00 54.17  ? 57   ARG B CB  1 
ATOM   1052 C CG  . ARG B 1 60  ? 0.813   -12.439 -5.968  1.00 55.33  ? 57   ARG B CG  1 
ATOM   1053 C CD  . ARG B 1 60  ? 2.202   -11.832 -6.028  1.00 57.72  ? 57   ARG B CD  1 
ATOM   1054 N NE  . ARG B 1 60  ? 2.588   -11.243 -4.755  1.00 60.19  ? 57   ARG B NE  1 
ATOM   1055 C CZ  . ARG B 1 60  ? 3.821   -10.860 -4.458  1.00 64.19  ? 57   ARG B CZ  1 
ATOM   1056 N NH1 . ARG B 1 60  ? 4.788   -11.012 -5.353  1.00 65.64  ? 57   ARG B NH1 1 
ATOM   1057 N NH2 . ARG B 1 60  ? 4.089   -10.322 -3.273  1.00 66.51  ? 57   ARG B NH2 1 
ATOM   1058 N N   . ASN B 1 61  ? -0.193  -14.933 -5.214  1.00 68.13  ? 58   ASN B N   1 
ATOM   1059 C CA  . ASN B 1 61  ? -0.092  -16.069 -4.305  1.00 71.72  ? 58   ASN B CA  1 
ATOM   1060 C C   . ASN B 1 61  ? -1.506  -16.608 -4.324  1.00 72.61  ? 58   ASN B C   1 
ATOM   1061 O O   . ASN B 1 61  ? -2.455  -15.828 -4.306  1.00 70.69  ? 58   ASN B O   1 
ATOM   1062 C CB  . ASN B 1 61  ? 0.221   -15.636 -2.869  1.00 73.85  ? 58   ASN B CB  1 
ATOM   1063 C CG  . ASN B 1 61  ? 1.311   -14.609 -2.791  1.00 76.19  ? 58   ASN B CG  1 
ATOM   1064 O OD1 . ASN B 1 61  ? 2.447   -14.850 -3.209  1.00 79.21  ? 58   ASN B OD1 1 
ATOM   1065 N ND2 . ASN B 1 61  ? 0.974   -13.446 -2.246  1.00 77.61  ? 58   ASN B ND2 1 
ATOM   1066 N N   . ARG B 1 62  ? -1.661  -17.922 -4.373  1.00 74.92  ? 59   ARG B N   1 
ATOM   1067 C CA  . ARG B 1 62  ? -3.000  -18.461 -4.378  1.00 77.34  ? 59   ARG B CA  1 
ATOM   1068 C C   . ARG B 1 62  ? -3.657  -17.984 -5.674  1.00 79.59  ? 59   ARG B C   1 
ATOM   1069 O O   . ARG B 1 62  ? -3.738  -16.788 -5.922  1.00 80.61  ? 59   ARG B O   1 
ATOM   1070 C CB  . ARG B 1 62  ? -3.750  -17.925 -3.141  1.00 74.78  ? 59   ARG B CB  1 
ATOM   1071 C CG  . ARG B 1 62  ? -5.228  -18.250 -3.068  1.00 75.89  ? 59   ARG B CG  1 
ATOM   1072 C CD  . ARG B 1 62  ? -5.936  -17.444 -1.980  1.00 77.80  ? 59   ARG B CD  1 
ATOM   1073 N NE  . ARG B 1 62  ? -7.395  -17.536 -2.081  1.00 78.58  ? 59   ARG B NE  1 
ATOM   1074 C CZ  . ARG B 1 62  ? -8.252  -16.832 -1.342  1.00 80.95  ? 59   ARG B CZ  1 
ATOM   1075 N NH1 . ARG B 1 62  ? -7.810  -15.975 -0.431  1.00 82.76  ? 59   ARG B NH1 1 
ATOM   1076 N NH2 . ARG B 1 62  ? -9.559  -16.971 -1.523  1.00 83.22  ? 59   ARG B NH2 1 
ATOM   1077 N N   . PHE B 1 63  ? -4.085  -18.930 -6.506  1.00 82.41  ? 60   PHE B N   1 
ATOM   1078 C CA  . PHE B 1 63  ? -4.766  -18.653 -7.776  1.00 83.11  ? 60   PHE B CA  1 
ATOM   1079 C C   . PHE B 1 63  ? -3.914  -18.700 -9.025  1.00 83.35  ? 60   PHE B C   1 
ATOM   1080 O O   . PHE B 1 63  ? -4.275  -19.379 -9.978  1.00 85.56  ? 60   PHE B O   1 
ATOM   1081 C CB  . PHE B 1 63  ? -5.506  -17.320 -7.730  1.00 86.00  ? 60   PHE B CB  1 
ATOM   1082 C CG  . PHE B 1 63  ? -6.587  -17.266 -6.693  1.00 89.62  ? 60   PHE B CG  1 
ATOM   1083 C CD1 . PHE B 1 63  ? -7.385  -16.139 -6.564  1.00 92.45  ? 60   PHE B CD1 1 
ATOM   1084 C CD2 . PHE B 1 63  ? -6.796  -18.339 -5.826  1.00 90.61  ? 60   PHE B CD2 1 
ATOM   1085 C CE1 . PHE B 1 63  ? -8.376  -16.078 -5.587  1.00 95.66  ? 60   PHE B CE1 1 
ATOM   1086 C CE2 . PHE B 1 63  ? -7.781  -18.290 -4.848  1.00 92.54  ? 60   PHE B CE2 1 
ATOM   1087 C CZ  . PHE B 1 63  ? -8.573  -17.159 -4.724  1.00 94.79  ? 60   PHE B CZ  1 
ATOM   1088 N N   . LEU B 1 64  ? -2.801  -17.978 -9.045  1.00 83.56  ? 61   LEU B N   1 
ATOM   1089 C CA  . LEU B 1 64  ? -1.925  -17.993 -10.216 1.00 86.07  ? 61   LEU B CA  1 
ATOM   1090 C C   . LEU B 1 64  ? -0.473  -18.263 -9.811  1.00 89.85  ? 61   LEU B C   1 
ATOM   1091 O O   . LEU B 1 64  ? 0.431   -17.482 -10.131 1.00 90.95  ? 61   LEU B O   1 
ATOM   1092 C CB  . LEU B 1 64  ? -2.037  -16.667 -10.978 1.00 81.63  ? 61   LEU B CB  1 
ATOM   1093 C CG  . LEU B 1 64  ? -2.939  -16.689 -12.218 1.00 80.30  ? 61   LEU B CG  1 
ATOM   1094 C CD1 . LEU B 1 64  ? -3.486  -15.307 -12.519 1.00 79.40  ? 61   LEU B CD1 1 
ATOM   1095 C CD2 . LEU B 1 64  ? -2.150  -17.216 -13.394 1.00 79.57  ? 61   LEU B CD2 1 
ATOM   1096 N N   . PRO B 1 65  ? -0.235  -19.395 -9.117  1.00 91.26  ? 62   PRO B N   1 
ATOM   1097 C CA  . PRO B 1 65  ? 1.067   -19.861 -8.618  1.00 92.25  ? 62   PRO B CA  1 
ATOM   1098 C C   . PRO B 1 65  ? 2.315   -19.568 -9.475  1.00 92.65  ? 62   PRO B C   1 
ATOM   1099 O O   . PRO B 1 65  ? 2.406   -19.987 -10.637 1.00 92.29  ? 62   PRO B O   1 
ATOM   1100 C CB  . PRO B 1 65  ? 0.835   -21.358 -8.428  1.00 93.03  ? 62   PRO B CB  1 
ATOM   1101 C CG  . PRO B 1 65  ? -0.582  -21.402 -7.983  1.00 91.35  ? 62   PRO B CG  1 
ATOM   1102 C CD  . PRO B 1 65  ? -1.252  -20.449 -8.943  1.00 90.84  ? 62   PRO B CD  1 
ATOM   1103 N N   . ASP B 1 66  ? 3.267   -18.856 -8.862  1.00 92.14  ? 63   ASP B N   1 
ATOM   1104 C CA  . ASP B 1 66  ? 4.560   -18.460 -9.452  1.00 90.07  ? 63   ASP B CA  1 
ATOM   1105 C C   . ASP B 1 66  ? 4.537   -17.840 -10.845 1.00 86.74  ? 63   ASP B C   1 
ATOM   1106 O O   . ASP B 1 66  ? 5.590   -17.573 -11.426 1.00 86.28  ? 63   ASP B O   1 
ATOM   1107 C CB  . ASP B 1 66  ? 5.529   -19.655 -9.458  1.00 91.90  ? 63   ASP B CB  1 
ATOM   1108 C CG  . ASP B 1 66  ? 5.941   -20.079 -8.062  1.00 94.08  ? 63   ASP B CG  1 
ATOM   1109 O OD1 . ASP B 1 66  ? 6.532   -19.246 -7.343  1.00 95.79  ? 63   ASP B OD1 1 
ATOM   1110 O OD2 . ASP B 1 66  ? 5.676   -21.243 -7.684  1.00 94.47  ? 63   ASP B OD2 1 
ATOM   1111 N N   . LYS B 1 67  ? 3.347   -17.592 -11.373 1.00 82.81  ? 64   LYS B N   1 
ATOM   1112 C CA  . LYS B 1 67  ? 3.226   -17.022 -12.702 1.00 79.21  ? 64   LYS B CA  1 
ATOM   1113 C C   . LYS B 1 67  ? 3.123   -15.500 -12.731 1.00 75.28  ? 64   LYS B C   1 
ATOM   1114 O O   . LYS B 1 67  ? 3.359   -14.886 -13.764 1.00 75.58  ? 64   LYS B O   1 
ATOM   1115 C CB  . LYS B 1 67  ? 2.001   -17.600 -13.403 1.00 80.55  ? 64   LYS B CB  1 
ATOM   1116 C CG  . LYS B 1 67  ? 1.936   -19.110 -13.462 1.00 80.56  ? 64   LYS B CG  1 
ATOM   1117 C CD  . LYS B 1 67  ? 0.714   -19.504 -14.258 1.00 80.72  ? 64   LYS B CD  1 
ATOM   1118 C CE  . LYS B 1 67  ? 0.581   -20.993 -14.405 1.00 83.25  ? 64   LYS B CE  1 
ATOM   1119 N NZ  . LYS B 1 67  ? -0.571  -21.292 -15.300 1.00 84.21  ? 64   LYS B NZ  1 
ATOM   1120 N N   . ILE B 1 68  ? 2.765   -14.886 -11.610 1.00 71.33  ? 65   ILE B N   1 
ATOM   1121 C CA  . ILE B 1 68  ? 2.616   -13.439 -11.581 1.00 68.36  ? 65   ILE B CA  1 
ATOM   1122 C C   . ILE B 1 68  ? 3.652   -12.687 -10.763 1.00 66.05  ? 65   ILE B C   1 
ATOM   1123 O O   . ILE B 1 68  ? 4.005   -13.087 -9.655  1.00 65.73  ? 65   ILE B O   1 
ATOM   1124 C CB  . ILE B 1 68  ? 1.231   -13.044 -11.072 1.00 67.61  ? 65   ILE B CB  1 
ATOM   1125 C CG1 . ILE B 1 68  ? 0.170   -13.565 -12.036 1.00 68.37  ? 65   ILE B CG1 1 
ATOM   1126 C CG2 . ILE B 1 68  ? 1.137   -11.530 -10.948 1.00 68.53  ? 65   ILE B CG2 1 
ATOM   1127 C CD1 . ILE B 1 68  ? -1.234  -13.238 -11.607 1.00 72.04  ? 65   ILE B CD1 1 
ATOM   1128 N N   . GLU B 1 69  ? 4.126   -11.581 -11.322 1.00 63.70  ? 66   GLU B N   1 
ATOM   1129 C CA  . GLU B 1 69  ? 5.118   -10.765 -10.649 1.00 62.84  ? 66   GLU B CA  1 
ATOM   1130 C C   . GLU B 1 69  ? 4.668   -9.316  -10.525 1.00 59.33  ? 66   GLU B C   1 
ATOM   1131 O O   . GLU B 1 69  ? 3.939   -8.790  -11.372 1.00 56.12  ? 66   GLU B O   1 
ATOM   1132 C CB  . GLU B 1 69  ? 6.457   -10.812 -11.394 1.00 65.83  ? 66   GLU B CB  1 
ATOM   1133 C CG  . GLU B 1 69  ? 6.412   -10.231 -12.808 1.00 73.81  ? 66   GLU B CG  1 
ATOM   1134 C CD  . GLU B 1 69  ? 7.799   -10.015 -13.413 1.00 78.50  ? 66   GLU B CD  1 
ATOM   1135 O OE1 . GLU B 1 69  ? 8.598   -10.980 -13.442 1.00 81.52  ? 66   GLU B OE1 1 
ATOM   1136 O OE2 . GLU B 1 69  ? 8.089   -8.879  -13.864 1.00 79.59  ? 66   GLU B OE2 1 
ATOM   1137 N N   . ILE B 1 70  ? 5.109   -8.687  -9.443  1.00 55.38  ? 67   ILE B N   1 
ATOM   1138 C CA  . ILE B 1 70  ? 4.808   -7.295  -9.192  1.00 52.01  ? 67   ILE B CA  1 
ATOM   1139 C C   . ILE B 1 70  ? 5.838   -6.521  -9.994  1.00 49.99  ? 67   ILE B C   1 
ATOM   1140 O O   . ILE B 1 70  ? 7.025   -6.559  -9.688  1.00 49.33  ? 67   ILE B O   1 
ATOM   1141 C CB  . ILE B 1 70  ? 4.975   -6.956  -7.702  1.00 51.18  ? 67   ILE B CB  1 
ATOM   1142 C CG1 . ILE B 1 70  ? 3.991   -7.779  -6.873  1.00 49.28  ? 67   ILE B CG1 1 
ATOM   1143 C CG2 . ILE B 1 70  ? 4.745   -5.463  -7.477  1.00 53.19  ? 67   ILE B CG2 1 
ATOM   1144 C CD1 . ILE B 1 70  ? 4.176   -7.640  -5.390  1.00 47.96  ? 67   ILE B CD1 1 
ATOM   1145 N N   . LYS B 1 71  ? 5.392   -5.835  -11.034 1.00 48.07  ? 68   LYS B N   1 
ATOM   1146 C CA  . LYS B 1 71  ? 6.316   -5.071  -11.852 1.00 48.21  ? 68   LYS B CA  1 
ATOM   1147 C C   . LYS B 1 71  ? 6.610   -3.711  -11.243 1.00 49.05  ? 68   LYS B C   1 
ATOM   1148 O O   . LYS B 1 71  ? 7.729   -3.208  -11.346 1.00 48.82  ? 68   LYS B O   1 
ATOM   1149 C CB  . LYS B 1 71  ? 5.760   -4.898  -13.268 1.00 46.27  ? 68   LYS B CB  1 
ATOM   1150 C CG  . LYS B 1 71  ? 6.412   -3.775  -14.062 1.00 48.26  ? 68   LYS B CG  1 
ATOM   1151 C CD  . LYS B 1 71  ? 5.965   -3.796  -15.515 1.00 53.47  ? 68   LYS B CD  1 
ATOM   1152 C CE  . LYS B 1 71  ? 6.332   -2.515  -16.255 1.00 54.62  ? 68   LYS B CE  1 
ATOM   1153 N NZ  . LYS B 1 71  ? 5.466   -1.348  -15.862 1.00 57.09  ? 68   LYS B NZ  1 
ATOM   1154 N N   . GLU B 1 72  ? 5.616   -3.116  -10.596 1.00 50.60  ? 69   GLU B N   1 
ATOM   1155 C CA  . GLU B 1 72  ? 5.823   -1.801  -10.014 1.00 50.93  ? 69   GLU B CA  1 
ATOM   1156 C C   . GLU B 1 72  ? 4.744   -1.361  -9.038  1.00 49.85  ? 69   GLU B C   1 
ATOM   1157 O O   . GLU B 1 72  ? 3.574   -1.696  -9.198  1.00 51.54  ? 69   GLU B O   1 
ATOM   1158 C CB  . GLU B 1 72  ? 5.931   -0.777  -11.139 1.00 53.33  ? 69   GLU B CB  1 
ATOM   1159 C CG  . GLU B 1 72  ? 6.178   0.636   -10.683 1.00 57.14  ? 69   GLU B CG  1 
ATOM   1160 C CD  . GLU B 1 72  ? 6.300   1.604   -11.846 1.00 59.23  ? 69   GLU B CD  1 
ATOM   1161 O OE1 . GLU B 1 72  ? 5.301   1.812   -12.573 1.00 56.29  ? 69   GLU B OE1 1 
ATOM   1162 O OE2 . GLU B 1 72  ? 7.409   2.151   -12.028 1.00 62.97  ? 69   GLU B OE2 1 
ATOM   1163 N N   . ILE B 1 73  ? 5.157   -0.607  -8.025  1.00 47.50  ? 70   ILE B N   1 
ATOM   1164 C CA  . ILE B 1 73  ? 4.245   -0.068  -7.030  1.00 43.62  ? 70   ILE B CA  1 
ATOM   1165 C C   . ILE B 1 73  ? 4.536   1.420   -6.905  1.00 45.89  ? 70   ILE B C   1 
ATOM   1166 O O   . ILE B 1 73  ? 5.655   1.823   -6.579  1.00 42.64  ? 70   ILE B O   1 
ATOM   1167 C CB  . ILE B 1 73  ? 4.449   -0.685  -5.640  1.00 41.51  ? 70   ILE B CB  1 
ATOM   1168 C CG1 . ILE B 1 73  ? 4.165   -2.178  -5.678  1.00 36.73  ? 70   ILE B CG1 1 
ATOM   1169 C CG2 . ILE B 1 73  ? 3.522   0.000   -4.626  1.00 40.10  ? 70   ILE B CG2 1 
ATOM   1170 C CD1 . ILE B 1 73  ? 4.482   -2.850  -4.380  1.00 35.06  ? 70   ILE B CD1 1 
ATOM   1171 N N   . ARG B 1 74  ? 3.517   2.227   -7.163  1.00 47.66  ? 71   ARG B N   1 
ATOM   1172 C CA  . ARG B 1 74  ? 3.620   3.673   -7.079  1.00 46.46  ? 71   ARG B CA  1 
ATOM   1173 C C   . ARG B 1 74  ? 2.687   4.127   -5.980  1.00 47.90  ? 71   ARG B C   1 
ATOM   1174 O O   . ARG B 1 74  ? 1.580   3.605   -5.832  1.00 49.73  ? 71   ARG B O   1 
ATOM   1175 C CB  . ARG B 1 74  ? 3.199   4.312   -8.400  1.00 47.44  ? 71   ARG B CB  1 
ATOM   1176 C CG  . ARG B 1 74  ? 4.116   3.966   -9.561  1.00 48.70  ? 71   ARG B CG  1 
ATOM   1177 C CD  . ARG B 1 74  ? 4.858   5.193   -10.004 1.00 47.36  ? 71   ARG B CD  1 
ATOM   1178 N NE  . ARG B 1 74  ? 4.236   5.827   -11.156 1.00 47.81  ? 71   ARG B NE  1 
ATOM   1179 C CZ  . ARG B 1 74  ? 4.421   7.098   -11.489 1.00 48.18  ? 71   ARG B CZ  1 
ATOM   1180 N NH1 . ARG B 1 74  ? 5.203   7.870   -10.747 1.00 46.49  ? 71   ARG B NH1 1 
ATOM   1181 N NH2 . ARG B 1 74  ? 3.840   7.591   -12.574 1.00 47.80  ? 71   ARG B NH2 1 
ATOM   1182 N N   . VAL B 1 75  ? 3.142   5.109   -5.218  1.00 48.33  ? 72   VAL B N   1 
ATOM   1183 C CA  . VAL B 1 75  ? 2.382   5.654   -4.107  1.00 47.48  ? 72   VAL B CA  1 
ATOM   1184 C C   . VAL B 1 75  ? 2.359   7.167   -4.281  1.00 51.12  ? 72   VAL B C   1 
ATOM   1185 O O   . VAL B 1 75  ? 3.331   7.748   -4.772  1.00 52.33  ? 72   VAL B O   1 
ATOM   1186 C CB  . VAL B 1 75  ? 3.069   5.259   -2.786  1.00 46.99  ? 72   VAL B CB  1 
ATOM   1187 C CG1 . VAL B 1 75  ? 3.115   6.431   -1.834  1.00 47.35  ? 72   VAL B CG1 1 
ATOM   1188 C CG2 . VAL B 1 75  ? 2.351   4.070   -2.171  1.00 41.49  ? 72   VAL B CG2 1 
ATOM   1189 N N   . GLY B 1 76  ? 1.258   7.808   -3.897  1.00 52.18  ? 73   GLY B N   1 
ATOM   1190 C CA  . GLY B 1 76  ? 1.172   9.253   -4.043  1.00 52.50  ? 73   GLY B CA  1 
ATOM   1191 C C   . GLY B 1 76  ? -0.012  9.881   -3.332  1.00 54.23  ? 73   GLY B C   1 
ATOM   1192 O O   . GLY B 1 76  ? -0.708  9.218   -2.574  1.00 53.36  ? 73   GLY B O   1 
ATOM   1193 N N   . SER B 1 77  ? -0.241  11.167  -3.572  1.00 57.05  ? 74   SER B N   1 
ATOM   1194 C CA  . SER B 1 77  ? -1.351  11.872  -2.940  1.00 60.18  ? 74   SER B CA  1 
ATOM   1195 C C   . SER B 1 77  ? -2.112  12.655  -3.982  1.00 65.58  ? 74   SER B C   1 
ATOM   1196 O O   . SER B 1 77  ? -1.534  13.129  -4.954  1.00 67.29  ? 74   SER B O   1 
ATOM   1197 C CB  . SER B 1 77  ? -0.841  12.844  -1.876  1.00 56.17  ? 74   SER B CB  1 
ATOM   1198 O OG  . SER B 1 77  ? 0.008   12.198  -0.949  1.00 52.97  ? 74   SER B OG  1 
ATOM   1199 N N   . GLN B 1 78  ? -3.411  12.787  -3.774  1.00 73.31  ? 75   GLN B N   1 
ATOM   1200 C CA  . GLN B 1 78  ? -4.262  13.534  -4.685  1.00 82.44  ? 75   GLN B CA  1 
ATOM   1201 C C   . GLN B 1 78  ? -5.159  14.437  -3.840  1.00 87.18  ? 75   GLN B C   1 
ATOM   1202 O O   . GLN B 1 78  ? -5.676  14.018  -2.802  1.00 86.84  ? 75   GLN B O   1 
ATOM   1203 C CB  . GLN B 1 78  ? -5.099  12.573  -5.539  1.00 85.76  ? 75   GLN B CB  1 
ATOM   1204 C CG  . GLN B 1 78  ? -6.176  13.240  -6.401  1.00 92.93  ? 75   GLN B CG  1 
ATOM   1205 C CD  . GLN B 1 78  ? -5.618  14.259  -7.391  1.00 95.89  ? 75   GLN B CD  1 
ATOM   1206 O OE1 . GLN B 1 78  ? -5.066  15.294  -7.001  1.00 96.07  ? 75   GLN B OE1 1 
ATOM   1207 N NE2 . GLN B 1 78  ? -5.769  13.971  -8.683  1.00 95.87  ? 75   GLN B NE2 1 
ATOM   1208 N N   . VAL B 1 79  ? -5.324  15.680  -4.279  1.00 93.58  ? 76   VAL B N   1 
ATOM   1209 C CA  . VAL B 1 79  ? -6.143  16.645  -3.552  1.00 98.35  ? 76   VAL B CA  1 
ATOM   1210 C C   . VAL B 1 79  ? -7.630  16.413  -3.769  1.00 101.43 ? 76   VAL B C   1 
ATOM   1211 O O   . VAL B 1 79  ? -8.057  15.948  -4.826  1.00 101.67 ? 76   VAL B O   1 
ATOM   1212 C CB  . VAL B 1 79  ? -5.805  18.090  -3.973  1.00 98.92  ? 76   VAL B CB  1 
ATOM   1213 C CG1 . VAL B 1 79  ? -6.588  19.074  -3.119  1.00 99.76  ? 76   VAL B CG1 1 
ATOM   1214 C CG2 . VAL B 1 79  ? -4.307  18.335  -3.837  1.00 99.08  ? 76   VAL B CG2 1 
ATOM   1215 N N   . VAL B 1 80  ? -8.417  16.747  -2.752  1.00 105.72 ? 77   VAL B N   1 
ATOM   1216 C CA  . VAL B 1 80  ? -9.863  16.588  -2.808  1.00 110.45 ? 77   VAL B CA  1 
ATOM   1217 C C   . VAL B 1 80  ? -10.553 17.813  -2.208  1.00 113.85 ? 77   VAL B C   1 
ATOM   1218 O O   . VAL B 1 80  ? -10.578 17.990  -0.986  1.00 113.91 ? 77   VAL B O   1 
ATOM   1219 C CB  . VAL B 1 80  ? -10.307 15.321  -2.043  1.00 109.94 ? 77   VAL B CB  1 
ATOM   1220 C CG1 . VAL B 1 80  ? -11.822 15.285  -1.912  1.00 110.48 ? 77   VAL B CG1 1 
ATOM   1221 C CG2 . VAL B 1 80  ? -9.815  14.083  -2.773  1.00 108.98 ? 77   VAL B CG2 1 
ATOM   1222 N N   . THR B 1 81  ? -11.106 18.656  -3.079  1.00 117.54 ? 78   THR B N   1 
ATOM   1223 C CA  . THR B 1 81  ? -11.804 19.867  -2.654  1.00 120.63 ? 78   THR B CA  1 
ATOM   1224 C C   . THR B 1 81  ? -13.125 19.494  -1.987  1.00 123.51 ? 78   THR B C   1 
ATOM   1225 O O   . THR B 1 81  ? -13.450 19.996  -0.910  1.00 123.98 ? 78   THR B O   1 
ATOM   1226 C CB  . THR B 1 81  ? -12.101 20.792  -3.853  1.00 120.00 ? 78   THR B CB  1 
ATOM   1227 O OG1 . THR B 1 81  ? -10.875 21.125  -4.518  1.00 119.82 ? 78   THR B OG1 1 
ATOM   1228 C CG2 . THR B 1 81  ? -12.782 22.073  -3.386  1.00 118.65 ? 78   THR B CG2 1 
ATOM   1229 N N   . SER B 1 82  ? -13.872 18.608  -2.641  1.00 126.53 ? 79   SER B N   1 
ATOM   1230 C CA  . SER B 1 82  ? -15.162 18.137  -2.144  1.00 129.67 ? 79   SER B CA  1 
ATOM   1231 C C   . SER B 1 82  ? -16.095 19.276  -1.727  1.00 131.90 ? 79   SER B C   1 
ATOM   1232 O O   . SER B 1 82  ? -16.252 20.264  -2.452  1.00 132.77 ? 79   SER B O   1 
ATOM   1233 C CB  . SER B 1 82  ? -14.958 17.167  -0.971  1.00 129.49 ? 79   SER B CB  1 
ATOM   1234 O OG  . SER B 1 82  ? -14.294 17.788  0.116   1.00 130.83 ? 79   SER B OG  1 
ATOM   1235 N N   . GLN B 1 83  ? -16.717 19.129  -0.560  1.00 133.72 ? 80   GLN B N   1 
ATOM   1236 C CA  . GLN B 1 83  ? -17.643 20.130  -0.039  1.00 135.04 ? 80   GLN B CA  1 
ATOM   1237 C C   . GLN B 1 83  ? -16.910 21.294  0.631   1.00 135.91 ? 80   GLN B C   1 
ATOM   1238 O O   . GLN B 1 83  ? -15.712 21.204  0.918   1.00 136.23 ? 80   GLN B O   1 
ATOM   1239 C CB  . GLN B 1 83  ? -18.602 19.472  0.955   1.00 134.79 ? 80   GLN B CB  1 
ATOM   1240 C CG  . GLN B 1 83  ? -19.398 18.326  0.362   1.00 134.91 ? 80   GLN B CG  1 
ATOM   1241 C CD  . GLN B 1 83  ? -20.118 17.518  1.418   1.00 135.83 ? 80   GLN B CD  1 
ATOM   1242 O OE1 . GLN B 1 83  ? -20.939 18.046  2.167   1.00 135.99 ? 80   GLN B OE1 1 
ATOM   1243 N NE2 . GLN B 1 83  ? -19.812 16.228  1.485   1.00 135.57 ? 80   GLN B NE2 1 
ATOM   1244 N N   . ASP B 1 84  ? -17.645 22.378  0.883   1.00 136.11 ? 81   ASP B N   1 
ATOM   1245 C CA  . ASP B 1 84  ? -17.117 23.595  1.505   1.00 135.86 ? 81   ASP B CA  1 
ATOM   1246 C C   . ASP B 1 84  ? -15.731 24.019  1.010   1.00 135.01 ? 81   ASP B C   1 
ATOM   1247 O O   . ASP B 1 84  ? -15.069 24.851  1.632   1.00 135.15 ? 81   ASP B O   1 
ATOM   1248 C CB  . ASP B 1 84  ? -17.118 23.480  3.044   1.00 137.06 ? 81   ASP B CB  1 
ATOM   1249 C CG  . ASP B 1 84  ? -16.406 22.233  3.559   1.00 137.99 ? 81   ASP B CG  1 
ATOM   1250 O OD1 . ASP B 1 84  ? -16.944 21.117  3.387   1.00 138.31 ? 81   ASP B OD1 1 
ATOM   1251 O OD2 . ASP B 1 84  ? -15.309 22.370  4.143   1.00 138.20 ? 81   ASP B OD2 1 
ATOM   1252 N N   . GLY B 1 85  ? -15.313 23.448  -0.118  1.00 133.52 ? 82   GLY B N   1 
ATOM   1253 C CA  . GLY B 1 85  ? -14.022 23.767  -0.706  1.00 131.39 ? 82   GLY B CA  1 
ATOM   1254 C C   . GLY B 1 85  ? -12.824 23.817  0.228   1.00 129.96 ? 82   GLY B C   1 
ATOM   1255 O O   . GLY B 1 85  ? -11.777 24.341  -0.152  1.00 130.16 ? 82   GLY B O   1 
ATOM   1256 N N   . ARG B 1 86  ? -12.961 23.277  1.438   1.00 128.20 ? 83   ARG B N   1 
ATOM   1257 C CA  . ARG B 1 86  ? -11.862 23.283  2.406   1.00 125.99 ? 83   ARG B CA  1 
ATOM   1258 C C   . ARG B 1 86  ? -10.652 22.555  1.831   1.00 124.05 ? 83   ARG B C   1 
ATOM   1259 O O   . ARG B 1 86  ? -9.506  22.914  2.110   1.00 123.63 ? 83   ARG B O   1 
ATOM   1260 C CB  . ARG B 1 86  ? -12.294 22.611  3.712   1.00 126.64 ? 83   ARG B CB  1 
ATOM   1261 C CG  . ARG B 1 86  ? -11.302 22.782  4.854   1.00 127.06 ? 83   ARG B CG  1 
ATOM   1262 C CD  . ARG B 1 86  ? -11.761 22.047  6.107   1.00 128.42 ? 83   ARG B CD  1 
ATOM   1263 N NE  . ARG B 1 86  ? -13.152 22.342  6.442   1.00 129.90 ? 83   ARG B NE  1 
ATOM   1264 C CZ  . ARG B 1 86  ? -13.752 21.971  7.571   1.00 129.96 ? 83   ARG B CZ  1 
ATOM   1265 N NH1 . ARG B 1 86  ? -13.084 21.286  8.490   1.00 129.55 ? 83   ARG B NH1 1 
ATOM   1266 N NH2 . ARG B 1 86  ? -15.025 22.281  7.781   1.00 129.91 ? 83   ARG B NH2 1 
ATOM   1267 N N   . GLN B 1 87  ? -10.925 21.527  1.032   1.00 121.18 ? 84   GLN B N   1 
ATOM   1268 C CA  . GLN B 1 87  ? -9.890  20.730  0.382   1.00 117.59 ? 84   GLN B CA  1 
ATOM   1269 C C   . GLN B 1 87  ? -9.043  19.888  1.336   1.00 115.06 ? 84   GLN B C   1 
ATOM   1270 O O   . GLN B 1 87  ? -8.687  20.327  2.433   1.00 114.61 ? 84   GLN B O   1 
ATOM   1271 C CB  . GLN B 1 87  ? -8.978  21.636  -0.447  1.00 117.41 ? 84   GLN B CB  1 
ATOM   1272 C CG  . GLN B 1 87  ? -9.711  22.427  -1.514  1.00 118.20 ? 84   GLN B CG  1 
ATOM   1273 C CD  . GLN B 1 87  ? -8.774  23.252  -2.374  1.00 119.41 ? 84   GLN B CD  1 
ATOM   1274 O OE1 . GLN B 1 87  ? -7.886  22.712  -3.037  1.00 119.60 ? 84   GLN B OE1 1 
ATOM   1275 N NE2 . GLN B 1 87  ? -8.969  24.567  -2.371  1.00 119.82 ? 84   GLN B NE2 1 
ATOM   1276 N N   . SER B 1 88  ? -8.727  18.673  0.899   1.00 111.55 ? 85   SER B N   1 
ATOM   1277 C CA  . SER B 1 88  ? -7.908  17.748  1.677   1.00 107.03 ? 85   SER B CA  1 
ATOM   1278 C C   . SER B 1 88  ? -7.083  16.874  0.725   1.00 103.11 ? 85   SER B C   1 
ATOM   1279 O O   . SER B 1 88  ? -7.222  16.972  -0.498  1.00 103.12 ? 85   SER B O   1 
ATOM   1280 C CB  . SER B 1 88  ? -8.795  16.873  2.570   1.00 106.19 ? 85   SER B CB  1 
ATOM   1281 O OG  . SER B 1 88  ? -9.724  16.135  1.798   1.00 106.95 ? 85   SER B OG  1 
ATOM   1282 N N   . ARG B 1 89  ? -6.222  16.030  1.288   1.00 97.70  ? 86   ARG B N   1 
ATOM   1283 C CA  . ARG B 1 89  ? -5.379  15.151  0.482   1.00 89.99  ? 86   ARG B CA  1 
ATOM   1284 C C   . ARG B 1 89  ? -5.619  13.689  0.834   1.00 82.57  ? 86   ARG B C   1 
ATOM   1285 O O   . ARG B 1 89  ? -5.812  13.338  1.995   1.00 80.49  ? 86   ARG B O   1 
ATOM   1286 C CB  . ARG B 1 89  ? -3.904  15.500  0.692   1.00 93.78  ? 86   ARG B CB  1 
ATOM   1287 C CG  . ARG B 1 89  ? -3.583  16.975  0.461   1.00 98.74  ? 86   ARG B CG  1 
ATOM   1288 C CD  . ARG B 1 89  ? -2.099  17.271  0.649   1.00 102.89 ? 86   ARG B CD  1 
ATOM   1289 N NE  . ARG B 1 89  ? -1.273  16.622  -0.370  1.00 106.37 ? 86   ARG B NE  1 
ATOM   1290 C CZ  . ARG B 1 89  ? 0.053   16.715  -0.435  1.00 107.86 ? 86   ARG B CZ  1 
ATOM   1291 N NH1 . ARG B 1 89  ? 0.720   17.432  0.464   1.00 108.05 ? 86   ARG B NH1 1 
ATOM   1292 N NH2 . ARG B 1 89  ? 0.715   16.090  -1.401  1.00 107.71 ? 86   ARG B NH2 1 
ATOM   1293 N N   . VAL B 1 90  ? -5.608  12.842  -0.187  1.00 75.38  ? 87   VAL B N   1 
ATOM   1294 C CA  . VAL B 1 90  ? -5.833  11.416  -0.012  1.00 67.64  ? 87   VAL B CA  1 
ATOM   1295 C C   . VAL B 1 90  ? -4.631  10.642  -0.531  1.00 61.56  ? 87   VAL B C   1 
ATOM   1296 O O   . VAL B 1 90  ? -3.979  11.060  -1.484  1.00 60.15  ? 87   VAL B O   1 
ATOM   1297 C CB  . VAL B 1 90  ? -7.086  10.961  -0.794  1.00 68.92  ? 87   VAL B CB  1 
ATOM   1298 C CG1 . VAL B 1 90  ? -7.447  9.521   -0.438  1.00 67.64  ? 87   VAL B CG1 1 
ATOM   1299 C CG2 . VAL B 1 90  ? -8.242  11.887  -0.485  1.00 71.70  ? 87   VAL B CG2 1 
ATOM   1300 N N   . SER B 1 91  ? -4.333  9.511   0.098   1.00 55.95  ? 88   SER B N   1 
ATOM   1301 C CA  . SER B 1 91  ? -3.217  8.695   -0.343  1.00 48.63  ? 88   SER B CA  1 
ATOM   1302 C C   . SER B 1 91  ? -3.631  7.853   -1.545  1.00 46.63  ? 88   SER B C   1 
ATOM   1303 O O   . SER B 1 91  ? -4.794  7.492   -1.718  1.00 42.61  ? 88   SER B O   1 
ATOM   1304 C CB  . SER B 1 91  ? -2.718  7.808   0.792   1.00 48.59  ? 88   SER B CB  1 
ATOM   1305 O OG  . SER B 1 91  ? -2.068  8.581   1.788   1.00 46.04  ? 88   SER B OG  1 
ATOM   1306 N N   . THR B 1 92  ? -2.646  7.546   -2.372  1.00 44.55  ? 89   THR B N   1 
ATOM   1307 C CA  . THR B 1 92  ? -2.846  6.805   -3.590  1.00 40.72  ? 89   THR B CA  1 
ATOM   1308 C C   . THR B 1 92  ? -1.856  5.652   -3.698  1.00 42.91  ? 89   THR B C   1 
ATOM   1309 O O   . THR B 1 92  ? -0.720  5.755   -3.227  1.00 45.46  ? 89   THR B O   1 
ATOM   1310 C CB  . THR B 1 92  ? -2.621  7.751   -4.785  1.00 42.36  ? 89   THR B CB  1 
ATOM   1311 O OG1 . THR B 1 92  ? -3.850  7.924   -5.492  1.00 45.04  ? 89   THR B OG1 1 
ATOM   1312 C CG2 . THR B 1 92  ? -1.528  7.210   -5.734  1.00 43.47  ? 89   THR B CG2 1 
ATOM   1313 N N   . ILE B 1 93  ? -2.282  4.553   -4.313  1.00 39.77  ? 90   ILE B N   1 
ATOM   1314 C CA  . ILE B 1 93  ? -1.378  3.439   -4.539  1.00 38.06  ? 90   ILE B CA  1 
ATOM   1315 C C   . ILE B 1 93  ? -1.697  2.871   -5.904  1.00 39.40  ? 90   ILE B C   1 
ATOM   1316 O O   . ILE B 1 93  ? -2.837  2.924   -6.364  1.00 39.87  ? 90   ILE B O   1 
ATOM   1317 C CB  . ILE B 1 93  ? -1.489  2.324   -3.488  1.00 38.02  ? 90   ILE B CB  1 
ATOM   1318 C CG1 . ILE B 1 93  ? -0.260  1.409   -3.613  1.00 33.12  ? 90   ILE B CG1 1 
ATOM   1319 C CG2 . ILE B 1 93  ? -2.777  1.520   -3.693  1.00 34.52  ? 90   ILE B CG2 1 
ATOM   1320 C CD1 . ILE B 1 93  ? -0.092  0.413   -2.484  1.00 30.29  ? 90   ILE B CD1 1 
ATOM   1321 N N   . GLU B 1 94  ? -0.679  2.331   -6.551  1.00 39.39  ? 91   GLU B N   1 
ATOM   1322 C CA  . GLU B 1 94  ? -0.837  1.782   -7.878  1.00 40.85  ? 91   GLU B CA  1 
ATOM   1323 C C   . GLU B 1 94  ? 0.070   0.567   -7.942  1.00 41.18  ? 91   GLU B C   1 
ATOM   1324 O O   . GLU B 1 94  ? 1.264   0.657   -7.656  1.00 42.58  ? 91   GLU B O   1 
ATOM   1325 C CB  . GLU B 1 94  ? -0.393  2.825   -8.893  1.00 44.23  ? 91   GLU B CB  1 
ATOM   1326 C CG  . GLU B 1 94  ? -1.206  2.867   -10.149 1.00 53.25  ? 91   GLU B CG  1 
ATOM   1327 C CD  . GLU B 1 94  ? -0.604  3.801   -11.189 1.00 58.94  ? 91   GLU B CD  1 
ATOM   1328 O OE1 . GLU B 1 94  ? 0.519   3.518   -11.681 1.00 58.89  ? 91   GLU B OE1 1 
ATOM   1329 O OE2 . GLU B 1 94  ? -1.261  4.816   -11.511 1.00 61.56  ? 91   GLU B OE2 1 
ATOM   1330 N N   . ILE B 1 95  ? -0.492  -0.572  -8.308  1.00 39.42  ? 92   ILE B N   1 
ATOM   1331 C CA  . ILE B 1 95  ? 0.293   -1.792  -8.379  1.00 40.01  ? 92   ILE B CA  1 
ATOM   1332 C C   . ILE B 1 95  ? 0.194   -2.450  -9.745  1.00 42.63  ? 92   ILE B C   1 
ATOM   1333 O O   . ILE B 1 95  ? -0.896  -2.796  -10.205 1.00 46.46  ? 92   ILE B O   1 
ATOM   1334 C CB  . ILE B 1 95  ? -0.170  -2.767  -7.314  1.00 39.00  ? 92   ILE B CB  1 
ATOM   1335 C CG1 . ILE B 1 95  ? -0.211  -2.043  -5.963  1.00 35.97  ? 92   ILE B CG1 1 
ATOM   1336 C CG2 . ILE B 1 95  ? 0.757   -3.964  -7.277  1.00 37.42  ? 92   ILE B CG2 1 
ATOM   1337 C CD1 . ILE B 1 95  ? -0.717  -2.884  -4.822  1.00 35.86  ? 92   ILE B CD1 1 
ATOM   1338 N N   . ALA B 1 96  ? 1.337   -2.608  -10.397 1.00 43.61  ? 93   ALA B N   1 
ATOM   1339 C CA  . ALA B 1 96  ? 1.385   -3.217  -11.717 1.00 42.53  ? 93   ALA B CA  1 
ATOM   1340 C C   . ALA B 1 96  ? 1.924   -4.634  -11.630 1.00 42.52  ? 93   ALA B C   1 
ATOM   1341 O O   . ALA B 1 96  ? 3.015   -4.880  -11.110 1.00 39.31  ? 93   ALA B O   1 
ATOM   1342 C CB  . ALA B 1 96  ? 2.249   -2.379  -12.642 1.00 42.02  ? 93   ALA B CB  1 
ATOM   1343 N N   . ILE B 1 97  ? 1.140   -5.570  -12.142 1.00 44.49  ? 94   ILE B N   1 
ATOM   1344 C CA  . ILE B 1 97  ? 1.527   -6.970  -12.116 1.00 47.40  ? 94   ILE B CA  1 
ATOM   1345 C C   . ILE B 1 97  ? 1.409   -7.585  -13.502 1.00 49.67  ? 94   ILE B C   1 
ATOM   1346 O O   . ILE B 1 97  ? 0.610   -7.142  -14.328 1.00 49.14  ? 94   ILE B O   1 
ATOM   1347 C CB  . ILE B 1 97  ? 0.648   -7.753  -11.116 1.00 45.82  ? 94   ILE B CB  1 
ATOM   1348 C CG1 . ILE B 1 97  ? -0.826  -7.638  -11.495 1.00 42.45  ? 94   ILE B CG1 1 
ATOM   1349 C CG2 . ILE B 1 97  ? 0.800   -7.161  -9.732  1.00 47.61  ? 94   ILE B CG2 1 
ATOM   1350 C CD1 . ILE B 1 97  ? -1.733  -8.364  -10.538 1.00 41.28  ? 94   ILE B CD1 1 
ATOM   1351 N N   . ARG B 1 98  ? 2.220   -8.602  -13.758 1.00 55.04  ? 95   ARG B N   1 
ATOM   1352 C CA  . ARG B 1 98  ? 2.211   -9.281  -15.049 1.00 59.72  ? 95   ARG B CA  1 
ATOM   1353 C C   . ARG B 1 98  ? 2.672   -10.718 -14.872 1.00 62.41  ? 95   ARG B C   1 
ATOM   1354 O O   . ARG B 1 98  ? 3.201   -11.086 -13.819 1.00 61.73  ? 95   ARG B O   1 
ATOM   1355 C CB  . ARG B 1 98  ? 3.145   -8.571  -16.017 1.00 60.92  ? 95   ARG B CB  1 
ATOM   1356 C CG  . ARG B 1 98  ? 4.562   -8.567  -15.526 1.00 64.43  ? 95   ARG B CG  1 
ATOM   1357 C CD  . ARG B 1 98  ? 5.454   -7.688  -16.366 1.00 69.45  ? 95   ARG B CD  1 
ATOM   1358 N NE  . ARG B 1 98  ? 6.731   -7.489  -15.693 1.00 73.17  ? 95   ARG B NE  1 
ATOM   1359 C CZ  . ARG B 1 98  ? 7.665   -6.643  -16.102 1.00 74.82  ? 95   ARG B CZ  1 
ATOM   1360 N NH1 . ARG B 1 98  ? 7.465   -5.914  -17.194 1.00 75.32  ? 95   ARG B NH1 1 
ATOM   1361 N NH2 . ARG B 1 98  ? 8.786   -6.512  -15.406 1.00 76.13  ? 95   ARG B NH2 1 
ATOM   1362 N N   . LYS B 1 99  ? 2.468   -11.526 -15.906 1.00 65.25  ? 96   LYS B N   1 
ATOM   1363 C CA  . LYS B 1 99  ? 2.866   -12.924 -15.862 1.00 66.58  ? 96   LYS B CA  1 
ATOM   1364 C C   . LYS B 1 99  ? 4.370   -13.027 -16.087 1.00 69.37  ? 96   LYS B C   1 
ATOM   1365 O O   . LYS B 1 99  ? 4.903   -12.430 -17.025 1.00 69.45  ? 96   LYS B O   1 
ATOM   1366 C CB  . LYS B 1 99  ? 2.132   -13.708 -16.943 1.00 67.16  ? 96   LYS B CB  1 
ATOM   1367 C CG  . LYS B 1 99  ? 0.631   -13.494 -16.959 1.00 69.45  ? 96   LYS B CG  1 
ATOM   1368 C CD  . LYS B 1 99  ? -0.025  -14.371 -18.017 1.00 70.70  ? 96   LYS B CD  1 
ATOM   1369 C CE  . LYS B 1 99  ? -1.514  -14.094 -18.144 1.00 70.03  ? 96   LYS B CE  1 
ATOM   1370 N NZ  . LYS B 1 99  ? -2.124  -14.956 -19.192 1.00 70.76  ? 96   LYS B NZ  1 
ATOM   1371 N N   . LYS B 1 100 ? 5.055   -13.762 -15.213 1.00 71.75  ? 97   LYS B N   1 
ATOM   1372 C CA  . LYS B 1 100 ? 6.498   -13.943 -15.339 1.00 75.02  ? 97   LYS B CA  1 
ATOM   1373 C C   . LYS B 1 100 ? 6.739   -15.144 -16.247 1.00 76.82  ? 97   LYS B C   1 
ATOM   1374 O O   . LYS B 1 100 ? 5.735   -15.732 -16.709 1.00 77.91  ? 97   LYS B O   1 
ATOM   1375 C CB  . LYS B 1 100 ? 7.152   -14.205 -13.975 1.00 75.29  ? 97   LYS B CB  1 
ATOM   1376 C CG  . LYS B 1 100 ? 8.684   -14.104 -14.008 1.00 76.92  ? 97   LYS B CG  1 
ATOM   1377 C CD  . LYS B 1 100 ? 9.367   -15.041 -13.015 1.00 76.91  ? 97   LYS B CD  1 
ATOM   1378 C CE  . LYS B 1 100 ? 9.038   -14.693 -11.573 1.00 76.16  ? 97   LYS B CE  1 
ATOM   1379 N NZ  . LYS B 1 100 ? 9.768   -15.576 -10.617 1.00 74.97  ? 97   LYS B NZ  1 
ATOM   1380 O OXT . LYS B 1 100 ? 7.917   -15.483 -16.482 1.00 78.65  ? 97   LYS B OXT 1 
HETATM 1381 O O   . HOH C 2 .   ? 12.375  3.154   16.779  1.00 72.33  ? 2001 HOH A O   1 
HETATM 1382 O O   . HOH C 2 .   ? 19.690  1.773   16.538  1.00 58.70  ? 2002 HOH A O   1 
HETATM 1383 O O   . HOH C 2 .   ? 15.432  -1.895  8.669   1.00 62.77  ? 2003 HOH A O   1 
HETATM 1384 O O   . HOH C 2 .   ? 8.256   1.153   15.736  1.00 53.68  ? 2004 HOH A O   1 
HETATM 1385 O O   . HOH C 2 .   ? 2.817   -0.021  16.548  1.00 49.43  ? 2005 HOH A O   1 
HETATM 1386 O O   . HOH C 2 .   ? 4.908   2.653   15.983  1.00 59.84  ? 2006 HOH A O   1 
HETATM 1387 O O   . HOH C 2 .   ? 4.692   5.311   17.896  1.00 62.57  ? 2007 HOH A O   1 
HETATM 1388 O O   . HOH C 2 .   ? 0.254   -2.766  11.056  1.00 40.42  ? 2008 HOH A O   1 
HETATM 1389 O O   . HOH C 2 .   ? -2.874  -1.777  13.838  1.00 55.99  ? 2009 HOH A O   1 
HETATM 1390 O O   . HOH C 2 .   ? -5.713  1.363   11.445  1.00 48.13  ? 2010 HOH A O   1 
HETATM 1391 O O   . HOH C 2 .   ? 3.293   7.009   21.504  1.00 91.28  ? 2011 HOH A O   1 
HETATM 1392 O O   . HOH C 2 .   ? -5.171  8.435   12.110  1.00 52.36  ? 2012 HOH A O   1 
HETATM 1393 O O   . HOH C 2 .   ? 5.159   9.269   18.386  1.00 60.63  ? 2013 HOH A O   1 
HETATM 1394 O O   . HOH C 2 .   ? 1.410   1.993   17.573  1.00 49.99  ? 2014 HOH A O   1 
HETATM 1395 O O   . HOH C 2 .   ? 11.353  7.963   16.014  1.00 65.22  ? 2015 HOH A O   1 
HETATM 1396 O O   . HOH C 2 .   ? -1.285  -6.652  14.396  1.00 64.00  ? 2016 HOH A O   1 
HETATM 1397 O O   . HOH C 2 .   ? 14.052  19.027  9.639   1.00 81.82  ? 2017 HOH A O   1 
HETATM 1398 O O   . HOH C 2 .   ? 21.772  9.021   13.673  1.00 58.64  ? 2018 HOH A O   1 
HETATM 1399 O O   . HOH C 2 .   ? 10.805  -5.046  12.087  1.00 50.15  ? 2019 HOH A O   1 
HETATM 1400 O O   . HOH C 2 .   ? -8.965  -17.873 10.289  1.00 37.86  ? 2020 HOH A O   1 
HETATM 1401 O O   . HOH C 2 .   ? -4.430  -3.826  10.961  1.00 57.07  ? 2021 HOH A O   1 
HETATM 1402 O O   . HOH C 2 .   ? -2.044  -10.143 11.869  1.00 49.78  ? 2022 HOH A O   1 
HETATM 1403 O O   . HOH C 2 .   ? -2.077  -4.254  12.378  1.00 44.13  ? 2023 HOH A O   1 
HETATM 1404 O O   . HOH C 2 .   ? 2.011   -12.917 12.255  1.00 65.48  ? 2024 HOH A O   1 
HETATM 1405 O O   . HOH C 2 .   ? -8.916  -23.207 7.438   1.00 64.91  ? 2025 HOH A O   1 
HETATM 1406 O O   . HOH C 2 .   ? 8.124   -8.018  2.469   1.00 51.84  ? 2026 HOH A O   1 
HETATM 1407 O O   . HOH C 2 .   ? -6.646  -5.112  9.540   1.00 70.92  ? 2027 HOH A O   1 
HETATM 1408 O O   . HOH C 2 .   ? -7.728  0.840   4.952   1.00 61.25  ? 2028 HOH A O   1 
HETATM 1409 O O   . HOH C 2 .   ? 8.523   14.769  -0.447  1.00 70.70  ? 2029 HOH A O   1 
HETATM 1410 O O   . HOH C 2 .   ? 3.734   13.059  -3.403  1.00 56.24  ? 2030 HOH A O   1 
HETATM 1411 O O   . HOH C 2 .   ? -1.702  16.363  7.726   1.00 59.86  ? 2031 HOH A O   1 
HETATM 1412 O O   . HOH C 2 .   ? 12.674  18.537  -6.808  1.00 52.79  ? 2032 HOH A O   1 
HETATM 1413 O O   . HOH C 2 .   ? 14.011  24.823  4.722   1.00 46.48  ? 2033 HOH A O   1 
HETATM 1414 O O   . HOH C 2 .   ? 10.736  15.285  -0.451  1.00 65.90  ? 2034 HOH A O   1 
HETATM 1415 O O   . HOH C 2 .   ? 18.516  8.719   -5.178  1.00 48.52  ? 2035 HOH A O   1 
HETATM 1416 O O   . HOH C 2 .   ? 14.735  7.755   -5.906  1.00 60.37  ? 2036 HOH A O   1 
HETATM 1417 O O   . HOH C 2 .   ? 10.448  8.806   -4.667  1.00 40.18  ? 2037 HOH A O   1 
HETATM 1418 O O   . HOH C 2 .   ? 15.321  -1.236  0.846   1.00 63.17  ? 2038 HOH A O   1 
HETATM 1419 O O   . HOH C 2 .   ? 9.664   -0.501  -5.586  1.00 41.15  ? 2039 HOH A O   1 
HETATM 1420 O O   . HOH C 2 .   ? 6.520   -6.117  -3.414  1.00 36.76  ? 2040 HOH A O   1 
HETATM 1421 O O   . HOH C 2 .   ? 4.941   -12.704 1.199   1.00 48.79  ? 2041 HOH A O   1 
HETATM 1422 O O   . HOH C 2 .   ? 3.126   -16.437 3.078   1.00 63.31  ? 2042 HOH A O   1 
HETATM 1423 O O   . HOH C 2 .   ? 4.115   -15.989 6.766   1.00 49.48  ? 2043 HOH A O   1 
HETATM 1424 O O   . HOH C 2 .   ? 1.283   -18.996 12.543  1.00 66.53  ? 2044 HOH A O   1 
HETATM 1425 O O   . HOH C 2 .   ? -2.584  -18.432 17.309  1.00 40.52  ? 2045 HOH A O   1 
HETATM 1426 O O   . HOH C 2 .   ? -0.276  -16.299 14.086  1.00 49.56  ? 2046 HOH A O   1 
HETATM 1427 O O   . HOH C 2 .   ? -3.950  -20.685 17.828  1.00 67.07  ? 2047 HOH A O   1 
HETATM 1428 O O   . HOH C 2 .   ? -10.735 -18.516 12.533  1.00 48.85  ? 2048 HOH A O   1 
HETATM 1429 O O   . HOH C 2 .   ? -11.060 -17.206 15.958  1.00 53.48  ? 2049 HOH A O   1 
HETATM 1430 O O   . HOH C 2 .   ? -6.357  -23.960 8.588   1.00 42.65  ? 2050 HOH A O   1 
HETATM 1431 O O   . HOH C 2 .   ? -6.856  -13.636 8.908   1.00 63.12  ? 2051 HOH A O   1 
HETATM 1432 O O   . HOH C 2 .   ? -6.629  -17.418 10.753  1.00 41.00  ? 2052 HOH A O   1 
HETATM 1433 O O   . HOH C 2 .   ? 3.709   -15.467 0.350   1.00 59.40  ? 2053 HOH A O   1 
HETATM 1434 O O   . HOH C 2 .   ? 5.801   -6.546  2.957   1.00 35.07  ? 2054 HOH A O   1 
HETATM 1435 O O   . HOH C 2 .   ? 5.457   -10.364 4.519   1.00 45.07  ? 2055 HOH A O   1 
HETATM 1436 O O   . HOH D 2 .   ? -2.798  1.603   -17.518 1.00 53.94  ? 2001 HOH B O   1 
HETATM 1437 O O   . HOH D 2 .   ? -13.093 -2.289  -10.797 1.00 60.81  ? 2002 HOH B O   1 
HETATM 1438 O O   . HOH D 2 .   ? -12.281 -0.760  -12.776 1.00 46.26  ? 2003 HOH B O   1 
HETATM 1439 O O   . HOH D 2 .   ? -14.198 0.573   -8.507  1.00 54.98  ? 2004 HOH B O   1 
HETATM 1440 O O   . HOH D 2 .   ? -14.057 1.783   -12.848 1.00 59.71  ? 2005 HOH B O   1 
HETATM 1441 O O   . HOH D 2 .   ? -16.742 -4.980  1.448   1.00 61.10  ? 2006 HOH B O   1 
HETATM 1442 O O   . HOH D 2 .   ? -15.704 -9.499  1.984   1.00 66.16  ? 2007 HOH B O   1 
HETATM 1443 O O   . HOH D 2 .   ? -13.855 -7.648  1.509   1.00 44.40  ? 2008 HOH B O   1 
HETATM 1444 O O   . HOH D 2 .   ? -15.602 -9.030  -11.540 1.00 53.58  ? 2009 HOH B O   1 
HETATM 1445 O O   . HOH D 2 .   ? -15.646 -4.179  -10.348 1.00 48.37  ? 2010 HOH B O   1 
HETATM 1446 O O   . HOH D 2 .   ? -16.311 -1.036  -7.539  1.00 67.27  ? 2011 HOH B O   1 
HETATM 1447 O O   . HOH D 2 .   ? -11.903 -7.791  -15.728 1.00 53.28  ? 2012 HOH B O   1 
HETATM 1448 O O   . HOH D 2 .   ? -1.144  -5.281  -21.108 1.00 59.82  ? 2013 HOH B O   1 
HETATM 1449 O O   . HOH D 2 .   ? 1.537   10.056  -14.633 1.00 62.80  ? 2014 HOH B O   1 
HETATM 1450 O O   . HOH D 2 .   ? -6.916  4.994   -13.959 1.00 67.23  ? 2015 HOH B O   1 
HETATM 1451 O O   . HOH D 2 .   ? -6.997  6.515   -8.334  1.00 67.62  ? 2016 HOH B O   1 
HETATM 1452 O O   . HOH D 2 .   ? -4.790  -8.040  4.761   1.00 43.33  ? 2017 HOH B O   1 
HETATM 1453 O O   . HOH D 2 .   ? -7.364  -5.210  4.612   1.00 67.23  ? 2018 HOH B O   1 
HETATM 1454 O O   . HOH D 2 .   ? 3.747   -12.728 -1.634  1.00 53.30  ? 2019 HOH B O   1 
HETATM 1455 O O   . HOH D 2 .   ? 7.156   -9.137  -4.595  1.00 52.93  ? 2020 HOH B O   1 
HETATM 1456 O O   . HOH D 2 .   ? -5.809  -15.740 1.214   1.00 55.04  ? 2021 HOH B O   1 
HETATM 1457 O O   . HOH D 2 .   ? 6.549   -10.122 -7.815  1.00 62.54  ? 2022 HOH B O   1 
HETATM 1458 O O   . HOH D 2 .   ? 8.163   -0.719  -14.455 1.00 55.19  ? 2023 HOH B O   1 
HETATM 1459 O O   . HOH D 2 .   ? 2.411   5.041   -13.821 1.00 63.95  ? 2024 HOH B O   1 
HETATM 1460 O O   . HOH D 2 .   ? 4.787   7.531   -15.747 1.00 60.19  ? 2025 HOH B O   1 
HETATM 1461 O O   . HOH D 2 .   ? 4.152   9.565   -14.173 1.00 41.90  ? 2026 HOH B O   1 
HETATM 1462 O O   . HOH D 2 .   ? 6.212   6.093   -5.405  1.00 52.62  ? 2027 HOH B O   1 
HETATM 1463 O O   . HOH D 2 .   ? -13.808 15.998  -3.979  1.00 90.51  ? 2028 HOH B O   1 
HETATM 1464 O O   . HOH D 2 .   ? -5.764  8.669   1.971   1.00 48.23  ? 2029 HOH B O   1 
HETATM 1465 O O   . HOH D 2 .   ? -3.848  -16.512 -20.285 1.00 58.17  ? 2030 HOH B O   1 
HETATM 1466 O O   . HOH D 2 .   ? 7.750   -14.939 -7.997  1.00 61.94  ? 2031 HOH B O   1 
# 
